data_4TU4
# 
_entry.id   4TU4 
# 
_audit_conform.dict_name       mmcif_pdbx.dic 
_audit_conform.dict_version    5.379 
_audit_conform.dict_location   http://mmcif.pdb.org/dictionaries/ascii/mmcif_pdbx.dic 
# 
loop_
_database_2.database_id 
_database_2.database_code 
_database_2.pdbx_database_accession 
_database_2.pdbx_DOI 
PDB   4TU4         pdb_00004tu4 10.2210/pdb4tu4/pdb 
WWPDB D_1000202286 ?            ?                   
# 
loop_
_pdbx_database_related.content_type 
_pdbx_database_related.db_id 
_pdbx_database_related.db_name 
_pdbx_database_related.details 
unspecified 4TT2 PDB . 
unspecified 4TT4 PDB . 
unspecified 4TT6 PDB . 
unspecified 4TTE PDB . 
unspecified 4TU6 PDB . 
# 
_pdbx_database_status.status_code                     REL 
_pdbx_database_status.status_code_sf                  REL 
_pdbx_database_status.status_code_mr                  ? 
_pdbx_database_status.entry_id                        4TU4 
_pdbx_database_status.recvd_initial_deposition_date   2014-06-23 
_pdbx_database_status.SG_entry                        N 
_pdbx_database_status.deposit_site                    RCSB 
_pdbx_database_status.process_site                    RCSB 
_pdbx_database_status.status_code_cs                  ? 
_pdbx_database_status.methods_development_category    ? 
_pdbx_database_status.pdb_format_compatible           Y 
_pdbx_database_status.status_code_nmr_data            ? 
# 
loop_
_audit_author.name 
_audit_author.pdbx_ordinal 
'Poncet-Montange, G.' 1  
'Zhan, Y.'            2  
'Bardenhagen, J.'     3  
'Petrocchi, A.'       4  
'Leo, E.'             5  
'Shi, X.'             6  
'Lee, G.'             7  
'Leonard, P.'         8  
'Geck Do, M.'         9  
'Cardozo, M.'         10 
'Palmer, W.'          11 
'Andersen, J.'        12 
'Jones, P.'           13 
'Ladbury, J.'         14 
# 
_citation.abstract                  ? 
_citation.abstract_id_CAS           ? 
_citation.book_id_ISBN              ? 
_citation.book_publisher            ? 
_citation.book_publisher_city       ? 
_citation.book_title                ? 
_citation.coordinate_linkage        ? 
_citation.country                   UK 
_citation.database_id_Medline       ? 
_citation.details                   ? 
_citation.id                        primary 
_citation.journal_abbrev            Biochem.J. 
_citation.journal_id_ASTM           BIJOAK 
_citation.journal_id_CSD            0043 
_citation.journal_id_ISSN           1470-8728 
_citation.journal_full              ? 
_citation.journal_issue             ? 
_citation.journal_volume            466 
_citation.language                  ? 
_citation.page_first                337 
_citation.page_last                 346 
_citation.title                     
'Observed bromodomain flexibility reveals histone peptide- and small molecule ligand-compatible forms of ATAD2.' 
_citation.year                      2015 
_citation.database_id_CSD           ? 
_citation.pdbx_database_id_DOI      10.1042/BJ20140933 
_citation.pdbx_database_id_PubMed   25486442 
_citation.unpublished_flag          ? 
# 
loop_
_citation_author.citation_id 
_citation_author.name 
_citation_author.ordinal 
_citation_author.identifier_ORCID 
primary 'Poncet-Montange, G.' 1  ? 
primary 'Zhan, Y.'            2  ? 
primary 'Bardenhagen, J.P.'   3  ? 
primary 'Petrocchi, A.'       4  ? 
primary 'Leo, E.'             5  ? 
primary 'Shi, X.'             6  ? 
primary 'Lee, G.R.'           7  ? 
primary 'Leonard, P.G.'       8  ? 
primary 'Geck Do, M.K.'       9  ? 
primary 'Cardozo, M.G.'       10 ? 
primary 'Andersen, J.N.'      11 ? 
primary 'Palmer, W.S.'        12 ? 
primary 'Jones, P.'           13 ? 
primary 'Ladbury, J.E.'       14 ? 
# 
_cell.entry_id           4TU4 
_cell.length_a           79.288 
_cell.length_b           79.288 
_cell.length_c           137.945 
_cell.angle_alpha        90.00 
_cell.angle_beta         90.00 
_cell.angle_gamma        120.00 
_cell.Z_PDB              12 
_cell.pdbx_unique_axis   ? 
# 
_symmetry.entry_id                         4TU4 
_symmetry.space_group_name_H-M             'P 65 2 2' 
_symmetry.pdbx_full_space_group_name_H-M   ? 
_symmetry.cell_setting                     ? 
_symmetry.Int_Tables_number                179 
# 
loop_
_entity.id 
_entity.type 
_entity.src_method 
_entity.pdbx_description 
_entity.formula_weight 
_entity.pdbx_number_of_molecules 
_entity.pdbx_ec 
_entity.pdbx_mutation 
_entity.pdbx_fragment 
_entity.details 
1 polymer     man 'ATPase family AAA domain-containing protein 2'                          15453.514 1   3.6.1.3 ? 
'bromodomain (UNP residues 981-1108)' ? 
2 non-polymer syn 'SULFATE ION'                                                            96.063    1   ?       ? ? ? 
3 non-polymer syn GLYCEROL                                                                 92.094    2   ?       ? ? ? 
4 non-polymer syn '3-(3,5-dimethyl-1,2-oxazol-4-yl)-5-[(phenylsulfonyl)amino]benzoic acid' 372.395   1   ?       ? ? ? 
5 non-polymer syn 'CHLORIDE ION'                                                           35.453    1   ?       ? ? ? 
6 non-polymer syn 'DIMETHYL SULFOXIDE'                                                     78.133    1   ?       ? ? ? 
7 water       nat water                                                                    18.015    146 ?       ? ? ? 
# 
_entity_name_com.entity_id   1 
_entity_name_com.name        'AAA nuclear coregulator cancer-associated protein,ANCCA' 
# 
_entity_poly.entity_id                      1 
_entity_poly.type                           'polypeptide(L)' 
_entity_poly.nstd_linkage                   no 
_entity_poly.nstd_monomer                   no 
_entity_poly.pdbx_seq_one_letter_code       
;SMQEEDTFRELRIFLRNVTHRLAIDKRFRVFTKPVDPDEVPDYVTVIKQPMDLSSVISKIDLHKYLTVKDYLRDIDLICS
NALEYNPDRDPGDRLIRHRACALRDTAYAIIKEELDEDFEQLCEEIQESR
;
_entity_poly.pdbx_seq_one_letter_code_can   
;SMQEEDTFRELRIFLRNVTHRLAIDKRFRVFTKPVDPDEVPDYVTVIKQPMDLSSVISKIDLHKYLTVKDYLRDIDLICS
NALEYNPDRDPGDRLIRHRACALRDTAYAIIKEELDEDFEQLCEEIQESR
;
_entity_poly.pdbx_strand_id                 A 
_entity_poly.pdbx_target_identifier         ? 
# 
loop_
_entity_poly_seq.entity_id 
_entity_poly_seq.num 
_entity_poly_seq.mon_id 
_entity_poly_seq.hetero 
1 1   SER n 
1 2   MET n 
1 3   GLN n 
1 4   GLU n 
1 5   GLU n 
1 6   ASP n 
1 7   THR n 
1 8   PHE n 
1 9   ARG n 
1 10  GLU n 
1 11  LEU n 
1 12  ARG n 
1 13  ILE n 
1 14  PHE n 
1 15  LEU n 
1 16  ARG n 
1 17  ASN n 
1 18  VAL n 
1 19  THR n 
1 20  HIS n 
1 21  ARG n 
1 22  LEU n 
1 23  ALA n 
1 24  ILE n 
1 25  ASP n 
1 26  LYS n 
1 27  ARG n 
1 28  PHE n 
1 29  ARG n 
1 30  VAL n 
1 31  PHE n 
1 32  THR n 
1 33  LYS n 
1 34  PRO n 
1 35  VAL n 
1 36  ASP n 
1 37  PRO n 
1 38  ASP n 
1 39  GLU n 
1 40  VAL n 
1 41  PRO n 
1 42  ASP n 
1 43  TYR n 
1 44  VAL n 
1 45  THR n 
1 46  VAL n 
1 47  ILE n 
1 48  LYS n 
1 49  GLN n 
1 50  PRO n 
1 51  MET n 
1 52  ASP n 
1 53  LEU n 
1 54  SER n 
1 55  SER n 
1 56  VAL n 
1 57  ILE n 
1 58  SER n 
1 59  LYS n 
1 60  ILE n 
1 61  ASP n 
1 62  LEU n 
1 63  HIS n 
1 64  LYS n 
1 65  TYR n 
1 66  LEU n 
1 67  THR n 
1 68  VAL n 
1 69  LYS n 
1 70  ASP n 
1 71  TYR n 
1 72  LEU n 
1 73  ARG n 
1 74  ASP n 
1 75  ILE n 
1 76  ASP n 
1 77  LEU n 
1 78  ILE n 
1 79  CYS n 
1 80  SER n 
1 81  ASN n 
1 82  ALA n 
1 83  LEU n 
1 84  GLU n 
1 85  TYR n 
1 86  ASN n 
1 87  PRO n 
1 88  ASP n 
1 89  ARG n 
1 90  ASP n 
1 91  PRO n 
1 92  GLY n 
1 93  ASP n 
1 94  ARG n 
1 95  LEU n 
1 96  ILE n 
1 97  ARG n 
1 98  HIS n 
1 99  ARG n 
1 100 ALA n 
1 101 CYS n 
1 102 ALA n 
1 103 LEU n 
1 104 ARG n 
1 105 ASP n 
1 106 THR n 
1 107 ALA n 
1 108 TYR n 
1 109 ALA n 
1 110 ILE n 
1 111 ILE n 
1 112 LYS n 
1 113 GLU n 
1 114 GLU n 
1 115 LEU n 
1 116 ASP n 
1 117 GLU n 
1 118 ASP n 
1 119 PHE n 
1 120 GLU n 
1 121 GLN n 
1 122 LEU n 
1 123 CYS n 
1 124 GLU n 
1 125 GLU n 
1 126 ILE n 
1 127 GLN n 
1 128 GLU n 
1 129 SER n 
1 130 ARG n 
# 
_entity_src_gen.entity_id                          1 
_entity_src_gen.pdbx_src_id                        1 
_entity_src_gen.pdbx_alt_source_flag               sample 
_entity_src_gen.pdbx_seq_type                      'Biological sequence' 
_entity_src_gen.pdbx_beg_seq_num                   1 
_entity_src_gen.pdbx_end_seq_num                   130 
_entity_src_gen.gene_src_common_name               Human 
_entity_src_gen.gene_src_genus                     ? 
_entity_src_gen.pdbx_gene_src_gene                 'ATAD2, L16, PRO2000' 
_entity_src_gen.gene_src_species                   ? 
_entity_src_gen.gene_src_strain                    ? 
_entity_src_gen.gene_src_tissue                    ? 
_entity_src_gen.gene_src_tissue_fraction           ? 
_entity_src_gen.gene_src_details                   ? 
_entity_src_gen.pdbx_gene_src_fragment             ? 
_entity_src_gen.pdbx_gene_src_scientific_name      'Homo sapiens' 
_entity_src_gen.pdbx_gene_src_ncbi_taxonomy_id     9606 
_entity_src_gen.pdbx_gene_src_variant              ? 
_entity_src_gen.pdbx_gene_src_cell_line            ? 
_entity_src_gen.pdbx_gene_src_atcc                 ? 
_entity_src_gen.pdbx_gene_src_organ                ? 
_entity_src_gen.pdbx_gene_src_organelle            ? 
_entity_src_gen.pdbx_gene_src_cell                 ? 
_entity_src_gen.pdbx_gene_src_cellular_location    ? 
_entity_src_gen.host_org_common_name               ? 
_entity_src_gen.pdbx_host_org_scientific_name      'Escherichia coli' 
_entity_src_gen.pdbx_host_org_ncbi_taxonomy_id     469008 
_entity_src_gen.host_org_genus                     ? 
_entity_src_gen.pdbx_host_org_gene                 ? 
_entity_src_gen.pdbx_host_org_organ                ? 
_entity_src_gen.host_org_species                   ? 
_entity_src_gen.pdbx_host_org_tissue               ? 
_entity_src_gen.pdbx_host_org_tissue_fraction      ? 
_entity_src_gen.pdbx_host_org_strain               'BL21(DE3)' 
_entity_src_gen.pdbx_host_org_variant              ? 
_entity_src_gen.pdbx_host_org_cell_line            ? 
_entity_src_gen.pdbx_host_org_atcc                 ? 
_entity_src_gen.pdbx_host_org_culture_collection   ? 
_entity_src_gen.pdbx_host_org_cell                 ? 
_entity_src_gen.pdbx_host_org_organelle            ? 
_entity_src_gen.pdbx_host_org_cellular_location    ? 
_entity_src_gen.pdbx_host_org_vector_type          plasmid 
_entity_src_gen.pdbx_host_org_vector               ? 
_entity_src_gen.host_org_details                   ? 
_entity_src_gen.expression_system_id               ? 
_entity_src_gen.plasmid_name                       pNIC28-Bsa4 
_entity_src_gen.plasmid_details                    ? 
_entity_src_gen.pdbx_description                   ? 
# 
_struct_ref.id                         1 
_struct_ref.db_name                    UNP 
_struct_ref.db_code                    ATAD2_HUMAN 
_struct_ref.pdbx_db_accession          Q6PL18 
_struct_ref.entity_id                  1 
_struct_ref.pdbx_seq_one_letter_code   
;QEEDTFRELRIFLRNVTHRLAIDKRFRVFTKPVDPDEVPDYVTVIKQPMDLSSVISKIDLHKYLTVKDYLRDIDLICSNA
LEYNPDRDPGDRLIRHRACALRDTAYAIIKEELDEDFEQLCEEIQESR
;
_struct_ref.pdbx_align_begin           981 
_struct_ref.pdbx_db_isoform            ? 
# 
_struct_ref_seq.align_id                      1 
_struct_ref_seq.ref_id                        1 
_struct_ref_seq.pdbx_PDB_id_code              4TU4 
_struct_ref_seq.pdbx_strand_id                A 
_struct_ref_seq.seq_align_beg                 3 
_struct_ref_seq.pdbx_seq_align_beg_ins_code   ? 
_struct_ref_seq.seq_align_end                 130 
_struct_ref_seq.pdbx_seq_align_end_ins_code   ? 
_struct_ref_seq.pdbx_db_accession             Q6PL18 
_struct_ref_seq.db_align_beg                  981 
_struct_ref_seq.pdbx_db_align_beg_ins_code    ? 
_struct_ref_seq.db_align_end                  1108 
_struct_ref_seq.pdbx_db_align_end_ins_code    ? 
_struct_ref_seq.pdbx_auth_seq_align_beg       981 
_struct_ref_seq.pdbx_auth_seq_align_end       1108 
# 
loop_
_struct_ref_seq_dif.align_id 
_struct_ref_seq_dif.pdbx_pdb_id_code 
_struct_ref_seq_dif.mon_id 
_struct_ref_seq_dif.pdbx_pdb_strand_id 
_struct_ref_seq_dif.seq_num 
_struct_ref_seq_dif.pdbx_pdb_ins_code 
_struct_ref_seq_dif.pdbx_seq_db_name 
_struct_ref_seq_dif.pdbx_seq_db_accession_code 
_struct_ref_seq_dif.db_mon_id 
_struct_ref_seq_dif.pdbx_seq_db_seq_num 
_struct_ref_seq_dif.details 
_struct_ref_seq_dif.pdbx_auth_seq_num 
_struct_ref_seq_dif.pdbx_ordinal 
1 4TU4 SER A 1 ? UNP Q6PL18 ? ? 'expression tag' 979 1 
1 4TU4 MET A 2 ? UNP Q6PL18 ? ? 'expression tag' 980 2 
# 
loop_
_chem_comp.id 
_chem_comp.type 
_chem_comp.mon_nstd_flag 
_chem_comp.name 
_chem_comp.pdbx_synonyms 
_chem_comp.formula 
_chem_comp.formula_weight 
37N non-polymer         . '3-(3,5-dimethyl-1,2-oxazol-4-yl)-5-[(phenylsulfonyl)amino]benzoic acid' ?                               
'C18 H16 N2 O5 S' 372.395 
ALA 'L-peptide linking' y ALANINE                                                                  ?                               
'C3 H7 N O2'      89.093  
ARG 'L-peptide linking' y ARGININE                                                                 ?                               
'C6 H15 N4 O2 1'  175.209 
ASN 'L-peptide linking' y ASPARAGINE                                                               ?                               
'C4 H8 N2 O3'     132.118 
ASP 'L-peptide linking' y 'ASPARTIC ACID'                                                          ?                               
'C4 H7 N O4'      133.103 
CL  non-polymer         . 'CHLORIDE ION'                                                           ?                               
'Cl -1'           35.453  
CYS 'L-peptide linking' y CYSTEINE                                                                 ?                               
'C3 H7 N O2 S'    121.158 
DMS non-polymer         . 'DIMETHYL SULFOXIDE'                                                     ?                               
'C2 H6 O S'       78.133  
GLN 'L-peptide linking' y GLUTAMINE                                                                ?                               
'C5 H10 N2 O3'    146.144 
GLU 'L-peptide linking' y 'GLUTAMIC ACID'                                                          ?                               
'C5 H9 N O4'      147.129 
GLY 'peptide linking'   y GLYCINE                                                                  ?                               
'C2 H5 N O2'      75.067  
GOL non-polymer         . GLYCEROL                                                                 'GLYCERIN; PROPANE-1,2,3-TRIOL' 
'C3 H8 O3'        92.094  
HIS 'L-peptide linking' y HISTIDINE                                                                ?                               
'C6 H10 N3 O2 1'  156.162 
HOH non-polymer         . WATER                                                                    ?                               
'H2 O'            18.015  
ILE 'L-peptide linking' y ISOLEUCINE                                                               ?                               
'C6 H13 N O2'     131.173 
LEU 'L-peptide linking' y LEUCINE                                                                  ?                               
'C6 H13 N O2'     131.173 
LYS 'L-peptide linking' y LYSINE                                                                   ?                               
'C6 H15 N2 O2 1'  147.195 
MET 'L-peptide linking' y METHIONINE                                                               ?                               
'C5 H11 N O2 S'   149.211 
PHE 'L-peptide linking' y PHENYLALANINE                                                            ?                               
'C9 H11 N O2'     165.189 
PRO 'L-peptide linking' y PROLINE                                                                  ?                               
'C5 H9 N O2'      115.130 
SER 'L-peptide linking' y SERINE                                                                   ?                               
'C3 H7 N O3'      105.093 
SO4 non-polymer         . 'SULFATE ION'                                                            ?                               
'O4 S -2'         96.063  
THR 'L-peptide linking' y THREONINE                                                                ?                               
'C4 H9 N O3'      119.119 
TYR 'L-peptide linking' y TYROSINE                                                                 ?                               
'C9 H11 N O3'     181.189 
VAL 'L-peptide linking' y VALINE                                                                   ?                               
'C5 H11 N O2'     117.146 
# 
_exptl.absorpt_coefficient_mu     ? 
_exptl.absorpt_correction_T_max   ? 
_exptl.absorpt_correction_T_min   ? 
_exptl.absorpt_correction_type    ? 
_exptl.absorpt_process_details    ? 
_exptl.entry_id                   4TU4 
_exptl.crystals_number            1 
_exptl.details                    ? 
_exptl.method                     'X-RAY DIFFRACTION' 
_exptl.method_details             ? 
# 
_exptl_crystal.colour                      ? 
_exptl_crystal.density_diffrn              ? 
_exptl_crystal.density_Matthews            4.05 
_exptl_crystal.density_method              ? 
_exptl_crystal.density_percent_sol         69.63 
_exptl_crystal.description                 ? 
_exptl_crystal.F_000                       ? 
_exptl_crystal.id                          1 
_exptl_crystal.preparation                 ? 
_exptl_crystal.size_max                    ? 
_exptl_crystal.size_mid                    ? 
_exptl_crystal.size_min                    ? 
_exptl_crystal.size_rad                    ? 
_exptl_crystal.colour_lustre               ? 
_exptl_crystal.colour_modifier             ? 
_exptl_crystal.colour_primary              ? 
_exptl_crystal.density_meas                ? 
_exptl_crystal.density_meas_esd            ? 
_exptl_crystal.density_meas_gt             ? 
_exptl_crystal.density_meas_lt             ? 
_exptl_crystal.density_meas_temp           ? 
_exptl_crystal.density_meas_temp_esd       ? 
_exptl_crystal.density_meas_temp_gt        ? 
_exptl_crystal.density_meas_temp_lt        ? 
_exptl_crystal.pdbx_crystal_image_url      ? 
_exptl_crystal.pdbx_crystal_image_format   ? 
_exptl_crystal.pdbx_mosaicity              ? 
_exptl_crystal.pdbx_mosaicity_esd          ? 
# 
_exptl_crystal_grow.apparatus       ? 
_exptl_crystal_grow.atmosphere      ? 
_exptl_crystal_grow.crystal_id      1 
_exptl_crystal_grow.details         ? 
_exptl_crystal_grow.method          'VAPOR DIFFUSION, HANGING DROP' 
_exptl_crystal_grow.method_ref      ? 
_exptl_crystal_grow.pH              5.5 
_exptl_crystal_grow.pressure        ? 
_exptl_crystal_grow.pressure_esd    ? 
_exptl_crystal_grow.seeding         ? 
_exptl_crystal_grow.seeding_ref     ? 
_exptl_crystal_grow.temp            298 
_exptl_crystal_grow.temp_details    ? 
_exptl_crystal_grow.temp_esd        ? 
_exptl_crystal_grow.time            ? 
_exptl_crystal_grow.pdbx_details    '2.1-2.4M Ammonium Sulfate, 0.1M Bis-Tris pH 5.5, 10% Glycerol.' 
_exptl_crystal_grow.pdbx_pH_range   5.2-5.7 
# 
_diffrn.ambient_environment    ? 
_diffrn.ambient_temp           193 
_diffrn.ambient_temp_details   ? 
_diffrn.ambient_temp_esd       ? 
_diffrn.crystal_id             1 
_diffrn.crystal_support        ? 
_diffrn.crystal_treatment      ? 
_diffrn.details                ? 
_diffrn.id                     1 
_diffrn.ambient_pressure       ? 
_diffrn.ambient_pressure_esd   ? 
_diffrn.ambient_pressure_gt    ? 
_diffrn.ambient_pressure_lt    ? 
_diffrn.ambient_temp_gt        ? 
_diffrn.ambient_temp_lt        ? 
# 
_diffrn_detector.details                      ? 
_diffrn_detector.detector                     CCD 
_diffrn_detector.diffrn_id                    1 
_diffrn_detector.type                         'ADSC QUANTUM 315r' 
_diffrn_detector.area_resol_mean              ? 
_diffrn_detector.dtime                        ? 
_diffrn_detector.pdbx_frames_total            ? 
_diffrn_detector.pdbx_collection_time_total   ? 
_diffrn_detector.pdbx_collection_date         2014-02-26 
# 
_diffrn_radiation.collimation                      ? 
_diffrn_radiation.diffrn_id                        1 
_diffrn_radiation.filter_edge                      ? 
_diffrn_radiation.inhomogeneity                    ? 
_diffrn_radiation.monochromator                    ? 
_diffrn_radiation.polarisn_norm                    ? 
_diffrn_radiation.polarisn_ratio                   ? 
_diffrn_radiation.probe                            ? 
_diffrn_radiation.type                             ? 
_diffrn_radiation.xray_symbol                      ? 
_diffrn_radiation.wavelength_id                    1 
_diffrn_radiation.pdbx_monochromatic_or_laue_m_l   M 
_diffrn_radiation.pdbx_wavelength_list             ? 
_diffrn_radiation.pdbx_wavelength                  ? 
_diffrn_radiation.pdbx_diffrn_protocol             'SINGLE WAVELENGTH' 
_diffrn_radiation.pdbx_analyzer                    ? 
_diffrn_radiation.pdbx_scattering_type             x-ray 
# 
_diffrn_radiation_wavelength.id           1 
_diffrn_radiation_wavelength.wavelength   1.11587 
_diffrn_radiation_wavelength.wt           1.0 
# 
_diffrn_source.current                     ? 
_diffrn_source.details                     ? 
_diffrn_source.diffrn_id                   1 
_diffrn_source.power                       ? 
_diffrn_source.size                        ? 
_diffrn_source.source                      SYNCHROTRON 
_diffrn_source.target                      ? 
_diffrn_source.type                        'ALS BEAMLINE 8.3.1' 
_diffrn_source.voltage                     ? 
_diffrn_source.take-off_angle              ? 
_diffrn_source.pdbx_wavelength_list        1.11587 
_diffrn_source.pdbx_wavelength             ? 
_diffrn_source.pdbx_synchrotron_beamline   8.3.1 
_diffrn_source.pdbx_synchrotron_site       ALS 
# 
_reflns.pdbx_diffrn_id               1 
_reflns.pdbx_ordinal                 1 
_reflns.entry_id                     4TU4 
_reflns.observed_criterion_sigma_I   ? 
_reflns.observed_criterion_sigma_F   ? 
_reflns.d_resolution_low             68.665 
_reflns.d_resolution_high            1.730 
_reflns.number_obs                   27509 
_reflns.number_all                   ? 
_reflns.percent_possible_obs         99.9 
_reflns.pdbx_Rmerge_I_obs            ? 
_reflns.pdbx_Rsym_value              0.10000 
_reflns.pdbx_netI_over_sigmaI        14.0000 
_reflns.B_iso_Wilson_estimate        ? 
_reflns.pdbx_redundancy              16.90 
# 
_reflns_shell.pdbx_diffrn_id         1 
_reflns_shell.pdbx_ordinal           1 
_reflns_shell.d_res_high             1.73 
_reflns_shell.d_res_low              1.82 
_reflns_shell.percent_possible_all   100.0 
_reflns_shell.Rmerge_I_obs           1.64900 
_reflns_shell.pdbx_Rsym_value        1.64900 
_reflns_shell.meanI_over_sigI_obs    0.400 
_reflns_shell.pdbx_redundancy        17.70 
_reflns_shell.number_measured_obs    ? 
_reflns_shell.number_unique_all      ? 
# 
_refine.pdbx_refine_id                           'X-RAY DIFFRACTION' 
_refine.entry_id                                 4TU4 
_refine.pdbx_diffrn_id                           1 
_refine.pdbx_TLS_residual_ADP_flag               ? 
_refine.ls_number_reflns_obs                     27419 
_refine.ls_number_reflns_all                     ? 
_refine.pdbx_ls_sigma_I                          ? 
_refine.pdbx_ls_sigma_F                          0.000 
_refine.pdbx_data_cutoff_high_absF               ? 
_refine.pdbx_data_cutoff_low_absF                ? 
_refine.pdbx_data_cutoff_high_rms_absF           ? 
_refine.ls_d_res_low                             61.47 
_refine.ls_d_res_high                            1.73 
_refine.ls_percent_reflns_obs                    99.7 
_refine.ls_R_factor_obs                          0.185 
_refine.ls_R_factor_all                          ? 
_refine.ls_R_factor_R_work                       0.184 
_refine.ls_R_factor_R_free                       0.197 
_refine.ls_R_factor_R_free_error                 ? 
_refine.ls_R_factor_R_free_error_details         ? 
_refine.ls_percent_reflns_R_free                 5.000 
_refine.ls_number_reflns_R_free                  1379 
_refine.ls_number_parameters                     ? 
_refine.ls_number_restraints                     ? 
_refine.occupancy_min                            ? 
_refine.occupancy_max                            ? 
_refine.correlation_coeff_Fo_to_Fc               0.968 
_refine.correlation_coeff_Fo_to_Fc_free          0.964 
_refine.B_iso_mean                               35.79 
_refine.aniso_B[1][1]                            0.00000 
_refine.aniso_B[2][2]                            0.00000 
_refine.aniso_B[3][3]                            0.00000 
_refine.aniso_B[1][2]                            0.00000 
_refine.aniso_B[1][3]                            0.00000 
_refine.aniso_B[2][3]                            0.00000 
_refine.solvent_model_details                    MASK 
_refine.solvent_model_param_ksol                 ? 
_refine.solvent_model_param_bsol                 ? 
_refine.pdbx_solvent_vdw_probe_radii             1.20 
_refine.pdbx_solvent_ion_probe_radii             0.80 
_refine.pdbx_solvent_shrinkage_radii             0.80 
_refine.pdbx_ls_cross_valid_method               THROUGHOUT 
_refine.details                                  'HYDROGENS HAVE BEEN ADDED IN THE RIDING' 
_refine.pdbx_starting_model                      3DAI 
_refine.pdbx_method_to_determine_struct          'MOLECULAR REPLACEMENT' 
_refine.pdbx_isotropic_thermal_model             ? 
_refine.pdbx_stereochemistry_target_values       'MAXIMUM LIKELIHOOD' 
_refine.pdbx_stereochem_target_val_spec_case     ? 
_refine.pdbx_R_Free_selection_details            RANDOM 
_refine.pdbx_overall_ESU_R                       0.081 
_refine.pdbx_overall_ESU_R_Free                  0.078 
_refine.overall_SU_ML                            0.056 
_refine.pdbx_overall_phase_error                 ? 
_refine.overall_SU_B                             1.779 
_refine.overall_SU_R_Cruickshank_DPI             ? 
_refine.pdbx_overall_SU_R_free_Cruickshank_DPI   ? 
_refine.pdbx_overall_SU_R_Blow_DPI               ? 
_refine.pdbx_overall_SU_R_free_Blow_DPI          ? 
# 
_refine_hist.cycle_id                         final 
_refine_hist.pdbx_refine_id                   'X-RAY DIFFRACTION' 
_refine_hist.d_res_high                       1.73 
_refine_hist.d_res_low                        61.47 
_refine_hist.pdbx_number_atoms_ligand         48 
_refine_hist.number_atoms_solvent             151 
_refine_hist.number_atoms_total               1283 
_refine_hist.pdbx_number_residues_total       130 
_refine_hist.pdbx_B_iso_mean_ligand           57.42 
_refine_hist.pdbx_B_iso_mean_solvent          49.39 
_refine_hist.pdbx_number_atoms_protein        1084 
_refine_hist.pdbx_number_atoms_nucleic_acid   0 
# 
loop_
_refine_ls_restr.type 
_refine_ls_restr.dev_ideal 
_refine_ls_restr.dev_ideal_target 
_refine_ls_restr.weight 
_refine_ls_restr.number 
_refine_ls_restr.pdbx_refine_id 
_refine_ls_restr.pdbx_restraint_function 
r_bond_refined_d             0.011  0.019  ? 1183 'X-RAY DIFFRACTION' ? 
r_bond_other_d               0.001  0.020  ? 1144 'X-RAY DIFFRACTION' ? 
r_angle_refined_deg          1.370  2.025  ? 1608 'X-RAY DIFFRACTION' ? 
r_angle_other_deg            0.814  3.000  ? 2634 'X-RAY DIFFRACTION' ? 
r_dihedral_angle_1_deg       4.369  5.000  ? 141  'X-RAY DIFFRACTION' ? 
r_dihedral_angle_2_deg       33.946 23.387 ? 62   'X-RAY DIFFRACTION' ? 
r_dihedral_angle_3_deg       12.893 15.000 ? 219  'X-RAY DIFFRACTION' ? 
r_dihedral_angle_4_deg       12.277 15.000 ? 14   'X-RAY DIFFRACTION' ? 
r_chiral_restr               0.084  0.200  ? 181  'X-RAY DIFFRACTION' ? 
r_gen_planes_refined         0.005  0.021  ? 1303 'X-RAY DIFFRACTION' ? 
r_gen_planes_other           0.001  0.020  ? 265  'X-RAY DIFFRACTION' ? 
r_nbd_refined                ?      ?      ? ?    'X-RAY DIFFRACTION' ? 
r_nbd_other                  ?      ?      ? ?    'X-RAY DIFFRACTION' ? 
r_nbtor_refined              ?      ?      ? ?    'X-RAY DIFFRACTION' ? 
r_nbtor_other                ?      ?      ? ?    'X-RAY DIFFRACTION' ? 
r_xyhbond_nbd_refined        ?      ?      ? ?    'X-RAY DIFFRACTION' ? 
r_xyhbond_nbd_other          ?      ?      ? ?    'X-RAY DIFFRACTION' ? 
r_metal_ion_refined          ?      ?      ? ?    'X-RAY DIFFRACTION' ? 
r_metal_ion_other            ?      ?      ? ?    'X-RAY DIFFRACTION' ? 
r_symmetry_vdw_refined       ?      ?      ? ?    'X-RAY DIFFRACTION' ? 
r_symmetry_vdw_other         ?      ?      ? ?    'X-RAY DIFFRACTION' ? 
r_symmetry_hbond_refined     ?      ?      ? ?    'X-RAY DIFFRACTION' ? 
r_symmetry_hbond_other       ?      ?      ? ?    'X-RAY DIFFRACTION' ? 
r_symmetry_metal_ion_refined ?      ?      ? ?    'X-RAY DIFFRACTION' ? 
r_symmetry_metal_ion_other   ?      ?      ? ?    'X-RAY DIFFRACTION' ? 
r_mcbond_it                  2.297  3.163  ? 531  'X-RAY DIFFRACTION' ? 
r_mcbond_other               2.268  3.152  ? 530  'X-RAY DIFFRACTION' ? 
r_mcangle_it                 3.428  4.718  ? 665  'X-RAY DIFFRACTION' ? 
r_mcangle_other              ?      ?      ? ?    'X-RAY DIFFRACTION' ? 
r_scbond_it                  ?      ?      ? ?    'X-RAY DIFFRACTION' ? 
r_scbond_other               ?      ?      ? ?    'X-RAY DIFFRACTION' ? 
r_scangle_it                 ?      ?      ? ?    'X-RAY DIFFRACTION' ? 
r_scangle_other              ?      ?      ? ?    'X-RAY DIFFRACTION' ? 
r_long_range_B_refined       ?      ?      ? ?    'X-RAY DIFFRACTION' ? 
r_long_range_B_other         ?      ?      ? ?    'X-RAY DIFFRACTION' ? 
r_rigid_bond_restr           ?      ?      ? ?    'X-RAY DIFFRACTION' ? 
r_sphericity_free            ?      ?      ? ?    'X-RAY DIFFRACTION' ? 
r_sphericity_bonded          ?      ?      ? ?    'X-RAY DIFFRACTION' ? 
# 
_refine_ls_shell.pdbx_refine_id                   'X-RAY DIFFRACTION' 
_refine_ls_shell.pdbx_total_number_of_bins_used   20 
_refine_ls_shell.d_res_high                       1.73 
_refine_ls_shell.d_res_low                        1.78 
_refine_ls_shell.number_reflns_R_work             1863 
_refine_ls_shell.R_factor_R_work                  0.3760 
_refine_ls_shell.percent_reflns_obs               99.90 
_refine_ls_shell.R_factor_R_free                  0.3940 
_refine_ls_shell.R_factor_R_free_error            ? 
_refine_ls_shell.percent_reflns_R_free            ? 
_refine_ls_shell.number_reflns_R_free             104 
_refine_ls_shell.number_reflns_all                ? 
_refine_ls_shell.R_factor_all                     ? 
_refine_ls_shell.R_factor_obs                     ? 
_refine_ls_shell.number_reflns_obs                ? 
# 
_struct.entry_id                     4TU4 
_struct.title                        
'Crystal structure of ATAD2A bromodomain complexed with 3-(3,5-dimethyl-1,2-oxazol-4-yl)-5-[(phenylsulfonyl)amino]benzoicacid' 
_struct.pdbx_model_details           ? 
_struct.pdbx_formula_weight          ? 
_struct.pdbx_formula_weight_method   ? 
_struct.pdbx_model_type_details      ? 
_struct.pdbx_CASP_flag               ? 
# 
_struct_keywords.entry_id        4TU4 
_struct_keywords.text            'ATAD2A - bromodomain- inhibitor complex, GENE REGULATION' 
_struct_keywords.pdbx_keywords   'GENE REGULATION' 
# 
loop_
_struct_asym.id 
_struct_asym.pdbx_blank_PDB_chainid_flag 
_struct_asym.pdbx_modified 
_struct_asym.entity_id 
_struct_asym.details 
A N N 1 ? 
B N N 2 ? 
C N N 3 ? 
D N N 3 ? 
E N N 4 ? 
F N N 5 ? 
G N N 6 ? 
H N N 7 ? 
# 
loop_
_struct_conf.conf_type_id 
_struct_conf.id 
_struct_conf.pdbx_PDB_helix_id 
_struct_conf.beg_label_comp_id 
_struct_conf.beg_label_asym_id 
_struct_conf.beg_label_seq_id 
_struct_conf.pdbx_beg_PDB_ins_code 
_struct_conf.end_label_comp_id 
_struct_conf.end_label_asym_id 
_struct_conf.end_label_seq_id 
_struct_conf.pdbx_end_PDB_ins_code 
_struct_conf.beg_auth_comp_id 
_struct_conf.beg_auth_asym_id 
_struct_conf.beg_auth_seq_id 
_struct_conf.end_auth_comp_id 
_struct_conf.end_auth_asym_id 
_struct_conf.end_auth_seq_id 
_struct_conf.pdbx_PDB_helix_class 
_struct_conf.details 
_struct_conf.pdbx_PDB_helix_length 
HELX_P HELX_P1 AA1 SER A 1   ? ILE A 24  ? SER A 979  ILE A 1002 1 ? 24 
HELX_P HELX_P2 AA2 ASP A 25  ? THR A 32  ? ASP A 1003 THR A 1010 5 ? 8  
HELX_P HELX_P3 AA3 ASP A 42  ? ILE A 47  ? ASP A 1020 ILE A 1025 1 ? 6  
HELX_P HELX_P4 AA4 ASP A 52  ? LEU A 62  ? ASP A 1030 LEU A 1040 1 ? 11 
HELX_P HELX_P5 AA5 THR A 67  ? ASN A 86  ? THR A 1045 ASN A 1064 1 ? 20 
HELX_P HELX_P6 AA6 ASP A 90  ? LEU A 115 ? ASP A 1068 LEU A 1093 1 ? 26 
HELX_P HELX_P7 AA7 ASP A 116 ? ARG A 130 ? ASP A 1094 ARG A 1108 1 ? 15 
# 
_struct_conf_type.id          HELX_P 
_struct_conf_type.criteria    ? 
_struct_conf_type.reference   ? 
# 
loop_
_struct_site.id 
_struct_site.pdbx_evidence_code 
_struct_site.pdbx_auth_asym_id 
_struct_site.pdbx_auth_comp_id 
_struct_site.pdbx_auth_seq_id 
_struct_site.pdbx_auth_ins_code 
_struct_site.pdbx_num_residues 
_struct_site.details 
AC1 Software A SO4 1201 ? 6 'binding site for residue SO4 A 1201' 
AC2 Software A GOL 1202 ? 6 'binding site for residue GOL A 1202' 
AC3 Software A GOL 1203 ? 3 'binding site for residue GOL A 1203' 
AC4 Software A 37N 1204 ? 9 'binding site for residue 37N A 1204' 
AC5 Software A CL  1205 ? 3 'binding site for residue CL A 1205'  
AC6 Software A DMS 1206 ? 4 'binding site for residue DMS A 1206' 
# 
loop_
_struct_site_gen.id 
_struct_site_gen.site_id 
_struct_site_gen.pdbx_num_res 
_struct_site_gen.label_comp_id 
_struct_site_gen.label_asym_id 
_struct_site_gen.label_seq_id 
_struct_site_gen.pdbx_auth_ins_code 
_struct_site_gen.auth_comp_id 
_struct_site_gen.auth_asym_id 
_struct_site_gen.auth_seq_id 
_struct_site_gen.label_atom_id 
_struct_site_gen.label_alt_id 
_struct_site_gen.symmetry 
_struct_site_gen.details 
1  AC1 6 ARG A 9   ? ARG A 987  . ? 1_555 ? 
2  AC1 6 ARG A 12  ? ARG A 990  . ? 1_555 ? 
3  AC1 6 ARG A 16  ? ARG A 994  . ? 1_555 ? 
4  AC1 6 ARG A 89  ? ARG A 1067 . ? 6_554 ? 
5  AC1 6 ARG A 94  ? ARG A 1072 . ? 6_554 ? 
6  AC1 6 HOH H .   ? HOH A 1342 . ? 1_555 ? 
7  AC2 6 GLU A 10  ? GLU A 988  . ? 1_555 ? 
8  AC2 6 GLU A 114 ? GLU A 1092 . ? 1_555 ? 
9  AC2 6 LEU A 115 ? LEU A 1093 . ? 1_555 ? 
10 AC2 6 ASP A 116 ? ASP A 1094 . ? 1_555 ? 
11 AC2 6 HOH H .   ? HOH A 1315 . ? 1_555 ? 
12 AC2 6 HOH H .   ? HOH A 1332 . ? 1_555 ? 
13 AC3 3 ARG A 104 ? ARG A 1082 . ? 1_555 ? 
14 AC3 3 ASP A 105 ? ASP A 1083 . ? 1_555 ? 
15 AC3 3 HOH H .   ? HOH A 1385 . ? 1_555 ? 
16 AC4 9 ARG A 29  ? ARG A 1007 . ? 1_555 ? 
17 AC4 9 VAL A 30  ? VAL A 1008 . ? 1_555 ? 
18 AC4 9 VAL A 35  ? VAL A 1013 . ? 1_555 ? 
19 AC4 9 ASP A 36  ? ASP A 1014 . ? 1_555 ? 
20 AC4 9 GLU A 39  ? GLU A 1017 . ? 1_555 ? 
21 AC4 9 ASN A 86  ? ASN A 1064 . ? 1_555 ? 
22 AC4 9 ILE A 96  ? ILE A 1074 . ? 1_555 ? 
23 AC4 9 HOH H .   ? HOH A 1366 . ? 1_555 ? 
24 AC4 9 HOH H .   ? HOH A 1376 . ? 1_555 ? 
25 AC5 3 ARG A 99  ? ARG A 1077 . ? 1_555 ? 
26 AC5 3 HOH H .   ? HOH A 1325 . ? 8_665 ? 
27 AC5 3 HOH H .   ? HOH A 1344 . ? 1_555 ? 
28 AC6 4 VAL A 68  ? VAL A 1046 . ? 1_555 ? 
29 AC6 4 LYS A 69  ? LYS A 1047 . ? 1_555 ? 
30 AC6 4 HOH H .   ? HOH A 1419 . ? 1_555 ? 
31 AC6 4 HOH H .   ? HOH A 1445 . ? 1_555 ? 
# 
_atom_sites.entry_id                    4TU4 
_atom_sites.fract_transf_matrix[1][1]   0.01237745 
_atom_sites.fract_transf_matrix[1][2]   -0.00170096 
_atom_sites.fract_transf_matrix[1][3]   0.00748301 
_atom_sites.fract_transf_matrix[2][1]   -0.00042043 
_atom_sites.fract_transf_matrix[2][2]   -0.00449579 
_atom_sites.fract_transf_matrix[2][3]   0.01384529 
_atom_sites.fract_transf_matrix[3][1]   0.00039830 
_atom_sites.fract_transf_matrix[3][2]   -0.00688775 
_atom_sites.fract_transf_matrix[3][3]   -0.00222447 
_atom_sites.fract_transf_vector[1]      -0.136613 
_atom_sites.fract_transf_vector[2]      0.400075 
_atom_sites.fract_transf_vector[3]      0.025829 
# 
loop_
_atom_type.symbol 
C  
CL 
N  
O  
S  
# 
loop_
_atom_site.group_PDB 
_atom_site.id 
_atom_site.type_symbol 
_atom_site.label_atom_id 
_atom_site.label_alt_id 
_atom_site.label_comp_id 
_atom_site.label_asym_id 
_atom_site.label_entity_id 
_atom_site.label_seq_id 
_atom_site.pdbx_PDB_ins_code 
_atom_site.Cartn_x 
_atom_site.Cartn_y 
_atom_site.Cartn_z 
_atom_site.occupancy 
_atom_site.B_iso_or_equiv 
_atom_site.pdbx_formal_charge 
_atom_site.auth_seq_id 
_atom_site.auth_comp_id 
_atom_site.auth_asym_id 
_atom_site.auth_atom_id 
_atom_site.pdbx_PDB_model_num 
ATOM   1    N  N   . SER A 1 1   ? -25.963 6.724   -3.105  1.00 64.61 ? 979  SER A N   1 
ATOM   2    C  CA  . SER A 1 1   ? -26.416 8.150   -3.037  1.00 63.52 ? 979  SER A CA  1 
ATOM   3    C  C   . SER A 1 1   ? -25.249 9.114   -3.260  1.00 65.73 ? 979  SER A C   1 
ATOM   4    O  O   . SER A 1 1   ? -24.095 8.698   -3.371  1.00 62.43 ? 979  SER A O   1 
ATOM   5    C  CB  . SER A 1 1   ? -27.068 8.434   -1.677  1.00 63.83 ? 979  SER A CB  1 
ATOM   6    O  OG  . SER A 1 1   ? -26.145 8.239   -0.614  1.00 60.60 ? 979  SER A OG  1 
ATOM   7    N  N   . MET A 1 2   ? -25.564 10.405  -3.327  1.00 67.46 ? 980  MET A N   1 
ATOM   8    C  CA  . MET A 1 2   ? -24.554 11.465  -3.319  1.00 65.22 ? 980  MET A CA  1 
ATOM   9    C  C   . MET A 1 2   ? -23.743 11.445  -2.004  1.00 60.48 ? 980  MET A C   1 
ATOM   10   O  O   . MET A 1 2   ? -22.538 11.686  -2.013  1.00 60.37 ? 980  MET A O   1 
ATOM   11   C  CB  . MET A 1 2   ? -25.242 12.825  -3.522  0.59 64.94 ? 980  MET A CB  1 
ATOM   12   C  CG  . MET A 1 2   ? -24.338 14.036  -3.397  0.60 66.67 ? 980  MET A CG  1 
ATOM   13   S  SD  . MET A 1 2   ? -22.920 13.996  -4.509  0.54 70.31 ? 980  MET A SD  1 
ATOM   14   C  CE  . MET A 1 2   ? -22.039 15.419  -3.873  0.63 70.30 ? 980  MET A CE  1 
ATOM   15   N  N   . GLN A 1 3   ? -24.399 11.148  -0.882  1.00 59.56 ? 981  GLN A N   1 
ATOM   16   C  CA  . GLN A 1 3   ? -23.719 11.067  0.422   1.00 60.11 ? 981  GLN A CA  1 
ATOM   17   C  C   . GLN A 1 3   ? -22.685 9.940   0.468   1.00 52.13 ? 981  GLN A C   1 
ATOM   18   O  O   . GLN A 1 3   ? -21.580 10.121  0.978   1.00 45.69 ? 981  GLN A O   1 
ATOM   19   C  CB  . GLN A 1 3   ? -24.718 10.871  1.571   1.00 65.45 ? 981  GLN A CB  1 
ATOM   20   C  CG  . GLN A 1 3   ? -25.465 12.141  1.973   1.00 73.73 ? 981  GLN A CG  1 
ATOM   21   C  CD  . GLN A 1 3   ? -26.636 12.493  1.053   1.00 79.19 ? 981  GLN A CD  1 
ATOM   22   O  OE1 . GLN A 1 3   ? -26.867 11.858  0.014   1.00 79.02 ? 981  GLN A OE1 1 
ATOM   23   N  NE2 . GLN A 1 3   ? -27.384 13.520  1.439   1.00 82.71 ? 981  GLN A NE2 1 
ATOM   24   N  N   . GLU A 1 4   ? -23.057 8.773   -0.048  1.00 44.27 ? 982  GLU A N   1 
ATOM   25   C  CA  . GLU A 1 4   ? -22.130 7.643   -0.098  1.00 40.46 ? 982  GLU A CA  1 
ATOM   26   C  C   . GLU A 1 4   ? -20.955 7.939   -1.023  1.00 39.62 ? 982  GLU A C   1 
ATOM   27   O  O   . GLU A 1 4   ? -19.816 7.596   -0.690  1.00 33.53 ? 982  GLU A O   1 
ATOM   28   C  CB  . GLU A 1 4   ? -22.843 6.355   -0.495  1.00 41.24 ? 982  GLU A CB  1 
ATOM   29   C  CG  . GLU A 1 4   ? -23.869 5.929   0.547   1.00 42.75 ? 982  GLU A CG  1 
ATOM   30   C  CD  . GLU A 1 4   ? -24.646 4.689   0.161   1.00 46.33 ? 982  GLU A CD  1 
ATOM   31   O  OE1 . GLU A 1 4   ? -24.733 4.369   -1.044  1.00 46.55 ? 982  GLU A OE1 1 
ATOM   32   O  OE2 . GLU A 1 4   ? -25.161 4.018   1.075   1.00 42.86 ? 982  GLU A OE2 1 
ATOM   33   N  N   . GLU A 1 5   ? -21.209 8.577   -2.165  1.00 34.99 ? 983  GLU A N   1 
ATOM   34   C  CA  . GLU A 1 5   ? -20.119 8.981   -3.058  1.00 38.81 ? 983  GLU A CA  1 
ATOM   35   C  C   . GLU A 1 5   ? -19.181 9.982   -2.352  1.00 33.17 ? 983  GLU A C   1 
ATOM   36   O  O   . GLU A 1 5   ? -17.955 9.924   -2.548  1.00 31.68 ? 983  GLU A O   1 
ATOM   37   C  CB  . GLU A 1 5   ? -20.647 9.595   -4.361  1.00 45.52 ? 983  GLU A CB  1 
ATOM   38   C  CG  . GLU A 1 5   ? -21.371 8.609   -5.279  1.00 56.08 ? 983  GLU A CG  1 
ATOM   39   C  CD  . GLU A 1 5   ? -22.330 9.284   -6.275  1.00 66.52 ? 983  GLU A CD  1 
ATOM   40   O  OE1 . GLU A 1 5   ? -23.004 8.545   -7.039  1.00 73.89 ? 983  GLU A OE1 1 
ATOM   41   O  OE2 . GLU A 1 5   ? -22.429 10.541  -6.302  1.00 66.72 ? 983  GLU A OE2 1 
ATOM   42   N  N   . ASP A 1 6   ? -19.749 10.897  -1.556  1.00 30.56 ? 984  ASP A N   1 
ATOM   43   C  CA  . ASP A 1 6   ? -18.964 11.820  -0.738  1.00 32.50 ? 984  ASP A CA  1 
ATOM   44   C  C   . ASP A 1 6   ? -18.035 11.084  0.257   1.00 30.14 ? 984  ASP A C   1 
ATOM   45   O  O   . ASP A 1 6   ? -16.903 11.529  0.479   1.00 29.12 ? 984  ASP A O   1 
ATOM   46   C  CB  . ASP A 1 6   ? -19.848 12.774  0.078   1.00 36.71 ? 984  ASP A CB  1 
ATOM   47   C  CG  . ASP A 1 6   ? -20.531 13.852  -0.776  1.00 42.64 ? 984  ASP A CG  1 
ATOM   48   O  OD1 . ASP A 1 6   ? -20.095 14.148  -1.912  1.00 42.53 ? 984  ASP A OD1 1 
ATOM   49   O  OD2 . ASP A 1 6   ? -21.501 14.438  -0.254  1.00 52.47 ? 984  ASP A OD2 1 
ATOM   50   N  N   . THR A 1 7   ? -18.549 10.020  0.864   1.00 27.78 ? 985  THR A N   1 
ATOM   51   C  CA  . THR A 1 7   ? -17.791 9.181   1.806   1.00 27.05 ? 985  THR A CA  1 
ATOM   52   C  C   . THR A 1 7   ? -16.602 8.539   1.101   1.00 25.01 ? 985  THR A C   1 
ATOM   53   O  O   . THR A 1 7   ? -15.466 8.623   1.578   1.00 23.14 ? 985  THR A O   1 
ATOM   54   C  CB  . THR A 1 7   ? -18.691 8.118   2.450   1.00 28.03 ? 985  THR A CB  1 
ATOM   55   O  OG1 . THR A 1 7   ? -19.719 8.778   3.198   1.00 29.15 ? 985  THR A OG1 1 
ATOM   56   C  CG2 . THR A 1 7   ? -17.930 7.250   3.404   1.00 27.51 ? 985  THR A CG2 1 
ATOM   57   N  N   . PHE A 1 8   ? -16.851 7.911   -0.043  1.00 23.77 ? 986  PHE A N   1 
ATOM   58   C  CA  . PHE A 1 8   ? -15.747 7.286   -0.772  1.00 24.81 ? 986  PHE A CA  1 
ATOM   59   C  C   . PHE A 1 8   ? -14.760 8.308   -1.264  1.00 23.55 ? 986  PHE A C   1 
ATOM   60   O  O   . PHE A 1 8   ? -13.564 8.008   -1.321  1.00 24.94 ? 986  PHE A O   1 
ATOM   61   C  CB  . PHE A 1 8   ? -16.231 6.385   -1.921  1.00 26.17 ? 986  PHE A CB  1 
ATOM   62   C  CG  . PHE A 1 8   ? -16.939 5.141   -1.454  1.00 28.33 ? 986  PHE A CG  1 
ATOM   63   C  CD1 . PHE A 1 8   ? -16.451 4.390   -0.405  1.00 29.23 ? 986  PHE A CD1 1 
ATOM   64   C  CD2 . PHE A 1 8   ? -18.123 4.736   -2.059  1.00 30.31 ? 986  PHE A CD2 1 
ATOM   65   C  CE1 . PHE A 1 8   ? -17.105 3.243   0.033   1.00 30.48 ? 986  PHE A CE1 1 
ATOM   66   C  CE2 . PHE A 1 8   ? -18.775 3.592   -1.635  1.00 29.12 ? 986  PHE A CE2 1 
ATOM   67   C  CZ  . PHE A 1 8   ? -18.280 2.847   -0.588  1.00 31.18 ? 986  PHE A CZ  1 
ATOM   68   N  N   . ARG A 1 9   ? -15.197 9.504   -1.644  1.00 24.06 ? 987  ARG A N   1 
ATOM   69   C  CA  . ARG A 1 9   ? -14.261 10.518  -2.096  1.00 25.25 ? 987  ARG A CA  1 
ATOM   70   C  C   . ARG A 1 9   ? -13.344 10.951  -0.926  1.00 22.53 ? 987  ARG A C   1 
ATOM   71   O  O   . ARG A 1 9   ? -12.128 11.100  -1.096  1.00 21.27 ? 987  ARG A O   1 
ATOM   72   C  CB  . ARG A 1 9   ? -14.994 11.720  -2.666  1.00 27.38 ? 987  ARG A CB  1 
ATOM   73   C  CG  . ARG A 1 9   ? -14.056 12.776  -3.163  1.00 30.57 ? 987  ARG A CG  1 
ATOM   74   C  CD  . ARG A 1 9   ? -14.694 13.715  -4.168  1.00 33.73 ? 987  ARG A CD  1 
ATOM   75   N  NE  . ARG A 1 9   ? -13.662 14.619  -4.648  1.00 36.26 ? 987  ARG A NE  1 
ATOM   76   C  CZ  . ARG A 1 9   ? -13.383 15.831  -4.154  1.00 37.08 ? 987  ARG A CZ  1 
ATOM   77   N  NH1 . ARG A 1 9   ? -14.066 16.366  -3.114  1.00 38.77 ? 987  ARG A NH1 1 
ATOM   78   N  NH2 . ARG A 1 9   ? -12.393 16.526  -4.714  1.00 39.08 ? 987  ARG A NH2 1 
ATOM   79   N  N   . GLU A 1 10  ? -13.941 11.119  0.248   1.00 21.86 ? 988  GLU A N   1 
ATOM   80   C  CA  . GLU A 1 10  ? -13.171 11.411  1.437   1.00 21.76 ? 988  GLU A CA  1 
ATOM   81   C  C   . GLU A 1 10  ? -12.137 10.302  1.724   1.00 20.62 ? 988  GLU A C   1 
ATOM   82   O  O   . GLU A 1 10  ? -10.977 10.611  2.078   1.00 21.22 ? 988  GLU A O   1 
ATOM   83   C  CB  . GLU A 1 10  ? -14.074 11.654  2.633   1.00 23.40 ? 988  GLU A CB  1 
ATOM   84   C  CG  . GLU A 1 10  ? -13.297 11.921  3.892   1.00 25.43 ? 988  GLU A CG  1 
ATOM   85   C  CD  . GLU A 1 10  ? -14.073 12.574  5.021   1.00 31.05 ? 988  GLU A CD  1 
ATOM   86   O  OE1 . GLU A 1 10  ? -15.307 12.748  4.923   1.00 31.45 ? 988  GLU A OE1 1 
ATOM   87   O  OE2 . GLU A 1 10  ? -13.416 12.876  6.046   1.00 29.72 ? 988  GLU A OE2 1 
ATOM   88   N  N   . LEU A 1 11  ? -12.529 9.045   1.586   1.00 20.00 ? 989  LEU A N   1 
ATOM   89   C  CA  . LEU A 1 11  ? -11.599 7.936   1.771   1.00 21.86 ? 989  LEU A CA  1 
ATOM   90   C  C   . LEU A 1 11  ? -10.449 8.061   0.759   1.00 21.48 ? 989  LEU A C   1 
ATOM   91   O  O   . LEU A 1 11  ? -9.276  7.929   1.129   1.00 19.99 ? 989  LEU A O   1 
ATOM   92   C  CB  . LEU A 1 11  ? -12.303 6.581   1.642   1.00 22.93 ? 989  LEU A CB  1 
ATOM   93   C  CG  . LEU A 1 11  ? -11.396 5.357   1.627   1.00 23.53 ? 989  LEU A CG  1 
ATOM   94   C  CD1 . LEU A 1 11  ? -10.671 5.202   2.951   1.00 24.45 ? 989  LEU A CD1 1 
ATOM   95   C  CD2 . LEU A 1 11  ? -12.106 4.070   1.262   1.00 27.39 ? 989  LEU A CD2 1 
ATOM   96   N  N   . ARG A 1 12  ? -10.754 8.310   -0.522  1.00 20.95 ? 990  ARG A N   1 
ATOM   97   C  CA  . ARG A 1 12  ? -9.670  8.495   -1.518  1.00 21.36 ? 990  ARG A CA  1 
ATOM   98   C  C   . ARG A 1 12  ? -8.685  9.598   -1.150  1.00 19.74 ? 990  ARG A C   1 
ATOM   99   O  O   . ARG A 1 12  ? -7.451  9.421   -1.290  1.00 20.26 ? 990  ARG A O   1 
ATOM   100  C  CB  . ARG A 1 12  ? -10.235 8.740   -2.941  1.00 22.09 ? 990  ARG A CB  1 
ATOM   101  C  CG  . ARG A 1 12  ? -11.030 7.550   -3.444  1.00 22.92 ? 990  ARG A CG  1 
ATOM   102  C  CD  . ARG A 1 12  ? -11.297 7.630   -4.936  1.00 24.87 ? 990  ARG A CD  1 
ATOM   103  N  NE  . ARG A 1 12  ? -12.106 8.785   -5.292  1.00 25.86 ? 990  ARG A NE  1 
ATOM   104  C  CZ  . ARG A 1 12  ? -13.446 8.806   -5.299  1.00 26.78 ? 990  ARG A CZ  1 
ATOM   105  N  NH1 . ARG A 1 12  ? -14.144 7.758   -4.942  1.00 27.11 ? 990  ARG A NH1 1 
ATOM   106  N  NH2 . ARG A 1 12  ? -14.079 9.913   -5.660  1.00 29.76 ? 990  ARG A NH2 1 
ATOM   107  N  N   . ILE A 1 13  ? -9.189  10.751  -0.719  1.00 19.38 ? 991  ILE A N   1 
ATOM   108  C  CA  . ILE A 1 13  ? -8.381  11.899  -0.325  1.00 20.27 ? 991  ILE A CA  1 
ATOM   109  C  C   . ILE A 1 13  ? -7.427  11.482  0.839   1.00 20.56 ? 991  ILE A C   1 
ATOM   110  O  O   . ILE A 1 13  ? -6.200  11.769  0.793   1.00 20.10 ? 991  ILE A O   1 
ATOM   111  C  CB  . ILE A 1 13  ? -9.262  13.136  0.024   1.00 20.72 ? 991  ILE A CB  1 
ATOM   112  C  CG1 . ILE A 1 13  ? -9.901  13.657  -1.276  1.00 22.73 ? 991  ILE A CG1 1 
ATOM   113  C  CG2 . ILE A 1 13  ? -8.444  14.231  0.689   1.00 21.44 ? 991  ILE A CG2 1 
ATOM   114  C  CD1 . ILE A 1 13  ? -11.055 14.588  -1.043  1.00 23.60 ? 991  ILE A CD1 1 
ATOM   115  N  N   . PHE A 1 14  ? -7.987  10.848  1.835   1.00 19.39 ? 992  PHE A N   1 
ATOM   116  C  CA  . PHE A 1 14  ? -7.227  10.341  2.997   1.00 21.55 ? 992  PHE A CA  1 
ATOM   117  C  C   . PHE A 1 14  ? -6.156  9.362   2.524   1.00 21.40 ? 992  PHE A C   1 
ATOM   118  O  O   . PHE A 1 14  ? -4.977  9.484   2.915   1.00 21.37 ? 992  PHE A O   1 
ATOM   119  C  CB  . PHE A 1 14  ? -8.143  9.671   3.997   1.00 22.12 ? 992  PHE A CB  1 
ATOM   120  C  CG  . PHE A 1 14  ? -7.419  9.021   5.135   1.00 23.79 ? 992  PHE A CG  1 
ATOM   121  C  CD1 . PHE A 1 14  ? -6.842  9.783   6.134   1.00 26.43 ? 992  PHE A CD1 1 
ATOM   122  C  CD2 . PHE A 1 14  ? -7.298  7.671   5.184   1.00 25.52 ? 992  PHE A CD2 1 
ATOM   123  C  CE1 . PHE A 1 14  ? -6.144  9.183   7.172   1.00 27.57 ? 992  PHE A CE1 1 
ATOM   124  C  CE2 . PHE A 1 14  ? -6.629  7.066   6.233   1.00 26.03 ? 992  PHE A CE2 1 
ATOM   125  C  CZ  . PHE A 1 14  ? -6.067  7.833   7.226   1.00 24.98 ? 992  PHE A CZ  1 
ATOM   126  N  N   . LEU A 1 15  ? -6.519  8.424   1.653   1.00 20.46 ? 993  LEU A N   1 
ATOM   127  C  CA  . LEU A 1 15  ? -5.554  7.412   1.196   1.00 20.47 ? 993  LEU A CA  1 
ATOM   128  C  C   . LEU A 1 15  ? -4.465  8.005   0.336   1.00 20.53 ? 993  LEU A C   1 
ATOM   129  O  O   . LEU A 1 15  ? -3.300  7.585   0.423   1.00 20.32 ? 993  LEU A O   1 
ATOM   130  C  CB  . LEU A 1 15  ? -6.223  6.244   0.471   1.00 21.46 ? 993  LEU A CB  1 
ATOM   131  C  CG  . LEU A 1 15  ? -7.201  5.358   1.266   1.00 22.48 ? 993  LEU A CG  1 
ATOM   132  C  CD1 . LEU A 1 15  ? -7.823  4.270   0.412   1.00 24.52 ? 993  LEU A CD1 1 
ATOM   133  C  CD2 . LEU A 1 15  ? -6.520  4.750   2.470   1.00 22.78 ? 993  LEU A CD2 1 
ATOM   134  N  N   . ARG A 1 16  ? -4.809  8.986   -0.507  1.00 20.08 ? 994  ARG A N   1 
ATOM   135  C  CA  . ARG A 1 16  ? -3.767  9.667   -1.284  1.00 22.52 ? 994  ARG A CA  1 
ATOM   136  C  C   . ARG A 1 16  ? -2.757  10.368  -0.396  1.00 22.15 ? 994  ARG A C   1 
ATOM   137  O  O   . ARG A 1 16  ? -1.551  10.330  -0.661  1.00 22.46 ? 994  ARG A O   1 
ATOM   138  C  CB  . ARG A 1 16  ? -4.333  10.726  -2.210  1.00 24.42 ? 994  ARG A CB  1 
ATOM   139  C  CG  . ARG A 1 16  ? -4.847  10.174  -3.472  1.00 27.23 ? 994  ARG A CG  1 
ATOM   140  C  CD  . ARG A 1 16  ? -5.128  11.278  -4.503  1.00 27.79 ? 994  ARG A CD  1 
ATOM   141  N  NE  . ARG A 1 16  ? -6.187  10.765  -5.341  1.00 28.15 ? 994  ARG A NE  1 
ATOM   142  C  CZ  . ARG A 1 16  ? -7.493  10.963  -5.181  1.00 28.00 ? 994  ARG A CZ  1 
ATOM   143  N  NH1 . ARG A 1 16  ? -7.964  11.787  -4.261  1.00 26.48 ? 994  ARG A NH1 1 
ATOM   144  N  NH2 . ARG A 1 16  ? -8.337  10.333  -5.989  1.00 29.26 ? 994  ARG A NH2 1 
ATOM   145  N  N   . ASN A 1 17  ? -3.241  11.028  0.648   1.00 21.77 ? 995  ASN A N   1 
ATOM   146  C  CA  . ASN A 1 17  ? -2.364  11.729  1.610   1.00 24.08 ? 995  ASN A CA  1 
ATOM   147  C  C   . ASN A 1 17  ? -1.447  10.776  2.321   1.00 22.74 ? 995  ASN A C   1 
ATOM   148  O  O   . ASN A 1 17  ? -0.245  11.077  2.424   1.00 23.57 ? 995  ASN A O   1 
ATOM   149  C  CB  . ASN A 1 17  ? -3.161  12.556  2.643   1.00 25.60 ? 995  ASN A CB  1 
ATOM   150  C  CG  . ASN A 1 17  ? -2.262  13.167  3.766   1.00 29.66 ? 995  ASN A CG  1 
ATOM   151  O  OD1 . ASN A 1 17  ? -2.171  12.633  4.880   1.00 26.95 ? 995  ASN A OD1 1 
ATOM   152  N  ND2 . ASN A 1 17  ? -1.602  14.305  3.459   1.00 34.85 ? 995  ASN A ND2 1 
ATOM   153  N  N   . VAL A 1 18  ? -1.972  9.654   2.834   1.00 20.80 ? 996  VAL A N   1 
ATOM   154  C  CA  . VAL A 1 18  ? -1.134  8.631   3.498   1.00 21.57 ? 996  VAL A CA  1 
ATOM   155  C  C   . VAL A 1 18  ? -0.056  8.116   2.519   1.00 21.70 ? 996  VAL A C   1 
ATOM   156  O  O   . VAL A 1 18  ? 1.136   8.056   2.826   1.00 21.04 ? 996  VAL A O   1 
ATOM   157  C  CB  . VAL A 1 18  ? -1.946  7.449   4.023   1.00 22.76 ? 996  VAL A CB  1 
ATOM   158  C  CG1 . VAL A 1 18  ? -1.072  6.359   4.610   1.00 23.70 ? 996  VAL A CG1 1 
ATOM   159  C  CG2 . VAL A 1 18  ? -2.938  7.948   5.036   1.00 23.52 ? 996  VAL A CG2 1 
ATOM   160  N  N   . THR A 1 19  ? -0.476  7.785   1.308   1.00 19.22 ? 997  THR A N   1 
ATOM   161  C  CA  . THR A 1 19  ? 0.428   7.185   0.335   1.00 19.87 ? 997  THR A CA  1 
ATOM   162  C  C   . THR A 1 19  ? 1.544   8.173   -0.069  1.00 20.37 ? 997  THR A C   1 
ATOM   163  O  O   . THR A 1 19  ? 2.715   7.766   -0.193  1.00 20.32 ? 997  THR A O   1 
ATOM   164  C  CB  . THR A 1 19  ? -0.347  6.726   -0.915  1.00 20.23 ? 997  THR A CB  1 
ATOM   165  O  OG1 . THR A 1 19  ? -1.433  5.891   -0.524  1.00 19.75 ? 997  THR A OG1 1 
ATOM   166  C  CG2 . THR A 1 19  ? 0.540   5.944   -1.848  1.00 22.36 ? 997  THR A CG2 1 
ATOM   167  N  N   . HIS A 1 20  ? 1.184   9.438   -0.264  1.00 21.21 ? 998  HIS A N   1 
ATOM   168  C  CA  . HIS A 1 20  ? 2.153   10.463  -0.627  1.00 22.99 ? 998  HIS A CA  1 
ATOM   169  C  C   . HIS A 1 20  ? 3.221   10.601  0.452   1.00 21.95 ? 998  HIS A C   1 
ATOM   170  O  O   . HIS A 1 20  ? 4.407   10.746  0.152   1.00 21.43 ? 998  HIS A O   1 
ATOM   171  C  CB  . HIS A 1 20  ? 1.456   11.806  -0.852  1.00 25.30 ? 998  HIS A CB  1 
ATOM   172  C  CG  . HIS A 1 20  ? 2.398   12.948  -1.068  1.00 29.38 ? 998  HIS A CG  1 
ATOM   173  N  ND1 . HIS A 1 20  ? 2.620   13.921  -0.117  1.00 34.40 ? 998  HIS A ND1 1 
ATOM   174  C  CD2 . HIS A 1 20  ? 3.177   13.273  -2.128  1.00 28.96 ? 998  HIS A CD2 1 
ATOM   175  C  CE1 . HIS A 1 20  ? 3.495   14.796  -0.580  1.00 32.70 ? 998  HIS A CE1 1 
ATOM   176  N  NE2 . HIS A 1 20  ? 3.848   14.425  -1.798  1.00 34.72 ? 998  HIS A NE2 1 
ATOM   177  N  N   . ARG A 1 21  ? 2.793   10.553  1.710   1.00 21.24 ? 999  ARG A N   1 
ATOM   178  C  CA  . ARG A 1 21  ? 3.712   10.652  2.835   1.00 21.73 ? 999  ARG A CA  1 
ATOM   179  C  C   . ARG A 1 21  ? 4.713   9.502   2.818   1.00 22.36 ? 999  ARG A C   1 
ATOM   180  O  O   . ARG A 1 21  ? 5.906   9.700   3.044   1.00 23.58 ? 999  ARG A O   1 
ATOM   181  C  CB  . ARG A 1 21  ? 2.943   10.660  4.158   1.00 22.00 ? 999  ARG A CB  1 
ATOM   182  C  CG  . ARG A 1 21  ? 2.452   12.035  4.582   1.00 23.54 ? 999  ARG A CG  1 
ATOM   183  C  CD  . ARG A 1 21  ? 1.142   11.942  5.346   1.00 26.31 ? 999  ARG A CD  1 
ATOM   184  N  NE  . ARG A 1 21  ? 1.355   11.695  6.769   1.00 25.72 ? 999  ARG A NE  1 
ATOM   185  C  CZ  . ARG A 1 21  ? 0.376   11.538  7.655   1.00 24.34 ? 999  ARG A CZ  1 
ATOM   186  N  NH1 . ARG A 1 21  ? -0.889  11.600  7.265   1.00 24.94 ? 999  ARG A NH1 1 
ATOM   187  N  NH2 . ARG A 1 21  ? 0.664   11.317  8.931   1.00 24.65 ? 999  ARG A NH2 1 
ATOM   188  N  N   . LEU A 1 22  ? 4.217   8.299   2.546   1.00 20.44 ? 1000 LEU A N   1 
ATOM   189  C  CA  . LEU A 1 22  ? 5.068   7.118   2.478   1.00 21.90 ? 1000 LEU A CA  1 
ATOM   190  C  C   . LEU A 1 22  ? 6.010   7.202   1.283   1.00 23.80 ? 1000 LEU A C   1 
ATOM   191  O  O   . LEU A 1 22  ? 7.160   6.769   1.355   1.00 23.81 ? 1000 LEU A O   1 
ATOM   192  C  CB  . LEU A 1 22  ? 4.218   5.849   2.391   1.00 22.07 ? 1000 LEU A CB  1 
ATOM   193  C  CG  . LEU A 1 22  ? 3.287   5.575   3.574   1.00 22.30 ? 1000 LEU A CG  1 
ATOM   194  C  CD1 . LEU A 1 22  ? 2.294   4.474   3.233   1.00 23.68 ? 1000 LEU A CD1 1 
ATOM   195  C  CD2 . LEU A 1 22  ? 4.087   5.214   4.816   1.00 23.30 ? 1000 LEU A CD2 1 
ATOM   196  N  N   . ALA A 1 23  ? 5.514   7.761   0.184   1.00 21.87 ? 1001 ALA A N   1 
ATOM   197  C  CA  . ALA A 1 23  ? 6.326   7.923   -1.040  1.00 23.64 ? 1001 ALA A CA  1 
ATOM   198  C  C   . ALA A 1 23  ? 7.445   8.931   -0.931  1.00 24.71 ? 1001 ALA A C   1 
ATOM   199  O  O   . ALA A 1 23  ? 8.445   8.789   -1.663  1.00 26.88 ? 1001 ALA A O   1 
ATOM   200  C  CB  . ALA A 1 23  ? 5.477   8.259   -2.252  1.00 24.23 ? 1001 ALA A CB  1 
ATOM   201  N  N   . ILE A 1 24  ? 7.293   9.944   -0.102  1.00 24.87 ? 1002 ILE A N   1 
ATOM   202  C  CA  . ILE A 1 24  ? 8.361   10.958  0.055   1.00 28.02 ? 1002 ILE A CA  1 
ATOM   203  C  C   . ILE A 1 24  ? 9.394   10.552  1.108   1.00 29.53 ? 1002 ILE A C   1 
ATOM   204  O  O   . ILE A 1 24  ? 10.385  11.270  1.296   1.00 31.50 ? 1002 ILE A O   1 
ATOM   205  C  CB  . ILE A 1 24  ? 7.831   12.381  0.340   1.00 28.48 ? 1002 ILE A CB  1 
ATOM   206  C  CG1 . ILE A 1 24  ? 7.174   12.456  1.720   1.00 28.18 ? 1002 ILE A CG1 1 
ATOM   207  C  CG2 . ILE A 1 24  ? 6.902   12.842  -0.777  1.00 30.08 ? 1002 ILE A CG2 1 
ATOM   208  C  CD1 . ILE A 1 24  ? 6.635   13.824  2.124   1.00 32.73 ? 1002 ILE A CD1 1 
ATOM   209  N  N   . ASP A 1 25  ? 9.175   9.435   1.808   1.00 26.79 ? 1003 ASP A N   1 
ATOM   210  C  CA  . ASP A 1 25  ? 10.101  8.946   2.807   1.00 26.93 ? 1003 ASP A CA  1 
ATOM   211  C  C   . ASP A 1 25  ? 11.270  8.266   2.103   1.00 26.70 ? 1003 ASP A C   1 
ATOM   212  O  O   . ASP A 1 25  ? 11.092  7.313   1.352   1.00 25.61 ? 1003 ASP A O   1 
ATOM   213  C  CB  . ASP A 1 25  ? 9.405   7.976   3.760   1.00 27.66 ? 1003 ASP A CB  1 
ATOM   214  C  CG  . ASP A 1 25  ? 10.246  7.648   4.987   1.00 30.17 ? 1003 ASP A CG  1 
ATOM   215  O  OD1 . ASP A 1 25  ? 11.433  7.313   4.818   1.00 32.26 ? 1003 ASP A OD1 1 
ATOM   216  O  OD2 . ASP A 1 25  ? 9.695   7.677   6.111   1.00 31.35 ? 1003 ASP A OD2 1 
ATOM   217  N  N   . LYS A 1 26  ? 12.492  8.736   2.367   1.00 30.21 ? 1004 LYS A N   1 
ATOM   218  C  CA  . LYS A 1 26  ? 13.665  8.201   1.643   1.00 31.70 ? 1004 LYS A CA  1 
ATOM   219  C  C   . LYS A 1 26  ? 13.896  6.708   1.816   1.00 29.74 ? 1004 LYS A C   1 
ATOM   220  O  O   . LYS A 1 26  ? 14.396  6.073   0.890   1.00 30.76 ? 1004 LYS A O   1 
ATOM   221  C  CB  . LYS A 1 26  ? 14.939  9.006   2.010   1.00 36.39 ? 1004 LYS A CB  1 
ATOM   222  C  CG  . LYS A 1 26  ? 14.781  10.482  1.628   0.35 43.74 ? 1004 LYS A CG  1 
ATOM   223  C  CD  . LYS A 1 26  ? 16.042  11.116  1.065   1.00 54.71 ? 1004 LYS A CD  1 
ATOM   224  C  CE  . LYS A 1 26  ? 17.178  11.041  2.079   1.00 63.07 ? 1004 LYS A CE  1 
ATOM   225  N  NZ  . LYS A 1 26  ? 18.274  12.013  1.781   1.00 71.87 ? 1004 LYS A NZ  1 
ATOM   226  N  N   . ARG A 1 27  ? 13.498  6.143   2.957   1.00 29.50 ? 1005 ARG A N   1 
ATOM   227  C  CA  . ARG A 1 27  ? 13.625  4.691   3.205   1.00 29.65 ? 1005 ARG A CA  1 
ATOM   228  C  C   . ARG A 1 27  ? 12.820  3.854   2.234   1.00 29.42 ? 1005 ARG A C   1 
ATOM   229  O  O   . ARG A 1 27  ? 13.134  2.685   2.019   1.00 27.07 ? 1005 ARG A O   1 
ATOM   230  C  CB  . ARG A 1 27  ? 13.142  4.302   4.592   1.00 30.72 ? 1005 ARG A CB  1 
ATOM   231  C  CG  . ARG A 1 27  ? 13.922  4.878   5.752   1.00 32.77 ? 1005 ARG A CG  1 
ATOM   232  C  CD  . ARG A 1 27  ? 13.222  4.558   7.065   1.00 33.94 ? 1005 ARG A CD  1 
ATOM   233  N  NE  . ARG A 1 27  ? 11.959  5.281   7.200   1.00 32.90 ? 1005 ARG A NE  1 
ATOM   234  C  CZ  . ARG A 1 27  ? 11.074  5.079   8.170   1.00 33.81 ? 1005 ARG A CZ  1 
ATOM   235  N  NH1 . ARG A 1 27  ? 11.315  4.186   9.122   1.00 33.76 ? 1005 ARG A NH1 1 
ATOM   236  N  NH2 . ARG A 1 27  ? 9.945   5.785   8.201   1.00 33.74 ? 1005 ARG A NH2 1 
ATOM   237  N  N   . PHE A 1 28  ? 11.758  4.447   1.679   1.00 25.94 ? 1006 PHE A N   1 
ATOM   238  C  CA  . PHE A 1 28  ? 10.789  3.710   0.877   1.00 26.09 ? 1006 PHE A CA  1 
ATOM   239  C  C   . PHE A 1 28  ? 10.917  3.961   -0.613  1.00 28.25 ? 1006 PHE A C   1 
ATOM   240  O  O   . PHE A 1 28  ? 10.087  3.500   -1.404  1.00 25.76 ? 1006 PHE A O   1 
ATOM   241  C  CB  . PHE A 1 28  ? 9.365   4.005   1.396   1.00 22.58 ? 1006 PHE A CB  1 
ATOM   242  C  CG  . PHE A 1 28  ? 9.203   3.812   2.865   1.00 23.71 ? 1006 PHE A CG  1 
ATOM   243  C  CD1 . PHE A 1 28  ? 9.899   2.809   3.563   1.00 24.21 ? 1006 PHE A CD1 1 
ATOM   244  C  CD2 . PHE A 1 28  ? 8.336   4.624   3.593   1.00 22.93 ? 1006 PHE A CD2 1 
ATOM   245  C  CE1 . PHE A 1 28  ? 9.744   2.672   4.928   1.00 23.94 ? 1006 PHE A CE1 1 
ATOM   246  C  CE2 . PHE A 1 28  ? 8.178   4.472   4.937   1.00 23.62 ? 1006 PHE A CE2 1 
ATOM   247  C  CZ  . PHE A 1 28  ? 8.874   3.487   5.619   1.00 23.42 ? 1006 PHE A CZ  1 
ATOM   248  N  N   . ARG A 1 29  ? 12.015  4.598   -1.022  1.00 29.97 ? 1007 ARG A N   1 
ATOM   249  C  CA  . ARG A 1 29  ? 12.235  4.888   -2.447  1.00 30.83 ? 1007 ARG A CA  1 
ATOM   250  C  C   . ARG A 1 29  ? 12.100  3.658   -3.360  1.00 27.99 ? 1007 ARG A C   1 
ATOM   251  O  O   . ARG A 1 29  ? 11.518  3.754   -4.435  1.00 28.40 ? 1007 ARG A O   1 
ATOM   252  C  CB  . ARG A 1 29  ? 13.604  5.540   -2.666  1.00 35.76 ? 1007 ARG A CB  1 
ATOM   253  C  CG  . ARG A 1 29  ? 13.752  6.191   -4.037  1.00 43.22 ? 1007 ARG A CG  1 
ATOM   254  C  CD  . ARG A 1 29  ? 15.210  6.567   -4.316  1.00 51.55 ? 1007 ARG A CD  1 
ATOM   255  N  NE  . ARG A 1 29  ? 16.107  5.416   -4.108  1.00 57.58 ? 1007 ARG A NE  1 
ATOM   256  C  CZ  . ARG A 1 29  ? 16.422  4.495   -5.021  0.54 57.51 ? 1007 ARG A CZ  1 
ATOM   257  N  NH1 . ARG A 1 29  ? 15.949  4.555   -6.261  0.48 60.04 ? 1007 ARG A NH1 1 
ATOM   258  N  NH2 . ARG A 1 29  ? 17.230  3.501   -4.686  0.67 57.84 ? 1007 ARG A NH2 1 
ATOM   259  N  N   . VAL A 1 30  ? 12.593  2.501   -2.923  1.00 28.17 ? 1008 VAL A N   1 
ATOM   260  C  CA  . VAL A 1 30  ? 12.579  1.322   -3.754  1.00 29.79 ? 1008 VAL A CA  1 
ATOM   261  C  C   . VAL A 1 30  ? 11.160  0.796   -3.999  1.00 28.81 ? 1008 VAL A C   1 
ATOM   262  O  O   . VAL A 1 30  ? 10.958  -0.022  -4.879  1.00 27.77 ? 1008 VAL A O   1 
ATOM   263  C  CB  . VAL A 1 30  ? 13.489  0.178   -3.244  1.00 31.51 ? 1008 VAL A CB  1 
ATOM   264  C  CG1 . VAL A 1 30  ? 14.933  0.656   -3.259  1.00 36.77 ? 1008 VAL A CG1 1 
ATOM   265  C  CG2 . VAL A 1 30  ? 13.070  -0.359  -1.891  1.00 30.83 ? 1008 VAL A CG2 1 
ATOM   266  N  N   . PHE A 1 31  ? 10.208  1.282   -3.203  1.00 26.20 ? 1009 PHE A N   1 
ATOM   267  C  CA  . PHE A 1 31  ? 8.813   0.840   -3.325  1.00 26.24 ? 1009 PHE A CA  1 
ATOM   268  C  C   . PHE A 1 31  ? 7.959   1.841   -4.084  1.00 26.20 ? 1009 PHE A C   1 
ATOM   269  O  O   . PHE A 1 31  ? 6.738   1.660   -4.163  1.00 28.76 ? 1009 PHE A O   1 
ATOM   270  C  CB  . PHE A 1 31  ? 8.218   0.580   -1.943  1.00 25.28 ? 1009 PHE A CB  1 
ATOM   271  C  CG  . PHE A 1 31  ? 9.030   -0.377  -1.106  1.00 26.35 ? 1009 PHE A CG  1 
ATOM   272  C  CD1 . PHE A 1 31  ? 9.312   -1.653  -1.557  1.00 26.82 ? 1009 PHE A CD1 1 
ATOM   273  C  CD2 . PHE A 1 31  ? 9.545   0.025   0.116   1.00 28.99 ? 1009 PHE A CD2 1 
ATOM   274  C  CE1 . PHE A 1 31  ? 10.070  -2.530  -0.803  1.00 28.24 ? 1009 PHE A CE1 1 
ATOM   275  C  CE2 . PHE A 1 31  ? 10.298  -0.850  0.886   1.00 30.29 ? 1009 PHE A CE2 1 
ATOM   276  C  CZ  . PHE A 1 31  ? 10.562  -2.133  0.417   1.00 30.29 ? 1009 PHE A CZ  1 
ATOM   277  N  N   . THR A 1 32  ? 8.552   2.895   -4.630  1.00 29.02 ? 1010 THR A N   1 
ATOM   278  C  CA  . THR A 1 32  ? 7.767   4.010   -5.184  1.00 27.58 ? 1010 THR A CA  1 
ATOM   279  C  C   . THR A 1 32  ? 7.318   3.768   -6.631  1.00 32.50 ? 1010 THR A C   1 
ATOM   280  O  O   . THR A 1 32  ? 6.423   4.456   -7.113  1.00 34.55 ? 1010 THR A O   1 
ATOM   281  C  CB  . THR A 1 32  ? 8.493   5.356   -5.156  1.00 30.29 ? 1010 THR A CB  1 
ATOM   282  O  OG1 . THR A 1 32  ? 9.785   5.233   -5.757  1.00 32.46 ? 1010 THR A OG1 1 
ATOM   283  C  CG2 . THR A 1 32  ? 8.647   5.874   -3.750  1.00 29.58 ? 1010 THR A CG2 1 
ATOM   284  N  N   . LYS A 1 33  ? 7.947   2.814   -7.312  1.00 33.35 ? 1011 LYS A N   1 
ATOM   285  C  CA  . LYS A 1 33  ? 7.669   2.532   -8.729  1.00 34.27 ? 1011 LYS A CA  1 
ATOM   286  C  C   . LYS A 1 33  ? 7.694   1.027   -8.915  1.00 32.37 ? 1011 LYS A C   1 
ATOM   287  O  O   . LYS A 1 33  ? 8.291   0.314   -8.110  1.00 31.00 ? 1011 LYS A O   1 
ATOM   288  C  CB  . LYS A 1 33  ? 8.746   3.167   -9.629  1.00 40.12 ? 1011 LYS A CB  1 
ATOM   289  C  CG  . LYS A 1 33  ? 8.794   4.692   -9.618  0.73 43.42 ? 1011 LYS A CG  1 
ATOM   290  C  CD  . LYS A 1 33  ? 7.603   5.302   -10.348 0.60 48.49 ? 1011 LYS A CD  1 
ATOM   291  C  CE  . LYS A 1 33  ? 7.442   6.783   -10.031 0.65 52.33 ? 1011 LYS A CE  1 
ATOM   292  N  NZ  . LYS A 1 33  ? 6.208   7.337   -10.657 0.77 58.27 ? 1011 LYS A NZ  1 
ATOM   293  N  N   . PRO A 1 34  ? 7.048   0.521   -9.976  1.00 32.97 ? 1012 PRO A N   1 
ATOM   294  C  CA  . PRO A 1 34  ? 7.152   -0.911  -10.201 1.00 34.76 ? 1012 PRO A CA  1 
ATOM   295  C  C   . PRO A 1 34  ? 8.612   -1.354  -10.456 1.00 36.63 ? 1012 PRO A C   1 
ATOM   296  O  O   . PRO A 1 34  ? 9.417   -0.584  -10.966 1.00 35.18 ? 1012 PRO A O   1 
ATOM   297  C  CB  . PRO A 1 34  ? 6.266   -1.160  -11.436 1.00 35.37 ? 1012 PRO A CB  1 
ATOM   298  C  CG  . PRO A 1 34  ? 5.446   0.065   -11.615 1.00 35.29 ? 1012 PRO A CG  1 
ATOM   299  C  CD  . PRO A 1 34  ? 6.226   1.198   -10.995 1.00 36.57 ? 1012 PRO A CD  1 
ATOM   300  N  N   . VAL A 1 35  ? 8.934   -2.565  -10.028 1.00 40.00 ? 1013 VAL A N   1 
ATOM   301  C  CA  . VAL A 1 35  ? 10.254  -3.150  -10.241 1.00 45.77 ? 1013 VAL A CA  1 
ATOM   302  C  C   . VAL A 1 35  ? 10.517  -3.205  -11.751 1.00 48.46 ? 1013 VAL A C   1 
ATOM   303  O  O   . VAL A 1 35  ? 9.684   -3.706  -12.504 1.00 50.00 ? 1013 VAL A O   1 
ATOM   304  C  CB  . VAL A 1 35  ? 10.358  -4.562  -9.616  1.00 44.24 ? 1013 VAL A CB  1 
ATOM   305  C  CG1 . VAL A 1 35  ? 11.665  -5.243  -10.020 1.00 47.08 ? 1013 VAL A CG1 1 
ATOM   306  C  CG2 . VAL A 1 35  ? 10.251  -4.476  -8.101  1.00 45.26 ? 1013 VAL A CG2 1 
ATOM   307  N  N   . ASP A 1 36  ? 11.647  -2.649  -12.179 1.00 52.42 ? 1014 ASP A N   1 
ATOM   308  C  CA  . ASP A 1 36  ? 12.008  -2.573  -13.602 1.00 60.87 ? 1014 ASP A CA  1 
ATOM   309  C  C   . ASP A 1 36  ? 12.597  -3.924  -14.066 1.00 62.40 ? 1014 ASP A C   1 
ATOM   310  O  O   . ASP A 1 36  ? 13.545  -4.411  -13.441 1.00 59.97 ? 1014 ASP A O   1 
ATOM   311  C  CB  . ASP A 1 36  ? 13.031  -1.451  -13.807 1.00 60.57 ? 1014 ASP A CB  1 
ATOM   312  C  CG  . ASP A 1 36  ? 13.236  -1.101  -15.267 1.00 63.70 ? 1014 ASP A CG  1 
ATOM   313  O  OD1 . ASP A 1 36  ? 13.156  -2.005  -16.124 1.00 64.58 ? 1014 ASP A OD1 1 
ATOM   314  O  OD2 . ASP A 1 36  ? 13.486  0.088   -15.552 1.00 64.42 ? 1014 ASP A OD2 1 
ATOM   315  N  N   . PRO A 1 37  ? 12.035  -4.536  -15.143 1.00 67.88 ? 1015 PRO A N   1 
ATOM   316  C  CA  . PRO A 1 37  ? 12.554  -5.833  -15.648 1.00 71.83 ? 1015 PRO A CA  1 
ATOM   317  C  C   . PRO A 1 37  ? 13.970  -5.765  -16.233 1.00 72.09 ? 1015 PRO A C   1 
ATOM   318  O  O   . PRO A 1 37  ? 14.661  -6.782  -16.265 1.00 73.40 ? 1015 PRO A O   1 
ATOM   319  C  CB  . PRO A 1 37  ? 11.552  -6.226  -16.745 1.00 71.58 ? 1015 PRO A CB  1 
ATOM   320  C  CG  . PRO A 1 37  ? 10.328  -5.421  -16.459 1.00 70.40 ? 1015 PRO A CG  1 
ATOM   321  C  CD  . PRO A 1 37  ? 10.820  -4.129  -15.875 1.00 66.72 ? 1015 PRO A CD  1 
ATOM   322  N  N   . ASP A 1 38  ? 14.387  -4.586  -16.692 1.00 72.60 ? 1016 ASP A N   1 
ATOM   323  C  CA  . ASP A 1 38  ? 15.780  -4.360  -17.073 1.00 77.37 ? 1016 ASP A CA  1 
ATOM   324  C  C   . ASP A 1 38  ? 16.668  -4.597  -15.864 1.00 77.40 ? 1016 ASP A C   1 
ATOM   325  O  O   . ASP A 1 38  ? 17.689  -5.283  -15.955 1.00 81.16 ? 1016 ASP A O   1 
ATOM   326  C  CB  . ASP A 1 38  ? 16.004  -2.933  -17.592 1.00 79.76 ? 1016 ASP A CB  1 
ATOM   327  C  CG  . ASP A 1 38  ? 15.258  -2.653  -18.890 1.00 82.56 ? 1016 ASP A CG  1 
ATOM   328  O  OD1 . ASP A 1 38  ? 14.790  -3.612  -19.541 1.00 82.73 ? 1016 ASP A OD1 1 
ATOM   329  O  OD2 . ASP A 1 38  ? 15.135  -1.464  -19.253 1.00 85.66 ? 1016 ASP A OD2 1 
ATOM   330  N  N   . GLU A 1 39  ? 16.262  -4.042  -14.727 1.00 70.00 ? 1017 GLU A N   1 
ATOM   331  C  CA  . GLU A 1 39  ? 17.048  -4.143  -13.504 1.00 68.92 ? 1017 GLU A CA  1 
ATOM   332  C  C   . GLU A 1 39  ? 16.907  -5.489  -12.788 1.00 63.86 ? 1017 GLU A C   1 
ATOM   333  O  O   . GLU A 1 39  ? 17.853  -5.932  -12.142 1.00 65.05 ? 1017 GLU A O   1 
ATOM   334  C  CB  . GLU A 1 39  ? 16.678  -3.010  -12.541 1.00 73.56 ? 1017 GLU A CB  1 
ATOM   335  C  CG  . GLU A 1 39  ? 16.933  -1.615  -13.085 1.00 78.46 ? 1017 GLU A CG  1 
ATOM   336  C  CD  . GLU A 1 39  ? 18.370  -1.419  -13.521 1.00 82.88 ? 1017 GLU A CD  1 
ATOM   337  O  OE1 . GLU A 1 39  ? 19.277  -1.954  -12.850 1.00 84.80 ? 1017 GLU A OE1 1 
ATOM   338  O  OE2 . GLU A 1 39  ? 18.590  -0.736  -14.542 1.00 88.84 ? 1017 GLU A OE2 1 
ATOM   339  N  N   . VAL A 1 40  ? 15.734  -6.121  -12.877 1.00 58.57 ? 1018 VAL A N   1 
ATOM   340  C  CA  . VAL A 1 40  ? 15.440  -7.353  -12.124 1.00 56.66 ? 1018 VAL A CA  1 
ATOM   341  C  C   . VAL A 1 40  ? 14.591  -8.250  -13.035 1.00 62.08 ? 1018 VAL A C   1 
ATOM   342  O  O   . VAL A 1 40  ? 13.373  -8.388  -12.846 1.00 54.11 ? 1018 VAL A O   1 
ATOM   343  C  CB  . VAL A 1 40  ? 14.710  -7.059  -10.771 1.00 56.17 ? 1018 VAL A CB  1 
ATOM   344  C  CG1 . VAL A 1 40  ? 14.729  -8.281  -9.859  1.00 53.52 ? 1018 VAL A CG1 1 
ATOM   345  C  CG2 . VAL A 1 40  ? 15.321  -5.864  -10.043 1.00 53.09 ? 1018 VAL A CG2 1 
ATOM   346  N  N   . PRO A 1 41  ? 15.236  -8.869  -14.045 1.00 68.19 ? 1019 PRO A N   1 
ATOM   347  C  CA  . PRO A 1 41  ? 14.507  -9.539  -15.132 1.00 65.01 ? 1019 PRO A CA  1 
ATOM   348  C  C   . PRO A 1 41  ? 13.658  -10.734 -14.716 1.00 60.21 ? 1019 PRO A C   1 
ATOM   349  O  O   . PRO A 1 41  ? 12.638  -10.995 -15.351 1.00 64.82 ? 1019 PRO A O   1 
ATOM   350  C  CB  . PRO A 1 41  ? 15.625  -9.966  -16.097 1.00 68.16 ? 1019 PRO A CB  1 
ATOM   351  C  CG  . PRO A 1 41  ? 16.847  -10.064 -15.251 1.00 69.47 ? 1019 PRO A CG  1 
ATOM   352  C  CD  . PRO A 1 41  ? 16.699  -9.008  -14.192 1.00 70.71 ? 1019 PRO A CD  1 
ATOM   353  N  N   . ASP A 1 42  ? 14.044  -11.442 -13.660 1.00 55.48 ? 1020 ASP A N   1 
ATOM   354  C  CA  . ASP A 1 42  ? 13.238  -12.580 -13.193 1.00 60.58 ? 1020 ASP A CA  1 
ATOM   355  C  C   . ASP A 1 42  ? 12.118  -12.203 -12.179 1.00 56.75 ? 1020 ASP A C   1 
ATOM   356  O  O   . ASP A 1 42  ? 11.434  -13.088 -11.647 1.00 55.46 ? 1020 ASP A O   1 
ATOM   357  C  CB  . ASP A 1 42  ? 14.144  -13.655 -12.590 1.00 66.39 ? 1020 ASP A CB  1 
ATOM   358  C  CG  . ASP A 1 42  ? 14.839  -13.193 -11.318 1.00 72.17 ? 1020 ASP A CG  1 
ATOM   359  O  OD1 . ASP A 1 42  ? 15.342  -12.043 -11.308 1.00 80.25 ? 1020 ASP A OD1 1 
ATOM   360  O  OD2 . ASP A 1 42  ? 14.882  -13.976 -10.338 1.00 75.04 ? 1020 ASP A OD2 1 
ATOM   361  N  N   . TYR A 1 43  ? 11.926  -10.910 -11.911 1.00 51.70 ? 1021 TYR A N   1 
ATOM   362  C  CA  . TYR A 1 43  ? 10.983  -10.503 -10.847 1.00 48.71 ? 1021 TYR A CA  1 
ATOM   363  C  C   . TYR A 1 43  ? 9.585   -11.049 -11.112 1.00 49.45 ? 1021 TYR A C   1 
ATOM   364  O  O   . TYR A 1 43  ? 9.014   -11.746 -10.267 1.00 47.05 ? 1021 TYR A O   1 
ATOM   365  C  CB  . TYR A 1 43  ? 10.919  -8.974  -10.691 1.00 46.73 ? 1021 TYR A CB  1 
ATOM   366  C  CG  . TYR A 1 43  ? 10.189  -8.553  -9.432  1.00 42.91 ? 1021 TYR A CG  1 
ATOM   367  C  CD1 . TYR A 1 43  ? 10.808  -8.654  -8.181  1.00 40.80 ? 1021 TYR A CD1 1 
ATOM   368  C  CD2 . TYR A 1 43  ? 8.870   -8.093  -9.480  1.00 42.59 ? 1021 TYR A CD2 1 
ATOM   369  C  CE1 . TYR A 1 43  ? 10.150  -8.284  -7.016  1.00 37.96 ? 1021 TYR A CE1 1 
ATOM   370  C  CE2 . TYR A 1 43  ? 8.202   -7.710  -8.321  1.00 37.66 ? 1021 TYR A CE2 1 
ATOM   371  C  CZ  . TYR A 1 43  ? 8.843   -7.808  -7.098  1.00 37.87 ? 1021 TYR A CZ  1 
ATOM   372  O  OH  . TYR A 1 43  ? 8.176   -7.461  -5.942  1.00 33.87 ? 1021 TYR A OH  1 
ATOM   373  N  N   . VAL A 1 44  ? 9.073   -10.752 -12.308 1.00 54.82 ? 1022 VAL A N   1 
ATOM   374  C  CA  . VAL A 1 44  ? 7.692   -11.091 -12.698 1.00 58.74 ? 1022 VAL A CA  1 
ATOM   375  C  C   . VAL A 1 44  ? 7.407   -12.596 -12.765 1.00 57.25 ? 1022 VAL A C   1 
ATOM   376  O  O   . VAL A 1 44  ? 6.246   -12.995 -12.770 1.00 58.78 ? 1022 VAL A O   1 
ATOM   377  C  CB  . VAL A 1 44  ? 7.268   -10.412 -14.032 1.00 62.03 ? 1022 VAL A CB  1 
ATOM   378  C  CG1 . VAL A 1 44  ? 7.222   -8.897  -13.875 1.00 62.20 ? 1022 VAL A CG1 1 
ATOM   379  C  CG2 . VAL A 1 44  ? 8.184   -10.801 -15.185 1.00 65.90 ? 1022 VAL A CG2 1 
ATOM   380  N  N   . THR A 1 45  ? 8.451   -13.422 -12.786 1.00 57.27 ? 1023 THR A N   1 
ATOM   381  C  CA  . THR A 1 45  ? 8.298   -14.885 -12.761 1.00 59.83 ? 1023 THR A CA  1 
ATOM   382  C  C   . THR A 1 45  ? 8.161   -15.422 -11.328 1.00 58.05 ? 1023 THR A C   1 
ATOM   383  O  O   . THR A 1 45  ? 7.407   -16.375 -11.078 1.00 61.95 ? 1023 THR A O   1 
ATOM   384  C  CB  . THR A 1 45  ? 9.478   -15.603 -13.475 1.00 64.37 ? 1023 THR A CB  1 
ATOM   385  O  OG1 . THR A 1 45  ? 10.702  -15.424 -12.745 1.00 68.31 ? 1023 THR A OG1 1 
ATOM   386  C  CG2 . THR A 1 45  ? 9.659   -15.065 -14.898 1.00 65.59 ? 1023 THR A CG2 1 
ATOM   387  N  N   . VAL A 1 46  ? 8.875   -14.796 -10.391 1.00 52.34 ? 1024 VAL A N   1 
ATOM   388  C  CA  . VAL A 1 46  ? 8.818   -15.170 -8.969  1.00 47.59 ? 1024 VAL A CA  1 
ATOM   389  C  C   . VAL A 1 46  ? 7.611   -14.529 -8.254  1.00 44.17 ? 1024 VAL A C   1 
ATOM   390  O  O   . VAL A 1 46  ? 6.919   -15.171 -7.455  1.00 45.22 ? 1024 VAL A O   1 
ATOM   391  C  CB  . VAL A 1 46  ? 10.111  -14.738 -8.241  1.00 49.91 ? 1024 VAL A CB  1 
ATOM   392  C  CG1 . VAL A 1 46  ? 10.121  -15.241 -6.800  1.00 52.22 ? 1024 VAL A CG1 1 
ATOM   393  C  CG2 . VAL A 1 46  ? 11.342  -15.223 -9.006  1.00 52.76 ? 1024 VAL A CG2 1 
ATOM   394  N  N   . ILE A 1 47  ? 7.389   -13.249 -8.521  1.00 40.05 ? 1025 ILE A N   1 
ATOM   395  C  CA  . ILE A 1 47  ? 6.344   -12.485 -7.826  1.00 35.45 ? 1025 ILE A CA  1 
ATOM   396  C  C   . ILE A 1 47  ? 5.092   -12.355 -8.707  1.00 36.78 ? 1025 ILE A C   1 
ATOM   397  O  O   . ILE A 1 47  ? 5.113   -11.696 -9.765  1.00 34.88 ? 1025 ILE A O   1 
ATOM   398  C  CB  . ILE A 1 47  ? 6.886   -11.087 -7.441  1.00 33.75 ? 1025 ILE A CB  1 
ATOM   399  C  CG1 . ILE A 1 47  ? 8.045   -11.222 -6.453  1.00 31.09 ? 1025 ILE A CG1 1 
ATOM   400  C  CG2 . ILE A 1 47  ? 5.779   -10.221 -6.848  1.00 33.10 ? 1025 ILE A CG2 1 
ATOM   401  C  CD1 . ILE A 1 47  ? 7.687   -11.864 -5.128  1.00 31.35 ? 1025 ILE A CD1 1 
ATOM   402  N  N   . LYS A 1 48  ? 4.007   -12.963 -8.244  1.00 37.94 ? 1026 LYS A N   1 
ATOM   403  C  CA  . LYS A 1 48  ? 2.784   -13.093 -9.056  1.00 42.78 ? 1026 LYS A CA  1 
ATOM   404  C  C   . LYS A 1 48  ? 1.907   -11.844 -9.050  1.00 42.89 ? 1026 LYS A C   1 
ATOM   405  O  O   . LYS A 1 48  ? 1.199   -11.584 -10.019 1.00 39.68 ? 1026 LYS A O   1 
ATOM   406  C  CB  . LYS A 1 48  ? 1.962   -14.288 -8.557  1.00 48.36 ? 1026 LYS A CB  1 
ATOM   407  C  CG  . LYS A 1 48  ? 2.721   -15.603 -8.562  1.00 52.70 ? 1026 LYS A CG  1 
ATOM   408  C  CD  . LYS A 1 48  ? 3.436   -15.796 -9.891  1.00 58.16 ? 1026 LYS A CD  1 
ATOM   409  C  CE  . LYS A 1 48  ? 4.055   -17.173 -10.031 1.00 59.94 ? 1026 LYS A CE  1 
ATOM   410  N  NZ  . LYS A 1 48  ? 4.835   -17.204 -11.304 1.00 63.30 ? 1026 LYS A NZ  1 
ATOM   411  N  N   . GLN A 1 49  ? 1.948   -11.072 -7.966  1.00 38.59 ? 1027 GLN A N   1 
ATOM   412  C  CA  . GLN A 1 49  ? 1.176   -9.827  -7.886  1.00 37.26 ? 1027 GLN A CA  1 
ATOM   413  C  C   . GLN A 1 49  ? 2.079   -8.693  -7.456  1.00 32.62 ? 1027 GLN A C   1 
ATOM   414  O  O   . GLN A 1 49  ? 2.071   -8.338  -6.288  1.00 30.77 ? 1027 GLN A O   1 
ATOM   415  C  CB  . GLN A 1 49  ? 0.091   -9.919  -6.823  1.00 39.38 ? 1027 GLN A CB  1 
ATOM   416  C  CG  . GLN A 1 49  ? -1.045  -10.853 -7.088  1.00 43.32 ? 1027 GLN A CG  1 
ATOM   417  C  CD  . GLN A 1 49  ? -2.158  -10.647 -6.088  1.00 42.32 ? 1027 GLN A CD  1 
ATOM   418  O  OE1 . GLN A 1 49  ? -2.231  -11.341 -5.077  1.00 42.08 ? 1027 GLN A OE1 1 
ATOM   419  N  NE2 . GLN A 1 49  ? -2.999  -9.660  -6.345  1.00 45.73 ? 1027 GLN A NE2 1 
ATOM   420  N  N   . PRO A 1 50  ? 2.823   -8.123  -8.393  1.00 32.96 ? 1028 PRO A N   1 
ATOM   421  C  CA  . PRO A 1 50  ? 3.660   -6.973  -8.100  1.00 32.52 ? 1028 PRO A CA  1 
ATOM   422  C  C   . PRO A 1 50  ? 2.827   -5.814  -7.587  1.00 31.75 ? 1028 PRO A C   1 
ATOM   423  O  O   . PRO A 1 50  ? 1.687   -5.596  -8.039  1.00 30.08 ? 1028 PRO A O   1 
ATOM   424  C  CB  . PRO A 1 50  ? 4.266   -6.618  -9.457  1.00 33.03 ? 1028 PRO A CB  1 
ATOM   425  C  CG  . PRO A 1 50  ? 4.179   -7.869  -10.259 1.00 35.31 ? 1028 PRO A CG  1 
ATOM   426  C  CD  . PRO A 1 50  ? 2.939   -8.553  -9.795  1.00 33.38 ? 1028 PRO A CD  1 
ATOM   427  N  N   . MET A 1 51  ? 3.375   -5.070  -6.640  1.00 27.92 ? 1029 MET A N   1 
ATOM   428  C  CA  . MET A 1 51  ? 2.672   -3.890  -6.120  1.00 28.16 ? 1029 MET A CA  1 
ATOM   429  C  C   . MET A 1 51  ? 3.713   -2.878  -5.683  1.00 27.41 ? 1029 MET A C   1 
ATOM   430  O  O   . MET A 1 51  ? 4.800   -3.265  -5.282  1.00 28.87 ? 1029 MET A O   1 
ATOM   431  C  CB  . MET A 1 51  ? 1.752   -4.295  -4.969  1.00 29.48 ? 1029 MET A CB  1 
ATOM   432  C  CG  . MET A 1 51  ? 0.771   -3.215  -4.472  1.00 29.32 ? 1029 MET A CG  1 
ATOM   433  S  SD  . MET A 1 51  ? -0.193  -2.397  -5.752  1.00 30.89 ? 1029 MET A SD  1 
ATOM   434  C  CE  . MET A 1 51  ? -1.085  -3.839  -6.324  1.00 33.18 ? 1029 MET A CE  1 
ATOM   435  N  N   . ASP A 1 52  ? 3.382   -1.605  -5.831  1.00 28.39 ? 1030 ASP A N   1 
ATOM   436  C  CA  . ASP A 1 52  ? 4.247   -0.496  -5.498  1.00 28.78 ? 1030 ASP A CA  1 
ATOM   437  C  C   . ASP A 1 52  ? 3.371   0.730   -5.229  1.00 28.52 ? 1030 ASP A C   1 
ATOM   438  O  O   . ASP A 1 52  ? 2.173   0.746   -5.557  1.00 26.38 ? 1030 ASP A O   1 
ATOM   439  C  CB  . ASP A 1 52  ? 5.186   -0.198  -6.653  1.00 28.91 ? 1030 ASP A CB  1 
ATOM   440  C  CG  . ASP A 1 52  ? 4.461   0.381   -7.833  1.00 31.07 ? 1030 ASP A CG  1 
ATOM   441  O  OD1 . ASP A 1 52  ? 3.880   -0.397  -8.623  1.00 36.55 ? 1030 ASP A OD1 1 
ATOM   442  O  OD2 . ASP A 1 52  ? 4.415   1.619   -7.952  1.00 35.45 ? 1030 ASP A OD2 1 
ATOM   443  N  N   . LEU A 1 53  ? 3.970   1.761   -4.645  1.00 26.43 ? 1031 LEU A N   1 
ATOM   444  C  CA  . LEU A 1 53  ? 3.210   2.936   -4.258  1.00 25.71 ? 1031 LEU A CA  1 
ATOM   445  C  C   . LEU A 1 53  ? 2.606   3.742   -5.417  1.00 26.60 ? 1031 LEU A C   1 
ATOM   446  O  O   . LEU A 1 53  ? 1.551   4.374   -5.233  1.00 26.25 ? 1031 LEU A O   1 
ATOM   447  C  CB  . LEU A 1 53  ? 4.036   3.843   -3.359  1.00 24.51 ? 1031 LEU A CB  1 
ATOM   448  C  CG  . LEU A 1 53  ? 4.449   3.191   -2.034  1.00 24.31 ? 1031 LEU A CG  1 
ATOM   449  C  CD1 . LEU A 1 53  ? 5.401   4.126   -1.289  1.00 24.95 ? 1031 LEU A CD1 1 
ATOM   450  C  CD2 . LEU A 1 53  ? 3.248   2.875   -1.160  1.00 24.75 ? 1031 LEU A CD2 1 
ATOM   451  N  N   . SER A 1 54  ? 3.237   3.758   -6.599  1.00 26.36 ? 1032 SER A N   1 
ATOM   452  C  CA  A SER A 1 54  ? 2.644   4.448   -7.749  0.44 27.77 ? 1032 SER A CA  1 
ATOM   453  C  CA  B SER A 1 54  ? 2.637   4.440   -7.755  0.56 28.86 ? 1032 SER A CA  1 
ATOM   454  C  C   . SER A 1 54  ? 1.383   3.715   -8.204  1.00 27.41 ? 1032 SER A C   1 
ATOM   455  O  O   . SER A 1 54  ? 0.400   4.351   -8.588  1.00 28.40 ? 1032 SER A O   1 
ATOM   456  C  CB  A SER A 1 54  ? 3.633   4.600   -8.927  0.44 27.63 ? 1032 SER A CB  1 
ATOM   457  C  CB  B SER A 1 54  ? 3.603   4.569   -8.948  0.56 29.72 ? 1032 SER A CB  1 
ATOM   458  O  OG  A SER A 1 54  ? 4.101   3.340   -9.366  0.44 29.78 ? 1032 SER A OG  1 
ATOM   459  O  OG  B SER A 1 54  ? 4.688   5.387   -8.598  0.56 35.32 ? 1032 SER A OG  1 
ATOM   460  N  N   . SER A 1 55  ? 1.413   2.395   -8.147  1.00 26.92 ? 1033 SER A N   1 
ATOM   461  C  CA  . SER A 1 55  ? 0.267   1.581   -8.533  1.00 30.17 ? 1033 SER A CA  1 
ATOM   462  C  C   . SER A 1 55  ? -0.851  1.730   -7.529  1.00 27.69 ? 1033 SER A C   1 
ATOM   463  O  O   . SER A 1 55  ? -2.025  1.690   -7.881  1.00 25.46 ? 1033 SER A O   1 
ATOM   464  C  CB  . SER A 1 55  ? 0.635   0.104   -8.681  1.00 31.53 ? 1033 SER A CB  1 
ATOM   465  O  OG  . SER A 1 55  ? 1.583   -0.043  -9.741  1.00 33.16 ? 1033 SER A OG  1 
ATOM   466  N  N   . VAL A 1 56  ? -0.483  1.875   -6.257  1.00 25.25 ? 1034 VAL A N   1 
ATOM   467  C  CA  . VAL A 1 56  ? -1.495  2.169   -5.239  1.00 24.58 ? 1034 VAL A CA  1 
ATOM   468  C  C   . VAL A 1 56  ? -2.209  3.482   -5.548  1.00 23.01 ? 1034 VAL A C   1 
ATOM   469  O  O   . VAL A 1 56  ? -3.457  3.524   -5.499  1.00 24.97 ? 1034 VAL A O   1 
ATOM   470  C  CB  . VAL A 1 56  ? -0.883  2.135   -3.821  1.00 23.32 ? 1034 VAL A CB  1 
ATOM   471  C  CG1 . VAL A 1 56  ? -1.826  2.703   -2.769  1.00 23.62 ? 1034 VAL A CG1 1 
ATOM   472  C  CG2 . VAL A 1 56  ? -0.501  0.726   -3.462  1.00 24.48 ? 1034 VAL A CG2 1 
ATOM   473  N  N   . ILE A 1 57  ? -1.475  4.542   -5.900  1.00 23.87 ? 1035 ILE A N   1 
ATOM   474  C  CA  . ILE A 1 57  ? -2.069  5.833   -6.257  1.00 24.24 ? 1035 ILE A CA  1 
ATOM   475  C  C   . ILE A 1 57  ? -3.008  5.651   -7.448  1.00 25.94 ? 1035 ILE A C   1 
ATOM   476  O  O   . ILE A 1 57  ? -4.127  6.131   -7.431  1.00 24.61 ? 1035 ILE A O   1 
ATOM   477  C  CB  . ILE A 1 57  ? -1.015  6.905   -6.575  1.00 28.02 ? 1035 ILE A CB  1 
ATOM   478  C  CG1 . ILE A 1 57  ? -0.237  7.267   -5.304  1.00 31.45 ? 1035 ILE A CG1 1 
ATOM   479  C  CG2 . ILE A 1 57  ? -1.660  8.147   -7.181  1.00 29.10 ? 1035 ILE A CG2 1 
ATOM   480  C  CD1 . ILE A 1 57  ? -1.035  8.104   -4.333  1.00 36.15 ? 1035 ILE A CD1 1 
ATOM   481  N  N   . SER A 1 58  ? -2.553  4.920   -8.453  1.00 27.26 ? 1036 SER A N   1 
ATOM   482  C  CA  . SER A 1 58  ? -3.411  4.573   -9.617  1.00 27.47 ? 1036 SER A CA  1 
ATOM   483  C  C   . SER A 1 58  ? -4.703  3.898   -9.220  1.00 26.27 ? 1036 SER A C   1 
ATOM   484  O  O   . SER A 1 58  ? -5.783  4.278   -9.697  1.00 27.22 ? 1036 SER A O   1 
ATOM   485  C  CB  . SER A 1 58  ? -2.643  3.653   -10.579 1.00 30.24 ? 1036 SER A CB  1 
ATOM   486  O  OG  . SER A 1 58  ? -1.600  4.404   -11.136 1.00 36.19 ? 1036 SER A OG  1 
ATOM   487  N  N   . LYS A 1 59  ? -4.604  2.908   -8.339  1.00 24.23 ? 1037 LYS A N   1 
ATOM   488  C  CA  . LYS A 1 59  ? -5.762  2.196   -7.867  1.00 25.63 ? 1037 LYS A CA  1 
ATOM   489  C  C   . LYS A 1 59  ? -6.711  3.072   -7.045  1.00 25.68 ? 1037 LYS A C   1 
ATOM   490  O  O   . LYS A 1 59  ? -7.931  2.930   -7.141  1.00 25.92 ? 1037 LYS A O   1 
ATOM   491  C  CB  . LYS A 1 59  ? -5.353  0.940   -7.119  1.00 25.64 ? 1037 LYS A CB  1 
ATOM   492  C  CG  . LYS A 1 59  ? -4.857  -0.176  -8.034  1.00 25.99 ? 1037 LYS A CG  1 
ATOM   493  C  CD  . LYS A 1 59  ? -4.468  -1.424  -7.275  1.00 26.02 ? 1037 LYS A CD  1 
ATOM   494  C  CE  . LYS A 1 59  ? -5.696  -2.138  -6.724  1.00 29.45 ? 1037 LYS A CE  1 
ATOM   495  N  NZ  . LYS A 1 59  ? -5.370  -3.467  -6.180  1.00 31.75 ? 1037 LYS A NZ  1 
ATOM   496  N  N   . ILE A 1 60  ? -6.175  4.016   -6.263  1.00 23.72 ? 1038 ILE A N   1 
ATOM   497  C  CA  . ILE A 1 60  ? -7.040  4.957   -5.548  1.00 24.31 ? 1038 ILE A CA  1 
ATOM   498  C  C   . ILE A 1 60  ? -7.873  5.738   -6.574  1.00 24.58 ? 1038 ILE A C   1 
ATOM   499  O  O   . ILE A 1 60  ? -9.121  5.849   -6.431  1.00 24.40 ? 1038 ILE A O   1 
ATOM   500  C  CB  . ILE A 1 60  ? -6.258  5.945   -4.648  1.00 23.66 ? 1038 ILE A CB  1 
ATOM   501  C  CG1 . ILE A 1 60  ? -5.537  5.208   -3.513  1.00 23.23 ? 1038 ILE A CG1 1 
ATOM   502  C  CG2 . ILE A 1 60  ? -7.217  7.002   -4.111  1.00 24.20 ? 1038 ILE A CG2 1 
ATOM   503  C  CD1 . ILE A 1 60  ? -4.470  6.066   -2.842  1.00 22.85 ? 1038 ILE A CD1 1 
ATOM   504  N  N   . ASP A 1 61  ? -7.177  6.228   -7.598  1.00 24.45 ? 1039 ASP A N   1 
ATOM   505  C  CA  . ASP A 1 61  ? -7.763  7.112   -8.614  1.00 27.18 ? 1039 ASP A CA  1 
ATOM   506  C  C   . ASP A 1 61  ? -8.780  6.360   -9.473  1.00 29.92 ? 1039 ASP A C   1 
ATOM   507  O  O   . ASP A 1 61  ? -9.737  6.981   -9.967  1.00 30.19 ? 1039 ASP A O   1 
ATOM   508  C  CB  . ASP A 1 61  ? -6.679  7.733   -9.483  1.00 28.52 ? 1039 ASP A CB  1 
ATOM   509  C  CG  . ASP A 1 61  ? -5.831  8.766   -8.736  1.00 30.67 ? 1039 ASP A CG  1 
ATOM   510  O  OD1 . ASP A 1 61  ? -6.179  9.128   -7.601  1.00 30.61 ? 1039 ASP A OD1 1 
ATOM   511  O  OD2 . ASP A 1 61  ? -4.782  9.222   -9.274  1.00 33.49 ? 1039 ASP A OD2 1 
ATOM   512  N  N   . LEU A 1 62  ? -8.595  5.043   -9.608  1.00 28.62 ? 1040 LEU A N   1 
ATOM   513  C  CA  . LEU A 1 62  ? -9.538  4.155   -10.321 1.00 28.65 ? 1040 LEU A CA  1 
ATOM   514  C  C   . LEU A 1 62  ? -10.673 3.681   -9.441  1.00 30.23 ? 1040 LEU A C   1 
ATOM   515  O  O   . LEU A 1 62  ? -11.452 2.831   -9.852  1.00 31.27 ? 1040 LEU A O   1 
ATOM   516  C  CB  . LEU A 1 62  ? -8.807  2.944   -10.907 1.00 28.96 ? 1040 LEU A CB  1 
ATOM   517  C  CG  . LEU A 1 62  ? -7.810  3.285   -12.011 1.00 29.70 ? 1040 LEU A CG  1 
ATOM   518  C  CD1 . LEU A 1 62  ? -6.892  2.110   -12.312 1.00 31.34 ? 1040 LEU A CD1 1 
ATOM   519  C  CD2 . LEU A 1 62  ? -8.530  3.708   -13.289 1.00 30.66 ? 1040 LEU A CD2 1 
ATOM   520  N  N   . HIS A 1 63  ? -10.779 4.201   -8.210  1.00 28.55 ? 1041 HIS A N   1 
ATOM   521  C  CA  . HIS A 1 63  ? -11.842 3.821   -7.285  1.00 27.20 ? 1041 HIS A CA  1 
ATOM   522  C  C   . HIS A 1 63  ? -11.844 2.331   -6.909  1.00 30.56 ? 1041 HIS A C   1 
ATOM   523  O  O   . HIS A 1 63  ? -12.875 1.730   -6.601  1.00 31.29 ? 1041 HIS A O   1 
ATOM   524  C  CB  . HIS A 1 63  ? -13.236 4.274   -7.804  1.00 29.12 ? 1041 HIS A CB  1 
ATOM   525  C  CG  . HIS A 1 63  ? -13.354 5.732   -8.086  1.00 30.74 ? 1041 HIS A CG  1 
ATOM   526  N  ND1 . HIS A 1 63  ? -14.576 6.346   -8.266  1.00 34.00 ? 1041 HIS A ND1 1 
ATOM   527  C  CD2 . HIS A 1 63  ? -12.424 6.711   -8.215  1.00 32.92 ? 1041 HIS A CD2 1 
ATOM   528  C  CE1 . HIS A 1 63  ? -14.393 7.632   -8.499  1.00 31.71 ? 1041 HIS A CE1 1 
ATOM   529  N  NE2 . HIS A 1 63  ? -13.098 7.879   -8.486  1.00 35.57 ? 1041 HIS A NE2 1 
ATOM   530  N  N   . LYS A 1 64  ? -10.663 1.742   -6.814  1.00 28.78 ? 1042 LYS A N   1 
ATOM   531  C  CA  . LYS A 1 64  ? -10.549 0.349   -6.469  1.00 27.75 ? 1042 LYS A CA  1 
ATOM   532  C  C   . LYS A 1 64  ? -10.583 0.108   -4.974  1.00 29.11 ? 1042 LYS A C   1 
ATOM   533  O  O   . LYS A 1 64  ? -10.800 -1.010  -4.560  1.00 30.08 ? 1042 LYS A O   1 
ATOM   534  C  CB  . LYS A 1 64  ? -9.255  -0.253  -7.033  1.00 31.51 ? 1042 LYS A CB  1 
ATOM   535  C  CG  . LYS A 1 64  ? -9.110  -0.161  -8.541  1.00 35.51 ? 1042 LYS A CG  1 
ATOM   536  C  CD  . LYS A 1 64  ? -10.016 -1.157  -9.222  1.00 41.11 ? 1042 LYS A CD  1 
ATOM   537  C  CE  . LYS A 1 64  ? -9.883  -1.114  -10.749 1.00 45.28 ? 1042 LYS A CE  1 
ATOM   538  N  NZ  . LYS A 1 64  ? -8.813  -2.022  -11.233 0.72 47.28 ? 1042 LYS A NZ  1 
ATOM   539  N  N   . TYR A 1 65  ? -10.349 1.123   -4.141  1.00 26.19 ? 1043 TYR A N   1 
ATOM   540  C  CA  . TYR A 1 65  ? -10.394 0.901   -2.707  1.00 24.61 ? 1043 TYR A CA  1 
ATOM   541  C  C   . TYR A 1 65  ? -11.643 1.545   -2.125  1.00 25.28 ? 1043 TYR A C   1 
ATOM   542  O  O   . TYR A 1 65  ? -11.778 2.760   -2.174  1.00 29.84 ? 1043 TYR A O   1 
ATOM   543  C  CB  . TYR A 1 65  ? -9.186  1.500   -2.008  1.00 24.08 ? 1043 TYR A CB  1 
ATOM   544  C  CG  . TYR A 1 65  ? -7.844  1.008   -2.509  1.00 23.28 ? 1043 TYR A CG  1 
ATOM   545  C  CD1 . TYR A 1 65  ? -7.484  -0.322  -2.446  1.00 24.50 ? 1043 TYR A CD1 1 
ATOM   546  C  CD2 . TYR A 1 65  ? -6.920  1.918   -3.054  1.00 23.18 ? 1043 TYR A CD2 1 
ATOM   547  C  CE1 . TYR A 1 65  ? -6.232  -0.748  -2.918  1.00 25.03 ? 1043 TYR A CE1 1 
ATOM   548  C  CE2 . TYR A 1 65  ? -5.676  1.492   -3.509  1.00 22.73 ? 1043 TYR A CE2 1 
ATOM   549  C  CZ  . TYR A 1 65  ? -5.340  0.162   -3.443  1.00 23.96 ? 1043 TYR A CZ  1 
ATOM   550  O  OH  . TYR A 1 65  ? -4.077  -0.246  -3.920  1.00 24.49 ? 1043 TYR A OH  1 
ATOM   551  N  N   . LEU A 1 66  ? -12.527 0.727   -1.570  1.00 25.01 ? 1044 LEU A N   1 
ATOM   552  C  CA  . LEU A 1 66  ? -13.748 1.239   -0.921  1.00 27.47 ? 1044 LEU A CA  1 
ATOM   553  C  C   . LEU A 1 66  ? -13.633 1.169   0.581   1.00 27.34 ? 1044 LEU A C   1 
ATOM   554  O  O   . LEU A 1 66  ? -14.498 1.689   1.277   1.00 25.39 ? 1044 LEU A O   1 
ATOM   555  C  CB  . LEU A 1 66  ? -14.980 0.442   -1.388  1.00 29.47 ? 1044 LEU A CB  1 
ATOM   556  C  CG  . LEU A 1 66  ? -15.262 0.382   -2.893  1.00 34.56 ? 1044 LEU A CG  1 
ATOM   557  C  CD1 . LEU A 1 66  ? -16.633 -0.253  -3.147  1.00 36.28 ? 1044 LEU A CD1 1 
ATOM   558  C  CD2 . LEU A 1 66  ? -15.192 1.744   -3.534  1.00 34.92 ? 1044 LEU A CD2 1 
ATOM   559  N  N   . THR A 1 67  ? -12.546 0.566   1.108   1.00 24.61 ? 1045 THR A N   1 
ATOM   560  C  CA  . THR A 1 67  ? -12.320 0.559   2.541   1.00 23.63 ? 1045 THR A CA  1 
ATOM   561  C  C   . THR A 1 67  ? -10.820 0.667   2.791   1.00 24.04 ? 1045 THR A C   1 
ATOM   562  O  O   . THR A 1 67  ? -10.026 0.406   1.870   1.00 23.20 ? 1045 THR A O   1 
ATOM   563  C  CB  . THR A 1 67  ? -12.809 -0.723  3.217   1.00 26.16 ? 1045 THR A CB  1 
ATOM   564  O  OG1 . THR A 1 67  ? -11.986 -1.830  2.839   1.00 28.03 ? 1045 THR A OG1 1 
ATOM   565  C  CG2 . THR A 1 67  ? -14.275 -1.039  2.831   1.00 27.93 ? 1045 THR A CG2 1 
ATOM   566  N  N   . VAL A 1 68  ? -10.465 1.055   4.005   1.00 24.45 ? 1046 VAL A N   1 
ATOM   567  C  CA  A VAL A 1 68  ? -9.049  1.130   4.369   0.68 25.26 ? 1046 VAL A CA  1 
ATOM   568  C  CA  B VAL A 1 68  ? -9.050  1.125   4.393   0.32 25.59 ? 1046 VAL A CA  1 
ATOM   569  C  C   . VAL A 1 68  ? -8.457  -0.287  4.418   1.00 26.66 ? 1046 VAL A C   1 
ATOM   570  O  O   . VAL A 1 68  ? -7.258  -0.485  4.106   1.00 26.22 ? 1046 VAL A O   1 
ATOM   571  C  CB  A VAL A 1 68  ? -8.824  1.870   5.694   0.68 25.67 ? 1046 VAL A CB  1 
ATOM   572  C  CB  B VAL A 1 68  ? -8.844  1.840   5.752   0.32 25.94 ? 1046 VAL A CB  1 
ATOM   573  C  CG1 A VAL A 1 68  ? -7.341  1.863   6.034   0.68 25.81 ? 1046 VAL A CG1 1 
ATOM   574  C  CG1 B VAL A 1 68  ? -8.814  0.857   6.915   0.32 27.00 ? 1046 VAL A CG1 1 
ATOM   575  C  CG2 A VAL A 1 68  ? -9.324  3.312   5.604   0.68 25.86 ? 1046 VAL A CG2 1 
ATOM   576  C  CG2 B VAL A 1 68  ? -7.550  2.641   5.737   0.32 25.26 ? 1046 VAL A CG2 1 
ATOM   577  N  N   . LYS A 1 69  ? -9.260  -1.290  4.794   1.00 28.00 ? 1047 LYS A N   1 
ATOM   578  C  CA  . LYS A 1 69  ? -8.785  -2.677  4.745   1.00 31.21 ? 1047 LYS A CA  1 
ATOM   579  C  C   . LYS A 1 69  ? -8.332  -3.110  3.379   1.00 29.91 ? 1047 LYS A C   1 
ATOM   580  O  O   . LYS A 1 69  ? -7.307  -3.810  3.255   1.00 31.37 ? 1047 LYS A O   1 
ATOM   581  C  CB  . LYS A 1 69  ? -9.822  -3.686  5.279   1.00 37.59 ? 1047 LYS A CB  1 
ATOM   582  C  CG  . LYS A 1 69  ? -9.939  -3.640  6.777   1.00 47.24 ? 1047 LYS A CG  1 
ATOM   583  C  CD  . LYS A 1 69  ? -10.834 -4.729  7.374   1.00 56.93 ? 1047 LYS A CD  1 
ATOM   584  C  CE  . LYS A 1 69  ? -10.866 -4.582  8.897   1.00 62.86 ? 1047 LYS A CE  1 
ATOM   585  N  NZ  . LYS A 1 69  ? -11.406 -5.782  9.598   1.00 71.34 ? 1047 LYS A NZ  1 
ATOM   586  N  N   . ASP A 1 70  ? -9.050  -2.702  2.335   1.00 27.84 ? 1048 ASP A N   1 
ATOM   587  C  CA  . ASP A 1 70  ? -8.639  -3.063  0.988   1.00 28.49 ? 1048 ASP A CA  1 
ATOM   588  C  C   . ASP A 1 70  ? -7.286  -2.374  0.597   1.00 26.65 ? 1048 ASP A C   1 
ATOM   589  O  O   . ASP A 1 70  ? -6.451  -2.966  -0.044  1.00 26.88 ? 1048 ASP A O   1 
ATOM   590  C  CB  . ASP A 1 70  ? -9.720  -2.746  -0.018  1.00 32.91 ? 1048 ASP A CB  1 
ATOM   591  C  CG  . ASP A 1 70  ? -10.941 -3.679  0.126   1.00 37.71 ? 1048 ASP A CG  1 
ATOM   592  O  OD1 . ASP A 1 70  ? -10.856 -4.718  0.812   1.00 44.74 ? 1048 ASP A OD1 1 
ATOM   593  O  OD2 . ASP A 1 70  ? -11.988 -3.322  -0.413  1.00 48.24 ? 1048 ASP A OD2 1 
ATOM   594  N  N   . TYR A 1 71  ? -7.115  -1.122  1.002   1.00 24.20 ? 1049 TYR A N   1 
ATOM   595  C  CA  . TYR A 1 71  ? -5.834  -0.425  0.827   1.00 23.48 ? 1049 TYR A CA  1 
ATOM   596  C  C   . TYR A 1 71  ? -4.677  -1.140  1.568   1.00 23.43 ? 1049 TYR A C   1 
ATOM   597  O  O   . TYR A 1 71  ? -3.592  -1.366  0.993   1.00 23.73 ? 1049 TYR A O   1 
ATOM   598  C  CB  . TYR A 1 71  ? -6.016  1.002   1.328   1.00 21.61 ? 1049 TYR A CB  1 
ATOM   599  C  CG  . TYR A 1 71  ? -4.788  1.822   1.405   1.00 21.13 ? 1049 TYR A CG  1 
ATOM   600  C  CD1 . TYR A 1 71  ? -4.329  2.504   0.312   1.00 20.21 ? 1049 TYR A CD1 1 
ATOM   601  C  CD2 . TYR A 1 71  ? -4.093  1.928   2.601   1.00 21.41 ? 1049 TYR A CD2 1 
ATOM   602  C  CE1 . TYR A 1 71  ? -3.199  3.303   0.388   1.00 20.55 ? 1049 TYR A CE1 1 
ATOM   603  C  CE2 . TYR A 1 71  ? -2.961  2.725   2.706   1.00 20.90 ? 1049 TYR A CE2 1 
ATOM   604  C  CZ  . TYR A 1 71  ? -2.503  3.389   1.590   1.00 21.96 ? 1049 TYR A CZ  1 
ATOM   605  O  OH  . TYR A 1 71  ? -1.400  4.218   1.654   1.00 22.09 ? 1049 TYR A OH  1 
ATOM   606  N  N   . LEU A 1 72  ? -4.899  -1.475  2.840   1.00 23.78 ? 1050 LEU A N   1 
ATOM   607  C  CA  . LEU A 1 72  ? -3.847  -2.114  3.648   1.00 25.41 ? 1050 LEU A CA  1 
ATOM   608  C  C   . LEU A 1 72  ? -3.483  -3.478  3.107   1.00 28.06 ? 1050 LEU A C   1 
ATOM   609  O  O   . LEU A 1 72  ? -2.332  -3.926  3.261   1.00 27.01 ? 1050 LEU A O   1 
ATOM   610  C  CB  . LEU A 1 72  ? -4.207  -2.191  5.113   1.00 25.61 ? 1050 LEU A CB  1 
ATOM   611  C  CG  . LEU A 1 72  ? -4.260  -0.856  5.833   1.00 26.89 ? 1050 LEU A CG  1 
ATOM   612  C  CD1 . LEU A 1 72  ? -4.886  -1.053  7.201   1.00 30.44 ? 1050 LEU A CD1 1 
ATOM   613  C  CD2 . LEU A 1 72  ? -2.882  -0.204  5.925   1.00 27.21 ? 1050 LEU A CD2 1 
ATOM   614  N  N   . ARG A 1 73  ? -4.402  -4.126  2.394   1.00 26.92 ? 1051 ARG A N   1 
ATOM   615  C  CA  . ARG A 1 73  ? -4.052  -5.384  1.751   1.00 28.49 ? 1051 ARG A CA  1 
ATOM   616  C  C   . ARG A 1 73  ? -2.987  -5.211  0.685   1.00 26.06 ? 1051 ARG A C   1 
ATOM   617  O  O   . ARG A 1 73  ? -2.126  -6.072  0.533   1.00 28.67 ? 1051 ARG A O   1 
ATOM   618  C  CB  . ARG A 1 73  ? -5.292  -6.086  1.157   1.00 34.75 ? 1051 ARG A CB  1 
ATOM   619  C  CG  . ARG A 1 73  ? -5.974  -7.011  2.136   1.00 42.70 ? 1051 ARG A CG  1 
ATOM   620  C  CD  . ARG A 1 73  ? -6.929  -7.983  1.419   1.00 50.17 ? 1051 ARG A CD  1 
ATOM   621  N  NE  . ARG A 1 73  ? -8.281  -7.438  1.407   1.00 59.90 ? 1051 ARG A NE  1 
ATOM   622  C  CZ  . ARG A 1 73  ? -9.106  -7.432  2.457   1.00 63.37 ? 1051 ARG A CZ  1 
ATOM   623  N  NH1 . ARG A 1 73  ? -8.733  -7.962  3.621   1.00 64.96 ? 1051 ARG A NH1 1 
ATOM   624  N  NH2 . ARG A 1 73  ? -10.311 -6.887  2.342   1.00 67.08 ? 1051 ARG A NH2 1 
ATOM   625  N  N   . ASP A 1 74  ? -3.015  -4.087  -0.028  1.00 24.97 ? 1052 ASP A N   1 
ATOM   626  C  CA  . ASP A 1 74  ? -2.013  -3.782  -1.023  1.00 23.73 ? 1052 ASP A CA  1 
ATOM   627  C  C   . ASP A 1 74  ? -0.707  -3.311  -0.359  1.00 24.10 ? 1052 ASP A C   1 
ATOM   628  O  O   . ASP A 1 74  ? 0.381   -3.675  -0.836  1.00 23.61 ? 1052 ASP A O   1 
ATOM   629  C  CB  . ASP A 1 74  ? -2.527  -2.796  -2.051  1.00 25.68 ? 1052 ASP A CB  1 
ATOM   630  C  CG  . ASP A 1 74  ? -3.332  -3.474  -3.178  1.00 29.47 ? 1052 ASP A CG  1 
ATOM   631  O  OD1 . ASP A 1 74  ? -3.327  -4.736  -3.197  1.00 29.48 ? 1052 ASP A OD1 1 
ATOM   632  O  OD2 . ASP A 1 74  ? -3.883  -2.735  -4.054  1.00 28.51 ? 1052 ASP A OD2 1 
ATOM   633  N  N   . ILE A 1 75  ? -0.799  -2.566  0.738   1.00 22.98 ? 1053 ILE A N   1 
ATOM   634  C  CA  . ILE A 1 75  ? 0.446   -2.230  1.498   1.00 23.51 ? 1053 ILE A CA  1 
ATOM   635  C  C   . ILE A 1 75  ? 1.109   -3.540  1.968   1.00 24.30 ? 1053 ILE A C   1 
ATOM   636  O  O   . ILE A 1 75  ? 2.338   -3.726  1.831   1.00 24.88 ? 1053 ILE A O   1 
ATOM   637  C  CB  . ILE A 1 75  ? 0.155   -1.308  2.711   1.00 24.61 ? 1053 ILE A CB  1 
ATOM   638  C  CG1 . ILE A 1 75  ? -0.425  0.038   2.263   1.00 24.32 ? 1053 ILE A CG1 1 
ATOM   639  C  CG2 . ILE A 1 75  ? 1.435   -1.075  3.518   1.00 25.14 ? 1053 ILE A CG2 1 
ATOM   640  C  CD1 . ILE A 1 75  ? 0.404   0.834   1.274   1.00 26.53 ? 1053 ILE A CD1 1 
ATOM   641  N  N   . ASP A 1 76  ? 0.309   -4.444  2.539   1.00 24.22 ? 1054 ASP A N   1 
ATOM   642  C  CA  . ASP A 1 76  ? 0.769   -5.758  2.956   1.00 26.90 ? 1054 ASP A CA  1 
ATOM   643  C  C   . ASP A 1 76  ? 1.458   -6.511  1.818   1.00 25.75 ? 1054 ASP A C   1 
ATOM   644  O  O   . ASP A 1 76  ? 2.457   -7.205  2.079   1.00 26.61 ? 1054 ASP A O   1 
ATOM   645  C  CB  . ASP A 1 76  ? -0.349  -6.648  3.494   1.00 29.65 ? 1054 ASP A CB  1 
ATOM   646  C  CG  . ASP A 1 76  ? -0.891  -6.207  4.839   1.00 35.47 ? 1054 ASP A CG  1 
ATOM   647  O  OD1 . ASP A 1 76  ? -0.211  -5.518  5.597   1.00 38.59 ? 1054 ASP A OD1 1 
ATOM   648  O  OD2 . ASP A 1 76  ? -2.027  -6.605  5.164   1.00 42.70 ? 1054 ASP A OD2 1 
ATOM   649  N  N   . LEU A 1 77  ? 0.935   -6.410  0.588   1.00 25.06 ? 1055 LEU A N   1 
ATOM   650  C  CA  . LEU A 1 77  ? 1.475   -7.104  -0.564  1.00 25.78 ? 1055 LEU A CA  1 
ATOM   651  C  C   . LEU A 1 77  ? 2.839   -6.511  -0.969  1.00 25.84 ? 1055 LEU A C   1 
ATOM   652  O  O   . LEU A 1 77  ? 3.786   -7.241  -1.326  1.00 26.01 ? 1055 LEU A O   1 
ATOM   653  C  CB  . LEU A 1 77  ? 0.470   -6.980  -1.734  1.00 28.47 ? 1055 LEU A CB  1 
ATOM   654  C  CG  . LEU A 1 77  ? 0.784   -7.646  -3.045  1.00 31.35 ? 1055 LEU A CG  1 
ATOM   655  C  CD1 . LEU A 1 77  ? 0.951   -9.142  -2.812  1.00 32.09 ? 1055 LEU A CD1 1 
ATOM   656  C  CD2 . LEU A 1 77  ? -0.337  -7.314  -4.031  1.00 30.85 ? 1055 LEU A CD2 1 
ATOM   657  N  N   . ILE A 1 78  ? 2.972   -5.193  -0.892  1.00 26.05 ? 1056 ILE A N   1 
ATOM   658  C  CA  . ILE A 1 78  ? 4.284   -4.571  -1.130  1.00 24.80 ? 1056 ILE A CA  1 
ATOM   659  C  C   . ILE A 1 78  ? 5.294   -5.215  -0.164  1.00 25.24 ? 1056 ILE A C   1 
ATOM   660  O  O   . ILE A 1 78  ? 6.395   -5.647  -0.579  1.00 26.42 ? 1056 ILE A O   1 
ATOM   661  C  CB  . ILE A 1 78  ? 4.263   -3.034  -0.946  1.00 25.37 ? 1056 ILE A CB  1 
ATOM   662  C  CG1 . ILE A 1 78  ? 3.384   -2.350  -2.011  1.00 24.78 ? 1056 ILE A CG1 1 
ATOM   663  C  CG2 . ILE A 1 78  ? 5.686   -2.491  -1.001  1.00 27.26 ? 1056 ILE A CG2 1 
ATOM   664  C  CD1 . ILE A 1 78  ? 3.180   -0.856  -1.812  1.00 24.90 ? 1056 ILE A CD1 1 
ATOM   665  N  N   . CYS A 1 79  ? 4.922   -5.322  1.101   1.00 24.54 ? 1057 CYS A N   1 
ATOM   666  C  CA  . CYS A 1 79  ? 5.794   -5.889  2.113   1.00 28.09 ? 1057 CYS A CA  1 
ATOM   667  C  C   . CYS A 1 79  ? 6.062   -7.388  1.904   1.00 29.19 ? 1057 CYS A C   1 
ATOM   668  O  O   . CYS A 1 79  ? 7.230   -7.823  1.877   1.00 26.17 ? 1057 CYS A O   1 
ATOM   669  C  CB  . CYS A 1 79  ? 5.217   -5.664  3.501   1.00 28.02 ? 1057 CYS A CB  1 
ATOM   670  S  SG  . CYS A 1 79  ? 6.254   -6.234  4.866   1.00 30.80 ? 1057 CYS A SG  1 
ATOM   671  N  N   . SER A 1 80  ? 5.004   -8.197  1.777   1.00 26.47 ? 1058 SER A N   1 
ATOM   672  C  CA  . SER A 1 80  ? 5.209   -9.636  1.542   1.00 27.47 ? 1058 SER A CA  1 
ATOM   673  C  C   . SER A 1 80  ? 6.013   -9.967  0.267   1.00 26.07 ? 1058 SER A C   1 
ATOM   674  O  O   . SER A 1 80  ? 6.812   -10.919 0.278   1.00 28.48 ? 1058 SER A O   1 
ATOM   675  C  CB  . SER A 1 80  ? 3.872   -10.396 1.578   1.00 29.32 ? 1058 SER A CB  1 
ATOM   676  O  OG  . SER A 1 80  ? 3.021   -9.890  0.586   1.00 36.56 ? 1058 SER A OG  1 
ATOM   677  N  N   . ASN A 1 81  ? 5.829   -9.212  -0.816  1.00 25.01 ? 1059 ASN A N   1 
ATOM   678  C  CA  . ASN A 1 81  ? 6.566   -9.441  -2.056  1.00 25.61 ? 1059 ASN A CA  1 
ATOM   679  C  C   . ASN A 1 81  ? 8.083   -9.209  -1.800  1.00 27.11 ? 1059 ASN A C   1 
ATOM   680  O  O   . ASN A 1 81  ? 8.932   -9.952  -2.290  1.00 26.93 ? 1059 ASN A O   1 
ATOM   681  C  CB  . ASN A 1 81  ? 6.147   -8.500  -3.175  1.00 26.29 ? 1059 ASN A CB  1 
ATOM   682  C  CG  . ASN A 1 81  ? 4.784   -8.854  -3.794  1.00 26.18 ? 1059 ASN A CG  1 
ATOM   683  O  OD1 . ASN A 1 81  ? 4.228   -9.912  -3.537  1.00 28.99 ? 1059 ASN A OD1 1 
ATOM   684  N  ND2 . ASN A 1 81  ? 4.280   -7.969  -4.632  1.00 26.84 ? 1059 ASN A ND2 1 
ATOM   685  N  N   . ALA A 1 82  ? 8.393   -8.168  -1.030  1.00 26.27 ? 1060 ALA A N   1 
ATOM   686  C  CA  . ALA A 1 82  ? 9.809   -7.862  -0.733  1.00 26.35 ? 1060 ALA A CA  1 
ATOM   687  C  C   . ALA A 1 82  ? 10.427  -8.974  0.126   1.00 27.12 ? 1060 ALA A C   1 
ATOM   688  O  O   . ALA A 1 82  ? 11.579  -9.376  -0.115  1.00 29.64 ? 1060 ALA A O   1 
ATOM   689  C  CB  . ALA A 1 82  ? 9.920   -6.520  -0.037  1.00 27.36 ? 1060 ALA A CB  1 
ATOM   690  N  N   . LEU A 1 83  ? 9.681   -9.465  1.111   1.00 27.67 ? 1061 LEU A N   1 
ATOM   691  C  CA  . LEU A 1 83  ? 10.139  -10.564 1.963   1.00 31.90 ? 1061 LEU A CA  1 
ATOM   692  C  C   . LEU A 1 83  ? 10.327  -11.854 1.167   1.00 36.09 ? 1061 LEU A C   1 
ATOM   693  O  O   . LEU A 1 83  ? 11.259  -12.614 1.411   1.00 34.90 ? 1061 LEU A O   1 
ATOM   694  C  CB  . LEU A 1 83  ? 9.175   -10.812 3.119   1.00 33.05 ? 1061 LEU A CB  1 
ATOM   695  C  CG  . LEU A 1 83  ? 9.365   -9.975  4.394   1.00 38.27 ? 1061 LEU A CG  1 
ATOM   696  C  CD1 . LEU A 1 83  ? 9.889   -8.566  4.167   1.00 38.95 ? 1061 LEU A CD1 1 
ATOM   697  C  CD2 . LEU A 1 83  ? 8.072   -9.918  5.165   1.00 39.92 ? 1061 LEU A CD2 1 
ATOM   698  N  N   . GLU A 1 84  ? 9.439   -12.096 0.211   1.00 34.33 ? 1062 GLU A N   1 
ATOM   699  C  CA  . GLU A 1 84  ? 9.508   -13.313 -0.590  1.00 35.04 ? 1062 GLU A CA  1 
ATOM   700  C  C   . GLU A 1 84  ? 10.638  -13.242 -1.592  1.00 33.15 ? 1062 GLU A C   1 
ATOM   701  O  O   . GLU A 1 84  ? 11.365  -14.211 -1.759  1.00 36.17 ? 1062 GLU A O   1 
ATOM   702  C  CB  . GLU A 1 84  ? 8.174   -13.572 -1.317  1.00 40.33 ? 1062 GLU A CB  1 
ATOM   703  C  CG  . GLU A 1 84  ? 8.156   -14.831 -2.180  1.00 47.33 ? 1062 GLU A CG  1 
ATOM   704  C  CD  . GLU A 1 84  ? 6.843   -15.017 -2.948  1.00 58.39 ? 1062 GLU A CD  1 
ATOM   705  O  OE1 . GLU A 1 84  ? 5.805   -14.457 -2.507  1.00 58.69 ? 1062 GLU A OE1 1 
ATOM   706  O  OE2 . GLU A 1 84  ? 6.855   -15.719 -3.994  1.00 63.62 ? 1062 GLU A OE2 1 
ATOM   707  N  N   . TYR A 1 85  ? 10.805  -12.119 -2.257  1.00 30.86 ? 1063 TYR A N   1 
ATOM   708  C  CA  . TYR A 1 85  ? 11.828  -12.010 -3.265  1.00 32.17 ? 1063 TYR A CA  1 
ATOM   709  C  C   . TYR A 1 85  ? 13.249  -11.855 -2.682  1.00 34.13 ? 1063 TYR A C   1 
ATOM   710  O  O   . TYR A 1 85  ? 14.225  -12.137 -3.377  1.00 35.94 ? 1063 TYR A O   1 
ATOM   711  C  CB  . TYR A 1 85  ? 11.554  -10.867 -4.228  1.00 35.44 ? 1063 TYR A CB  1 
ATOM   712  C  CG  . TYR A 1 85  ? 12.418  -10.947 -5.451  1.00 39.13 ? 1063 TYR A CG  1 
ATOM   713  C  CD1 . TYR A 1 85  ? 12.111  -11.851 -6.473  1.00 41.76 ? 1063 TYR A CD1 1 
ATOM   714  C  CD2 . TYR A 1 85  ? 13.577  -10.180 -5.577  1.00 40.01 ? 1063 TYR A CD2 1 
ATOM   715  C  CE1 . TYR A 1 85  ? 12.906  -11.951 -7.595  1.00 43.08 ? 1063 TYR A CE1 1 
ATOM   716  C  CE2 . TYR A 1 85  ? 14.368  -10.272 -6.706  1.00 42.84 ? 1063 TYR A CE2 1 
ATOM   717  C  CZ  . TYR A 1 85  ? 14.022  -11.164 -7.706  1.00 44.26 ? 1063 TYR A CZ  1 
ATOM   718  O  OH  . TYR A 1 85  ? 14.787  -11.289 -8.834  1.00 53.21 ? 1063 TYR A OH  1 
ATOM   719  N  N   . ASN A 1 86  ? 13.354  -11.427 -1.424  1.00 32.75 ? 1064 ASN A N   1 
ATOM   720  C  CA  . ASN A 1 86  ? 14.657  -11.093 -0.821  1.00 32.13 ? 1064 ASN A CA  1 
ATOM   721  C  C   . ASN A 1 86  ? 14.775  -11.776 0.520   1.00 29.49 ? 1064 ASN A C   1 
ATOM   722  O  O   . ASN A 1 86  ? 14.846  -11.133 1.541   1.00 32.18 ? 1064 ASN A O   1 
ATOM   723  C  CB  . ASN A 1 86  ? 14.797  -9.562  -0.668  1.00 31.07 ? 1064 ASN A CB  1 
ATOM   724  C  CG  . ASN A 1 86  ? 14.581  -8.812  -1.962  1.00 33.39 ? 1064 ASN A CG  1 
ATOM   725  O  OD1 . ASN A 1 86  ? 15.483  -8.684  -2.788  1.00 32.18 ? 1064 ASN A OD1 1 
ATOM   726  N  ND2 . ASN A 1 86  ? 13.370  -8.284  -2.151  1.00 33.33 ? 1064 ASN A ND2 1 
ATOM   727  N  N   . PRO A 1 87  ? 14.820  -13.109 0.535   1.00 31.62 ? 1065 PRO A N   1 
ATOM   728  C  CA  . PRO A 1 87  ? 14.748  -13.884 1.782   1.00 31.94 ? 1065 PRO A CA  1 
ATOM   729  C  C   . PRO A 1 87  ? 16.093  -14.210 2.447   1.00 33.34 ? 1065 PRO A C   1 
ATOM   730  O  O   . PRO A 1 87  ? 16.095  -14.790 3.523   1.00 35.79 ? 1065 PRO A O   1 
ATOM   731  C  CB  . PRO A 1 87  ? 14.123  -15.203 1.307   1.00 33.73 ? 1065 PRO A CB  1 
ATOM   732  C  CG  . PRO A 1 87  ? 14.663  -15.356 -0.066  1.00 32.40 ? 1065 PRO A CG  1 
ATOM   733  C  CD  . PRO A 1 87  ? 14.762  -13.988 -0.658  1.00 34.13 ? 1065 PRO A CD  1 
ATOM   734  N  N   . ASP A 1 88  ? 17.198  -13.829 1.823   1.00 34.61 ? 1066 ASP A N   1 
ATOM   735  C  CA  . ASP A 1 88  ? 18.520  -14.313 2.274   1.00 35.75 ? 1066 ASP A CA  1 
ATOM   736  C  C   . ASP A 1 88  ? 19.091  -13.507 3.421   1.00 36.02 ? 1066 ASP A C   1 
ATOM   737  O  O   . ASP A 1 88  ? 18.548  -12.460 3.795   1.00 30.36 ? 1066 ASP A O   1 
ATOM   738  C  CB  . ASP A 1 88  ? 19.479  -14.385 1.096   1.00 36.85 ? 1066 ASP A CB  1 
ATOM   739  C  CG  . ASP A 1 88  ? 19.009  -15.388 0.035   1.00 41.99 ? 1066 ASP A CG  1 
ATOM   740  O  OD1 . ASP A 1 88  ? 18.258  -16.333 0.380   1.00 44.23 ? 1066 ASP A OD1 1 
ATOM   741  O  OD2 . ASP A 1 88  ? 19.376  -15.227 -1.143  1.00 47.54 ? 1066 ASP A OD2 1 
ATOM   742  N  N   . ARG A 1 89  ? 20.186  -14.023 3.998   1.00 33.26 ? 1067 ARG A N   1 
ATOM   743  C  CA  A ARG A 1 89  ? 20.841  -13.445 5.167   0.46 32.24 ? 1067 ARG A CA  1 
ATOM   744  C  CA  B ARG A 1 89  ? 20.770  -13.388 5.193   0.54 31.43 ? 1067 ARG A CA  1 
ATOM   745  C  C   . ARG A 1 89  ? 21.702  -12.239 4.832   1.00 30.49 ? 1067 ARG A C   1 
ATOM   746  O  O   . ARG A 1 89  ? 22.116  -11.484 5.724   1.00 30.79 ? 1067 ARG A O   1 
ATOM   747  C  CB  A ARG A 1 89  ? 21.754  -14.498 5.776   0.46 32.84 ? 1067 ARG A CB  1 
ATOM   748  C  CB  B ARG A 1 89  ? 21.423  -14.402 6.185   0.54 30.59 ? 1067 ARG A CB  1 
ATOM   749  C  CG  A ARG A 1 89  ? 22.831  -14.964 4.804   0.46 31.30 ? 1067 ARG A CG  1 
ATOM   750  C  CG  B ARG A 1 89  ? 22.734  -15.102 5.773   0.54 29.46 ? 1067 ARG A CG  1 
ATOM   751  C  CD  A ARG A 1 89  ? 24.171  -15.079 5.498   0.46 31.32 ? 1067 ARG A CD  1 
ATOM   752  C  CD  B ARG A 1 89  ? 23.995  -14.295 6.070   0.54 27.65 ? 1067 ARG A CD  1 
ATOM   753  N  NE  A ARG A 1 89  ? 24.590  -13.843 6.161   0.46 31.00 ? 1067 ARG A NE  1 
ATOM   754  N  NE  B ARG A 1 89  ? 24.104  -13.746 7.432   0.54 25.61 ? 1067 ARG A NE  1 
ATOM   755  C  CZ  A ARG A 1 89  ? 25.355  -12.896 5.613   0.46 30.96 ? 1067 ARG A CZ  1 
ATOM   756  C  CZ  B ARG A 1 89  ? 24.838  -12.672 7.760   0.54 23.72 ? 1067 ARG A CZ  1 
ATOM   757  N  NH1 A ARG A 1 89  ? 25.813  -12.981 4.351   0.46 25.46 ? 1067 ARG A NH1 1 
ATOM   758  N  NH1 B ARG A 1 89  ? 25.536  -12.043 6.839   0.54 25.64 ? 1067 ARG A NH1 1 
ATOM   759  N  NH2 A ARG A 1 89  ? 25.650  -11.828 6.342   0.46 32.24 ? 1067 ARG A NH2 1 
ATOM   760  N  NH2 B ARG A 1 89  ? 24.876  -12.219 9.013   0.54 22.15 ? 1067 ARG A NH2 1 
ATOM   761  N  N   . ASP A 1 90  ? 21.987  -12.070 3.552   1.00 29.13 ? 1068 ASP A N   1 
ATOM   762  C  CA  . ASP A 1 90  ? 22.926  -11.061 3.134   1.00 34.09 ? 1068 ASP A CA  1 
ATOM   763  C  C   . ASP A 1 90  ? 22.373  -9.658  3.390   1.00 34.98 ? 1068 ASP A C   1 
ATOM   764  O  O   . ASP A 1 90  ? 21.130  -9.463  3.451   1.00 28.17 ? 1068 ASP A O   1 
ATOM   765  C  CB  . ASP A 1 90  ? 23.336  -11.238 1.685   1.00 40.85 ? 1068 ASP A CB  1 
ATOM   766  C  CG  . ASP A 1 90  ? 22.244  -10.906 0.732   1.00 46.64 ? 1068 ASP A CG  1 
ATOM   767  O  OD1 . ASP A 1 90  ? 21.395  -11.792 0.499   1.00 61.30 ? 1068 ASP A OD1 1 
ATOM   768  O  OD2 . ASP A 1 90  ? 22.243  -9.766  0.199   1.00 54.49 ? 1068 ASP A OD2 1 
ATOM   769  N  N   . PRO A 1 91  ? 23.283  -8.691  3.568   1.00 31.05 ? 1069 PRO A N   1 
ATOM   770  C  CA  . PRO A 1 91  ? 22.841  -7.364  3.984   1.00 29.67 ? 1069 PRO A CA  1 
ATOM   771  C  C   . PRO A 1 91  ? 21.890  -6.644  3.013   1.00 27.13 ? 1069 PRO A C   1 
ATOM   772  O  O   . PRO A 1 91  ? 21.035  -5.865  3.477   1.00 27.73 ? 1069 PRO A O   1 
ATOM   773  C  CB  . PRO A 1 91  ? 24.148  -6.562  4.109   1.00 31.12 ? 1069 PRO A CB  1 
ATOM   774  C  CG  . PRO A 1 91  ? 25.239  -7.573  4.176   1.00 32.49 ? 1069 PRO A CG  1 
ATOM   775  C  CD  . PRO A 1 91  ? 24.767  -8.781  3.448   1.00 32.86 ? 1069 PRO A CD  1 
ATOM   776  N  N   . GLY A 1 92  ? 22.049  -6.843  1.712   1.00 27.88 ? 1070 GLY A N   1 
ATOM   777  C  CA  . GLY A 1 92  ? 21.154  -6.224  0.728   1.00 29.70 ? 1070 GLY A CA  1 
ATOM   778  C  C   . GLY A 1 92  ? 19.716  -6.692  0.932   1.00 30.19 ? 1070 GLY A C   1 
ATOM   779  O  O   . GLY A 1 92  ? 18.790  -5.874  0.898   1.00 29.23 ? 1070 GLY A O   1 
ATOM   780  N  N   . ASP A 1 93  ? 19.536  -7.992  1.157   1.00 29.51 ? 1071 ASP A N   1 
ATOM   781  C  CA  . ASP A 1 93  ? 18.213  -8.562  1.416   1.00 31.82 ? 1071 ASP A CA  1 
ATOM   782  C  C   . ASP A 1 93  ? 17.676  -8.105  2.763   1.00 29.91 ? 1071 ASP A C   1 
ATOM   783  O  O   . ASP A 1 93  ? 16.502  -7.740  2.884   1.00 29.51 ? 1071 ASP A O   1 
ATOM   784  C  CB  . ASP A 1 93  ? 18.234  -10.106 1.371   1.00 32.28 ? 1071 ASP A CB  1 
ATOM   785  C  CG  . ASP A 1 93  ? 18.269  -10.685 -0.059  1.00 36.08 ? 1071 ASP A CG  1 
ATOM   786  O  OD1 . ASP A 1 93  ? 18.711  -10.017 -1.027  1.00 38.69 ? 1071 ASP A OD1 1 
ATOM   787  O  OD2 . ASP A 1 93  ? 17.806  -11.846 -0.219  1.00 36.75 ? 1071 ASP A OD2 1 
ATOM   788  N  N   . ARG A 1 94  ? 18.527  -8.085  3.779   1.00 27.12 ? 1072 ARG A N   1 
ATOM   789  C  CA  . ARG A 1 94  ? 18.087  -7.707  5.105   1.00 28.86 ? 1072 ARG A CA  1 
ATOM   790  C  C   . ARG A 1 94  ? 17.616  -6.233  5.118   1.00 26.67 ? 1072 ARG A C   1 
ATOM   791  O  O   . ARG A 1 94  ? 16.650  -5.912  5.804   1.00 27.50 ? 1072 ARG A O   1 
ATOM   792  C  CB  . ARG A 1 94  ? 19.155  -7.989  6.155   1.00 30.87 ? 1072 ARG A CB  1 
ATOM   793  C  CG  . ARG A 1 94  ? 19.186  -9.466  6.549   1.00 34.07 ? 1072 ARG A CG  1 
ATOM   794  C  CD  . ARG A 1 94  ? 20.200  -9.836  7.630   1.00 39.24 ? 1072 ARG A CD  1 
ATOM   795  N  NE  . ARG A 1 94  ? 20.005  -11.233 8.066   0.53 38.91 ? 1072 ARG A NE  1 
ATOM   796  C  CZ  . ARG A 1 94  ? 20.861  -11.942 8.808   0.55 42.05 ? 1072 ARG A CZ  1 
ATOM   797  N  NH1 . ARG A 1 94  ? 22.004  -11.414 9.208   0.51 42.42 ? 1072 ARG A NH1 1 
ATOM   798  N  NH2 . ARG A 1 94  ? 20.572  -13.198 9.152   0.60 42.45 ? 1072 ARG A NH2 1 
ATOM   799  N  N   . LEU A 1 95  ? 18.318  -5.381  4.375   1.00 25.66 ? 1073 LEU A N   1 
ATOM   800  C  CA  . LEU A 1 95  ? 18.014  -3.962  4.310   1.00 24.94 ? 1073 LEU A CA  1 
ATOM   801  C  C   . LEU A 1 95  ? 16.626  -3.776  3.651   1.00 27.27 ? 1073 LEU A C   1 
ATOM   802  O  O   . LEU A 1 95  ? 15.766  -3.059  4.196   1.00 25.43 ? 1073 LEU A O   1 
ATOM   803  C  CB  . LEU A 1 95  ? 19.055  -3.198  3.523   1.00 25.00 ? 1073 LEU A CB  1 
ATOM   804  C  CG  . LEU A 1 95  ? 18.818  -1.696  3.350   1.00 24.38 ? 1073 LEU A CG  1 
ATOM   805  C  CD1 . LEU A 1 95  ? 18.662  -0.990  4.682   1.00 25.11 ? 1073 LEU A CD1 1 
ATOM   806  C  CD2 . LEU A 1 95  ? 19.911  -1.074  2.494   1.00 27.51 ? 1073 LEU A CD2 1 
ATOM   807  N  N   . ILE A 1 96  ? 16.406  -4.426  2.511   1.00 27.30 ? 1074 ILE A N   1 
ATOM   808  C  CA  . ILE A 1 96  ? 15.111  -4.252  1.849   1.00 26.33 ? 1074 ILE A CA  1 
ATOM   809  C  C   . ILE A 1 96  ? 13.980  -4.850  2.697   1.00 27.38 ? 1074 ILE A C   1 
ATOM   810  O  O   . ILE A 1 96  ? 12.868  -4.232  2.786   1.00 27.26 ? 1074 ILE A O   1 
ATOM   811  C  CB  . ILE A 1 96  ? 15.132  -4.702  0.370   1.00 24.68 ? 1074 ILE A CB  1 
ATOM   812  C  CG1 . ILE A 1 96  ? 13.886  -4.186  -0.351  1.00 24.10 ? 1074 ILE A CG1 1 
ATOM   813  C  CG2 . ILE A 1 96  ? 15.266  -6.209  0.231   1.00 23.90 ? 1074 ILE A CG2 1 
ATOM   814  C  CD1 . ILE A 1 96  ? 13.980  -4.256  -1.842  1.00 22.36 ? 1074 ILE A CD1 1 
ATOM   815  N  N   . ARG A 1 97  ? 14.210  -5.982  3.356   1.00 26.98 ? 1075 ARG A N   1 
ATOM   816  C  CA  . ARG A 1 97  ? 13.179  -6.519  4.276   1.00 29.91 ? 1075 ARG A CA  1 
ATOM   817  C  C   . ARG A 1 97  ? 12.870  -5.558  5.425   1.00 30.94 ? 1075 ARG A C   1 
ATOM   818  O  O   . ARG A 1 97  ? 11.712  -5.395  5.817   1.00 26.27 ? 1075 ARG A O   1 
ATOM   819  C  CB  . ARG A 1 97  ? 13.549  -7.879  4.862   1.00 29.88 ? 1075 ARG A CB  1 
ATOM   820  C  CG  . ARG A 1 97  ? 13.650  -8.988  3.825   1.00 30.50 ? 1075 ARG A CG  1 
ATOM   821  C  CD  . ARG A 1 97  ? 13.453  -10.343 4.480   1.00 32.91 ? 1075 ARG A CD  1 
ATOM   822  N  NE  . ARG A 1 97  ? 14.449  -10.659 5.498   1.00 34.66 ? 1075 ARG A NE  1 
ATOM   823  C  CZ  . ARG A 1 97  ? 15.670  -11.133 5.255   1.00 34.59 ? 1075 ARG A CZ  1 
ATOM   824  N  NH1 . ARG A 1 97  ? 16.092  -11.309 4.024   1.00 34.80 ? 1075 ARG A NH1 1 
ATOM   825  N  NH2 . ARG A 1 97  ? 16.480  -11.408 6.276   1.00 37.79 ? 1075 ARG A NH2 1 
ATOM   826  N  N   . HIS A 1 98  ? 13.913  -4.946  6.005   1.00 26.18 ? 1076 HIS A N   1 
ATOM   827  C  CA  . HIS A 1 98  ? 13.683  -4.014  7.101   1.00 26.75 ? 1076 HIS A CA  1 
ATOM   828  C  C   . HIS A 1 98  ? 12.828  -2.829  6.612   1.00 23.30 ? 1076 HIS A C   1 
ATOM   829  O  O   . HIS A 1 98  ? 11.939  -2.375  7.342   1.00 25.95 ? 1076 HIS A O   1 
ATOM   830  C  CB  . HIS A 1 98  ? 15.013  -3.498  7.667   1.00 25.97 ? 1076 HIS A CB  1 
ATOM   831  C  CG  . HIS A 1 98  ? 14.870  -2.727  8.941   1.00 27.33 ? 1076 HIS A CG  1 
ATOM   832  N  ND1 . HIS A 1 98  ? 14.775  -1.352  8.963   1.00 30.05 ? 1076 HIS A ND1 1 
ATOM   833  C  CD2 . HIS A 1 98  ? 14.806  -3.132  10.232  1.00 31.64 ? 1076 HIS A CD2 1 
ATOM   834  C  CE1 . HIS A 1 98  ? 14.648  -0.941  10.215  1.00 30.74 ? 1076 HIS A CE1 1 
ATOM   835  N  NE2 . HIS A 1 98  ? 14.674  -2.002  11.007  1.00 31.06 ? 1076 HIS A NE2 1 
ATOM   836  N  N   . ARG A 1 99  ? 13.139  -2.343  5.419   1.00 22.43 ? 1077 ARG A N   1 
ATOM   837  C  CA  . ARG A 1 99  ? 12.464  -1.174  4.839   1.00 22.99 ? 1077 ARG A CA  1 
ATOM   838  C  C   . ARG A 1 99  ? 11.016  -1.542  4.504   1.00 25.20 ? 1077 ARG A C   1 
ATOM   839  O  O   . ARG A 1 99  ? 10.114  -0.744  4.734   1.00 24.20 ? 1077 ARG A O   1 
ATOM   840  C  CB  . ARG A 1 99  ? 13.156  -0.705  3.590   1.00 22.74 ? 1077 ARG A CB  1 
ATOM   841  C  CG  . ARG A 1 99  ? 14.471  0.014   3.852   1.00 23.61 ? 1077 ARG A CG  1 
ATOM   842  C  CD  . ARG A 1 99  ? 15.262  0.219   2.591   1.00 25.42 ? 1077 ARG A CD  1 
ATOM   843  N  NE  . ARG A 1 99  ? 16.333  1.169   2.836   1.00 27.51 ? 1077 ARG A NE  1 
ATOM   844  C  CZ  . ARG A 1 99  ? 17.233  1.553   1.950   1.00 28.84 ? 1077 ARG A CZ  1 
ATOM   845  N  NH1 . ARG A 1 99  ? 17.254  1.021   0.746   1.00 30.70 ? 1077 ARG A NH1 1 
ATOM   846  N  NH2 . ARG A 1 99  ? 18.138  2.471   2.304   1.00 34.11 ? 1077 ARG A NH2 1 
ATOM   847  N  N   . ALA A 1 100 ? 10.828  -2.742  4.002   1.00 24.71 ? 1078 ALA A N   1 
ATOM   848  C  CA  . ALA A 1 100 ? 9.469   -3.269  3.691   1.00 26.24 ? 1078 ALA A CA  1 
ATOM   849  C  C   . ALA A 1 100 ? 8.618   -3.318  4.935   1.00 26.65 ? 1078 ALA A C   1 
ATOM   850  O  O   . ALA A 1 100 ? 7.444   -2.889  4.906   1.00 27.40 ? 1078 ALA A O   1 
ATOM   851  C  CB  . ALA A 1 100 ? 9.570   -4.659  3.060   1.00 28.45 ? 1078 ALA A CB  1 
ATOM   852  N  N   . CYS A 1 101 ? 9.174   -3.847  6.015   1.00 26.77 ? 1079 CYS A N   1 
ATOM   853  C  CA  . CYS A 1 101 ? 8.483   -3.950  7.271   1.00 27.57 ? 1079 CYS A CA  1 
ATOM   854  C  C   . CYS A 1 101 ? 8.217   -2.573  7.864   1.00 25.99 ? 1079 CYS A C   1 
ATOM   855  O  O   . CYS A 1 101 ? 7.168   -2.349  8.468   1.00 25.83 ? 1079 CYS A O   1 
ATOM   856  C  CB  . CYS A 1 101 ? 9.252   -4.809  8.266   1.00 31.03 ? 1079 CYS A CB  1 
ATOM   857  S  SG  . CYS A 1 101 ? 9.194   -6.564  7.812   1.00 39.53 ? 1079 CYS A SG  1 
ATOM   858  N  N   . ALA A 1 102 ? 9.154   -1.650  7.665   1.00 24.32 ? 1080 ALA A N   1 
ATOM   859  C  CA  . ALA A 1 102 ? 8.986   -0.277  8.144   1.00 24.11 ? 1080 ALA A CA  1 
ATOM   860  C  C   . ALA A 1 102 ? 7.881   0.433   7.359   1.00 24.28 ? 1080 ALA A C   1 
ATOM   861  O  O   . ALA A 1 102 ? 7.122   1.183   7.936   1.00 23.20 ? 1080 ALA A O   1 
ATOM   862  C  CB  . ALA A 1 102 ? 10.279  0.517   8.036   1.00 25.02 ? 1080 ALA A CB  1 
ATOM   863  N  N   . LEU A 1 103 ? 7.826   0.207   6.066   1.00 23.92 ? 1081 LEU A N   1 
ATOM   864  C  CA  A LEU A 1 103 ? 6.733   0.751   5.230   0.55 24.39 ? 1081 LEU A CA  1 
ATOM   865  C  CA  B LEU A 1 103 ? 6.741   0.793   5.254   0.45 24.82 ? 1081 LEU A CA  1 
ATOM   866  C  C   . LEU A 1 103 ? 5.379   0.316   5.773   1.00 24.26 ? 1081 LEU A C   1 
ATOM   867  O  O   . LEU A 1 103 ? 4.454   1.158   5.980   1.00 22.61 ? 1081 LEU A O   1 
ATOM   868  C  CB  A LEU A 1 103 ? 6.883   0.274   3.783   0.55 24.44 ? 1081 LEU A CB  1 
ATOM   869  C  CB  B LEU A 1 103 ? 6.931   0.485   3.759   0.45 25.53 ? 1081 LEU A CB  1 
ATOM   870  C  CG  A LEU A 1 103 ? 5.759   0.652   2.815   0.55 23.61 ? 1081 LEU A CG  1 
ATOM   871  C  CG  B LEU A 1 103 ? 5.895   1.062   2.783   0.45 25.40 ? 1081 LEU A CG  1 
ATOM   872  C  CD1 A LEU A 1 103 ? 5.745   2.151   2.602   0.55 23.39 ? 1081 LEU A CD1 1 
ATOM   873  C  CD1 B LEU A 1 103 ? 6.521   1.347   1.427   0.45 25.67 ? 1081 LEU A CD1 1 
ATOM   874  C  CD2 A LEU A 1 103 ? 5.903   -0.110  1.500   0.55 23.56 ? 1081 LEU A CD2 1 
ATOM   875  C  CD2 B LEU A 1 103 ? 4.717   0.110   2.629   0.45 26.66 ? 1081 LEU A CD2 1 
ATOM   876  N  N   . ARG A 1 104 ? 5.243   -0.991  5.991   1.00 24.70 ? 1082 ARG A N   1 
ATOM   877  C  CA  . ARG A 1 104 ? 3.998   -1.578  6.501   1.00 28.10 ? 1082 ARG A CA  1 
ATOM   878  C  C   . ARG A 1 104 ? 3.659   -1.047  7.882   1.00 27.82 ? 1082 ARG A C   1 
ATOM   879  O  O   . ARG A 1 104 ? 2.549   -0.570  8.127   1.00 24.46 ? 1082 ARG A O   1 
ATOM   880  C  CB  . ARG A 1 104 ? 4.122   -3.086  6.549   1.00 29.83 ? 1082 ARG A CB  1 
ATOM   881  C  CG  . ARG A 1 104 ? 2.860   -3.782  6.998   1.00 34.72 ? 1082 ARG A CG  1 
ATOM   882  C  CD  . ARG A 1 104 ? 2.941   -5.267  6.723   1.00 42.47 ? 1082 ARG A CD  1 
ATOM   883  N  NE  . ARG A 1 104 ? 1.715   -5.929  7.168   1.00 49.05 ? 1082 ARG A NE  1 
ATOM   884  C  CZ  . ARG A 1 104 ? 1.506   -6.424  8.388   1.00 57.06 ? 1082 ARG A CZ  1 
ATOM   885  N  NH1 . ARG A 1 104 ? 2.456   -6.373  9.327   1.00 60.15 ? 1082 ARG A NH1 1 
ATOM   886  N  NH2 . ARG A 1 104 ? 0.329   -6.983  8.660   1.00 58.19 ? 1082 ARG A NH2 1 
ATOM   887  N  N   . ASP A 1 105 ? 4.640   -1.046  8.784   1.00 24.70 ? 1083 ASP A N   1 
ATOM   888  C  CA  . ASP A 1 105 ? 4.433   -0.504  10.119  1.00 25.06 ? 1083 ASP A CA  1 
ATOM   889  C  C   . ASP A 1 105 ? 4.047   0.970   10.118  1.00 22.47 ? 1083 ASP A C   1 
ATOM   890  O  O   . ASP A 1 105 ? 3.185   1.373   10.915  1.00 24.12 ? 1083 ASP A O   1 
ATOM   891  C  CB  . ASP A 1 105 ? 5.672   -0.682  10.988  1.00 28.12 ? 1083 ASP A CB  1 
ATOM   892  C  CG  . ASP A 1 105 ? 5.942   -2.143  11.357  1.00 34.28 ? 1083 ASP A CG  1 
ATOM   893  O  OD1 . ASP A 1 105 ? 5.051   -3.032  11.215  1.00 36.09 ? 1083 ASP A OD1 1 
ATOM   894  O  OD2 . ASP A 1 105 ? 7.104   -2.396  11.760  1.00 35.72 ? 1083 ASP A OD2 1 
ATOM   895  N  N   . THR A 1 106 ? 4.643   1.747   9.210   1.00 22.32 ? 1084 THR A N   1 
ATOM   896  C  CA  . THR A 1 106 ? 4.376   3.174   9.141   1.00 22.99 ? 1084 THR A CA  1 
ATOM   897  C  C   . THR A 1 106 ? 2.939   3.415   8.659   1.00 22.81 ? 1084 THR A C   1 
ATOM   898  O  O   . THR A 1 106 ? 2.227   4.268   9.243   1.00 20.92 ? 1084 THR A O   1 
ATOM   899  C  CB  . THR A 1 106 ? 5.364   3.915   8.264   1.00 24.59 ? 1084 THR A CB  1 
ATOM   900  O  OG1 . THR A 1 106 ? 6.685   3.762   8.842   1.00 24.31 ? 1084 THR A OG1 1 
ATOM   901  C  CG2 . THR A 1 106 ? 5.035   5.379   8.179   1.00 25.52 ? 1084 THR A CG2 1 
ATOM   902  N  N   . ALA A 1 107 ? 2.556   2.707   7.603   1.00 22.27 ? 1085 ALA A N   1 
ATOM   903  C  CA  . ALA A 1 107 ? 1.175   2.845   7.094   1.00 22.33 ? 1085 ALA A CA  1 
ATOM   904  C  C   . ALA A 1 107 ? 0.158   2.494   8.181   1.00 21.78 ? 1085 ALA A C   1 
ATOM   905  O  O   . ALA A 1 107 ? -0.795  3.252   8.412   1.00 21.18 ? 1085 ALA A O   1 
ATOM   906  C  CB  . ALA A 1 107 ? 0.954   1.986   5.877   1.00 21.66 ? 1085 ALA A CB  1 
ATOM   907  N  N   . TYR A 1 108 ? 0.346   1.358   8.850   1.00 21.31 ? 1086 TYR A N   1 
ATOM   908  C  CA  . TYR A 1 108 ? -0.550  0.977   9.935   1.00 23.47 ? 1086 TYR A CA  1 
ATOM   909  C  C   . TYR A 1 108 ? -0.583  1.972   11.090  1.00 22.92 ? 1086 TYR A C   1 
ATOM   910  O  O   . TYR A 1 108 ? -1.655  2.219   11.656  1.00 23.34 ? 1086 TYR A O   1 
ATOM   911  C  CB  . TYR A 1 108 ? -0.244  -0.436  10.455  1.00 24.07 ? 1086 TYR A CB  1 
ATOM   912  C  CG  . TYR A 1 108 ? -0.865  -1.560  9.630   1.00 25.43 ? 1086 TYR A CG  1 
ATOM   913  C  CD1 . TYR A 1 108 ? -0.271  -2.027  8.469   1.00 26.54 ? 1086 TYR A CD1 1 
ATOM   914  C  CD2 . TYR A 1 108 ? -2.039  -2.201  10.052  1.00 29.43 ? 1086 TYR A CD2 1 
ATOM   915  C  CE1 . TYR A 1 108 ? -0.796  -3.078  7.743   1.00 27.25 ? 1086 TYR A CE1 1 
ATOM   916  C  CE2 . TYR A 1 108 ? -2.569  -3.255  9.322   1.00 29.27 ? 1086 TYR A CE2 1 
ATOM   917  C  CZ  . TYR A 1 108 ? -1.958  -3.686  8.169   1.00 27.49 ? 1086 TYR A CZ  1 
ATOM   918  O  OH  . TYR A 1 108 ? -2.484  -4.742  7.428   1.00 29.43 ? 1086 TYR A OH  1 
ATOM   919  N  N   . ALA A 1 109 ? 0.574   2.542   11.444  1.00 22.79 ? 1087 ALA A N   1 
ATOM   920  C  CA  . ALA A 1 109 ? 0.649   3.518   12.520  1.00 25.07 ? 1087 ALA A CA  1 
ATOM   921  C  C   . ALA A 1 109 ? -0.068  4.825   12.148  1.00 23.37 ? 1087 ALA A C   1 
ATOM   922  O  O   . ALA A 1 109 ? -0.786  5.399   12.982  1.00 23.98 ? 1087 ALA A O   1 
ATOM   923  C  CB  . ALA A 1 109 ? 2.088   3.811   12.911  1.00 27.48 ? 1087 ALA A CB  1 
ATOM   924  N  N   . ILE A 1 110 ? 0.078   5.270   10.905  1.00 21.83 ? 1088 ILE A N   1 
ATOM   925  C  CA  . ILE A 1 110 ? -0.615  6.467   10.456  1.00 21.40 ? 1088 ILE A CA  1 
ATOM   926  C  C   . ILE A 1 110 ? -2.126  6.228   10.562  1.00 21.89 ? 1088 ILE A C   1 
ATOM   927  O  O   . ILE A 1 110 ? -2.865  7.078   11.077  1.00 23.38 ? 1088 ILE A O   1 
ATOM   928  C  CB  . ILE A 1 110 ? -0.202  6.899   9.016   1.00 22.49 ? 1088 ILE A CB  1 
ATOM   929  C  CG1 . ILE A 1 110 ? 1.228   7.440   9.032   1.00 23.93 ? 1088 ILE A CG1 1 
ATOM   930  C  CG2 . ILE A 1 110 ? -1.151  7.933   8.453   1.00 23.00 ? 1088 ILE A CG2 1 
ATOM   931  C  CD1 . ILE A 1 110 ? 1.831   7.642   7.687   1.00 24.41 ? 1088 ILE A CD1 1 
ATOM   932  N  N   . ILE A 1 111 ? -2.584  5.098   10.051  1.00 22.81 ? 1089 ILE A N   1 
ATOM   933  C  CA  . ILE A 1 111 ? -4.013  4.768   10.049  1.00 24.56 ? 1089 ILE A CA  1 
ATOM   934  C  C   . ILE A 1 111 ? -4.530  4.652   11.473  1.00 25.34 ? 1089 ILE A C   1 
ATOM   935  O  O   . ILE A 1 111 ? -5.576  5.179   11.811  1.00 25.68 ? 1089 ILE A O   1 
ATOM   936  C  CB  . ILE A 1 111 ? -4.288  3.508   9.183   1.00 24.74 ? 1089 ILE A CB  1 
ATOM   937  C  CG1 . ILE A 1 111 ? -4.455  3.961   7.735   1.00 25.19 ? 1089 ILE A CG1 1 
ATOM   938  C  CG2 . ILE A 1 111 ? -5.499  2.692   9.678   1.00 24.50 ? 1089 ILE A CG2 1 
ATOM   939  C  CD1 . ILE A 1 111 ? -3.928  3.000   6.698   1.00 27.40 ? 1089 ILE A CD1 1 
ATOM   940  N  N   . LYS A 1 112 ? -3.767  3.997   12.333  1.00 26.00 ? 1090 LYS A N   1 
ATOM   941  C  CA  . LYS A 1 112 ? -4.189  3.880   13.733  1.00 28.45 ? 1090 LYS A CA  1 
ATOM   942  C  C   . LYS A 1 112 ? -4.365  5.250   14.414  1.00 27.40 ? 1090 LYS A C   1 
ATOM   943  O  O   . LYS A 1 112 ? -5.351  5.471   15.145  1.00 29.64 ? 1090 LYS A O   1 
ATOM   944  C  CB  . LYS A 1 112 ? -3.198  3.029   14.529  1.00 32.69 ? 1090 LYS A CB  1 
ATOM   945  C  CG  . LYS A 1 112 ? -3.553  2.934   16.009  1.00 39.02 ? 1090 LYS A CG  1 
ATOM   946  C  CD  . LYS A 1 112 ? -2.588  2.046   16.757  1.00 46.51 ? 1090 LYS A CD  1 
ATOM   947  C  CE  . LYS A 1 112 ? -2.990  1.919   18.219  1.00 53.82 ? 1090 LYS A CE  1 
ATOM   948  N  NZ  . LYS A 1 112 ? -1.892  1.230   18.953  1.00 60.80 ? 1090 LYS A NZ  1 
ATOM   949  N  N   . GLU A 1 113 ? -3.442  6.175   14.188  1.00 25.50 ? 1091 GLU A N   1 
ATOM   950  C  CA  . GLU A 1 113 ? -3.525  7.503   14.779  1.00 26.29 ? 1091 GLU A CA  1 
ATOM   951  C  C   . GLU A 1 113 ? -4.526  8.437   14.122  1.00 25.66 ? 1091 GLU A C   1 
ATOM   952  O  O   . GLU A 1 113 ? -5.051  9.343   14.792  1.00 27.21 ? 1091 GLU A O   1 
ATOM   953  C  CB  . GLU A 1 113 ? -2.188  8.223   14.736  1.00 29.94 ? 1091 GLU A CB  1 
ATOM   954  C  CG  . GLU A 1 113 ? -1.102  7.615   15.600  0.63 34.33 ? 1091 GLU A CG  1 
ATOM   955  C  CD  . GLU A 1 113 ? 0.271   8.146   15.225  0.48 38.26 ? 1091 GLU A CD  1 
ATOM   956  O  OE1 . GLU A 1 113 ? 0.427   9.381   15.114  0.57 39.44 ? 1091 GLU A OE1 1 
ATOM   957  O  OE2 . GLU A 1 113 ? 1.194   7.330   15.047  0.49 42.71 ? 1091 GLU A OE2 1 
ATOM   958  N  N   . GLU A 1 114 ? -4.780  8.272   12.833  1.00 23.56 ? 1092 GLU A N   1 
ATOM   959  C  CA  . GLU A 1 114 ? -5.505  9.306   12.091  1.00 22.18 ? 1092 GLU A CA  1 
ATOM   960  C  C   . GLU A 1 114 ? -6.855  8.893   11.460  1.00 23.93 ? 1092 GLU A C   1 
ATOM   961  O  O   . GLU A 1 114 ? -7.592  9.760   11.052  1.00 25.70 ? 1092 GLU A O   1 
ATOM   962  C  CB  . GLU A 1 114 ? -4.610  9.888   10.981  1.00 23.89 ? 1092 GLU A CB  1 
ATOM   963  C  CG  . GLU A 1 114 ? -3.280  10.394  11.520  1.00 24.11 ? 1092 GLU A CG  1 
ATOM   964  C  CD  . GLU A 1 114 ? -2.327  10.891  10.445  1.00 26.34 ? 1092 GLU A CD  1 
ATOM   965  O  OE1 . GLU A 1 114 ? -2.776  11.248  9.344   1.00 25.74 ? 1092 GLU A OE1 1 
ATOM   966  O  OE2 . GLU A 1 114 ? -1.108  10.929  10.714  1.00 27.25 ? 1092 GLU A OE2 1 
ATOM   967  N  N   . LEU A 1 115 ? -7.147  7.610   11.356  1.00 24.57 ? 1093 LEU A N   1 
ATOM   968  C  CA  . LEU A 1 115 ? -8.425  7.158   10.780  1.00 26.47 ? 1093 LEU A CA  1 
ATOM   969  C  C   . LEU A 1 115 ? -9.425  6.938   11.908  1.00 26.89 ? 1093 LEU A C   1 
ATOM   970  O  O   . LEU A 1 115 ? -9.194  6.140   12.798  1.00 29.29 ? 1093 LEU A O   1 
ATOM   971  C  CB  . LEU A 1 115 ? -8.222  5.855   10.031  1.00 28.10 ? 1093 LEU A CB  1 
ATOM   972  C  CG  . LEU A 1 115 ? -9.503  5.165   9.529   1.00 31.11 ? 1093 LEU A CG  1 
ATOM   973  C  CD1 . LEU A 1 115 ? -9.988  5.982   8.376   1.00 30.97 ? 1093 LEU A CD1 1 
ATOM   974  C  CD2 . LEU A 1 115 ? -9.192  3.735   9.145   1.00 33.57 ? 1093 LEU A CD2 1 
ATOM   975  N  N   . ASP A 1 116 ? -10.553 7.641   11.867  1.00 27.14 ? 1094 ASP A N   1 
ATOM   976  C  CA  . ASP A 1 116 ? -11.639 7.352   12.810  1.00 27.35 ? 1094 ASP A CA  1 
ATOM   977  C  C   . ASP A 1 116 ? -12.279 6.008   12.510  1.00 25.62 ? 1094 ASP A C   1 
ATOM   978  O  O   . ASP A 1 116 ? -12.648 5.741   11.382  1.00 25.46 ? 1094 ASP A O   1 
ATOM   979  C  CB  . ASP A 1 116 ? -12.661 8.465   12.706  1.00 28.86 ? 1094 ASP A CB  1 
ATOM   980  C  CG  . ASP A 1 116 ? -13.632 8.444   13.838  1.00 32.80 ? 1094 ASP A CG  1 
ATOM   981  O  OD1 . ASP A 1 116 ? -14.210 7.379   14.145  1.00 35.75 ? 1094 ASP A OD1 1 
ATOM   982  O  OD2 . ASP A 1 116 ? -13.825 9.513   14.429  1.00 35.21 ? 1094 ASP A OD2 1 
ATOM   983  N  N   . GLU A 1 117 ? -12.374 5.150   13.518  1.00 26.28 ? 1095 GLU A N   1 
ATOM   984  C  CA  . GLU A 1 117 ? -12.924 3.798   13.349  1.00 29.14 ? 1095 GLU A CA  1 
ATOM   985  C  C   . GLU A 1 117 ? -14.366 3.797   12.816  1.00 25.07 ? 1095 GLU A C   1 
ATOM   986  O  O   . GLU A 1 117 ? -14.743 2.899   12.073  1.00 26.02 ? 1095 GLU A O   1 
ATOM   987  C  CB  . GLU A 1 117 ? -12.829 2.988   14.653  1.00 32.41 ? 1095 GLU A CB  1 
ATOM   988  C  CG  . GLU A 1 117 ? -13.612 3.535   15.826  0.51 36.10 ? 1095 GLU A CG  1 
ATOM   989  C  CD  . GLU A 1 117 ? -13.420 2.732   17.104  0.50 41.68 ? 1095 GLU A CD  1 
ATOM   990  O  OE1 . GLU A 1 117 ? -12.779 1.655   17.071  0.66 45.14 ? 1095 GLU A OE1 1 
ATOM   991  O  OE2 . GLU A 1 117 ? -13.921 3.190   18.149  0.58 45.17 ? 1095 GLU A OE2 1 
ATOM   992  N  N   . ASP A 1 118 ? -15.129 4.823   13.166  1.00 27.42 ? 1096 ASP A N   1 
ATOM   993  C  CA  . ASP A 1 118 ? -16.507 4.960   12.664  1.00 26.63 ? 1096 ASP A CA  1 
ATOM   994  C  C   . ASP A 1 118 ? -16.528 5.319   11.204  1.00 24.76 ? 1096 ASP A C   1 
ATOM   995  O  O   . ASP A 1 118 ? -17.455 4.979   10.500  1.00 24.25 ? 1096 ASP A O   1 
ATOM   996  C  CB  . ASP A 1 118 ? -17.309 5.998   13.460  1.00 28.82 ? 1096 ASP A CB  1 
ATOM   997  C  CG  . ASP A 1 118 ? -17.542 5.587   14.905  1.00 32.70 ? 1096 ASP A CG  1 
ATOM   998  O  OD1 . ASP A 1 118 ? -17.527 4.386   15.207  1.00 35.34 ? 1096 ASP A OD1 1 
ATOM   999  O  OD2 . ASP A 1 118 ? -17.688 6.494   15.738  1.00 37.57 ? 1096 ASP A OD2 1 
ATOM   1000 N  N   . PHE A 1 119 ? -15.493 6.007   10.717  1.00 22.69 ? 1097 PHE A N   1 
ATOM   1001 C  CA  . PHE A 1 119 ? -15.412 6.307   9.300   1.00 23.08 ? 1097 PHE A CA  1 
ATOM   1002 C  C   . PHE A 1 119 ? -15.138 5.023   8.526   1.00 23.37 ? 1097 PHE A C   1 
ATOM   1003 O  O   . PHE A 1 119 ? -15.786 4.763   7.481   1.00 24.23 ? 1097 PHE A O   1 
ATOM   1004 C  CB  . PHE A 1 119 ? -14.336 7.379   9.010   1.00 22.07 ? 1097 PHE A CB  1 
ATOM   1005 C  CG  . PHE A 1 119 ? -14.249 7.755   7.550   1.00 22.45 ? 1097 PHE A CG  1 
ATOM   1006 C  CD1 . PHE A 1 119 ? -15.131 8.667   6.996   1.00 24.32 ? 1097 PHE A CD1 1 
ATOM   1007 C  CD2 . PHE A 1 119 ? -13.359 7.103   6.712   1.00 22.87 ? 1097 PHE A CD2 1 
ATOM   1008 C  CE1 . PHE A 1 119 ? -15.087 8.958   5.645   1.00 25.25 ? 1097 PHE A CE1 1 
ATOM   1009 C  CE2 . PHE A 1 119 ? -13.319 7.379   5.358   1.00 22.85 ? 1097 PHE A CE2 1 
ATOM   1010 C  CZ  . PHE A 1 119 ? -14.173 8.314   4.825   1.00 24.36 ? 1097 PHE A CZ  1 
ATOM   1011 N  N   . GLU A 1 120 ? -14.180 4.229   9.002   1.00 23.75 ? 1098 GLU A N   1 
ATOM   1012 C  CA  . GLU A 1 120 ? -13.894 2.961   8.367   1.00 25.98 ? 1098 GLU A CA  1 
ATOM   1013 C  C   . GLU A 1 120 ? -15.127 2.053   8.401   1.00 26.59 ? 1098 GLU A C   1 
ATOM   1014 O  O   . GLU A 1 120 ? -15.417 1.397   7.421   1.00 26.57 ? 1098 GLU A O   1 
ATOM   1015 C  CB  . GLU A 1 120 ? -12.708 2.274   9.013   1.00 29.45 ? 1098 GLU A CB  1 
ATOM   1016 C  CG  . GLU A 1 120 ? -12.411 0.861   8.555   1.00 29.67 ? 1098 GLU A CG  1 
ATOM   1017 C  CD  . GLU A 1 120 ? -12.111 0.673   7.063   1.00 33.01 ? 1098 GLU A CD  1 
ATOM   1018 O  OE1 . GLU A 1 120 ? -12.047 1.679   6.298   1.00 33.77 ? 1098 GLU A OE1 1 
ATOM   1019 O  OE2 . GLU A 1 120 ? -11.910 -0.529  6.647   1.00 35.81 ? 1098 GLU A OE2 1 
ATOM   1020 N  N   . GLN A 1 121 ? -15.831 2.038   9.531   1.00 26.02 ? 1099 GLN A N   1 
ATOM   1021 C  CA  . GLN A 1 121 ? -17.022 1.180   9.678   1.00 27.65 ? 1099 GLN A CA  1 
ATOM   1022 C  C   . GLN A 1 121 ? -18.093 1.599   8.662   1.00 26.61 ? 1099 GLN A C   1 
ATOM   1023 O  O   . GLN A 1 121 ? -18.712 0.744   8.036   1.00 27.27 ? 1099 GLN A O   1 
ATOM   1024 C  CB  . GLN A 1 121 ? -17.552 1.234   11.110  1.00 28.36 ? 1099 GLN A CB  1 
ATOM   1025 C  CG  . GLN A 1 121 ? -18.714 0.280   11.385  1.00 31.70 ? 1099 GLN A CG  1 
ATOM   1026 C  CD  . GLN A 1 121 ? -18.302 -1.165  11.255  1.00 36.37 ? 1099 GLN A CD  1 
ATOM   1027 O  OE1 . GLN A 1 121 ? -17.200 -1.533  11.642  1.00 40.56 ? 1099 GLN A OE1 1 
ATOM   1028 N  NE2 . GLN A 1 121 ? -19.172 -1.988  10.707  1.00 36.02 ? 1099 GLN A NE2 1 
ATOM   1029 N  N   . LEU A 1 122 ? -18.300 2.905   8.468   1.00 24.60 ? 1100 LEU A N   1 
ATOM   1030 C  CA  . LEU A 1 122 ? -19.230 3.397   7.436   1.00 26.41 ? 1100 LEU A CA  1 
ATOM   1031 C  C   . LEU A 1 122 ? -18.858 2.941   6.025   1.00 28.79 ? 1100 LEU A C   1 
ATOM   1032 O  O   . LEU A 1 122 ? -19.707 2.503   5.223   1.00 25.67 ? 1100 LEU A O   1 
ATOM   1033 C  CB  . LEU A 1 122 ? -19.371 4.921   7.498   1.00 24.95 ? 1100 LEU A CB  1 
ATOM   1034 C  CG  . LEU A 1 122 ? -20.202 5.627   6.435   1.00 27.93 ? 1100 LEU A CG  1 
ATOM   1035 C  CD1 . LEU A 1 122 ? -21.629 5.080   6.448   1.00 30.57 ? 1100 LEU A CD1 1 
ATOM   1036 C  CD2 . LEU A 1 122 ? -20.161 7.120   6.635   1.00 29.18 ? 1100 LEU A CD2 1 
ATOM   1037 N  N   . CYS A 1 123 ? -17.580 3.081   5.670   1.00 26.45 ? 1101 CYS A N   1 
ATOM   1038 C  CA  . CYS A 1 123 ? -17.127 2.618   4.368   1.00 26.78 ? 1101 CYS A CA  1 
ATOM   1039 C  C   . CYS A 1 123 ? -17.433 1.125   4.159   1.00 25.97 ? 1101 CYS A C   1 
ATOM   1040 O  O   . CYS A 1 123 ? -17.903 0.733   3.086   1.00 29.04 ? 1101 CYS A O   1 
ATOM   1041 C  CB  . CYS A 1 123 ? -15.613 2.885   4.193   1.00 25.50 ? 1101 CYS A CB  1 
ATOM   1042 S  SG  . CYS A 1 123 ? -15.150 4.595   3.992   1.00 25.03 ? 1101 CYS A SG  1 
ATOM   1043 N  N   . GLU A 1 124 ? -17.216 0.320   5.189   1.00 26.74 ? 1102 GLU A N   1 
ATOM   1044 C  CA  . GLU A 1 124 ? -17.388 -1.117  5.130   1.00 30.82 ? 1102 GLU A CA  1 
ATOM   1045 C  C   . GLU A 1 124 ? -18.876 -1.441  4.937   1.00 33.72 ? 1102 GLU A C   1 
ATOM   1046 O  O   . GLU A 1 124 ? -19.262 -2.274  4.091   1.00 36.56 ? 1102 GLU A O   1 
ATOM   1047 C  CB  . GLU A 1 124 ? -16.830 -1.771  6.397   1.00 30.56 ? 1102 GLU A CB  1 
ATOM   1048 C  CG  . GLU A 1 124 ? -15.287 -1.779  6.425   1.00 37.56 ? 1102 GLU A CG  1 
ATOM   1049 C  CD  . GLU A 1 124 ? -14.647 -2.495  7.606   1.00 45.21 ? 1102 GLU A CD  1 
ATOM   1050 O  OE1 . GLU A 1 124 ? -15.369 -3.237  8.307   1.00 50.95 ? 1102 GLU A OE1 1 
ATOM   1051 O  OE2 . GLU A 1 124 ? -13.394 -2.329  7.832   1.00 44.95 ? 1102 GLU A OE2 1 
ATOM   1052 N  N   . GLU A 1 125 ? -19.715 -0.729  5.674   1.00 33.34 ? 1103 GLU A N   1 
ATOM   1053 C  CA  . GLU A 1 125 ? -21.164 -0.910  5.515   1.00 33.58 ? 1103 GLU A CA  1 
ATOM   1054 C  C   . GLU A 1 125 ? -21.698 -0.447  4.148   1.00 34.61 ? 1103 GLU A C   1 
ATOM   1055 O  O   . GLU A 1 125 ? -22.530 -1.141  3.568   1.00 38.60 ? 1103 GLU A O   1 
ATOM   1056 C  CB  . GLU A 1 125 ? -21.919 -0.335  6.738   1.00 32.21 ? 1103 GLU A CB  1 
ATOM   1057 C  CG  . GLU A 1 125 ? -21.621 -1.148  7.994   1.00 31.35 ? 1103 GLU A CG  1 
ATOM   1058 C  CD  . GLU A 1 125 ? -22.298 -0.670  9.281   1.00 31.85 ? 1103 GLU A CD  1 
ATOM   1059 O  OE1 . GLU A 1 125 ? -23.168 0.216   9.231   1.00 32.32 ? 1103 GLU A OE1 1 
ATOM   1060 O  OE2 . GLU A 1 125 ? -21.945 -1.183  10.371  1.00 33.14 ? 1103 GLU A OE2 1 
ATOM   1061 N  N   . ILE A 1 126 ? -21.199 0.640   3.569   1.00 33.04 ? 1104 ILE A N   1 
ATOM   1062 C  CA  . ILE A 1 126 ? -21.584 0.987   2.217   1.00 35.46 ? 1104 ILE A CA  1 
ATOM   1063 C  C   . ILE A 1 126 ? -21.131 -0.112  1.241   1.00 40.05 ? 1104 ILE A C   1 
ATOM   1064 O  O   . ILE A 1 126 ? -21.937 -0.615  0.452   1.00 40.64 ? 1104 ILE A O   1 
ATOM   1065 C  CB  . ILE A 1 126 ? -21.053 2.355   1.783   1.00 35.38 ? 1104 ILE A CB  1 
ATOM   1066 C  CG1 . ILE A 1 126 ? -21.530 3.455   2.752   1.00 33.19 ? 1104 ILE A CG1 1 
ATOM   1067 C  CG2 . ILE A 1 126 ? -21.501 2.681   0.361   1.00 35.12 ? 1104 ILE A CG2 1 
ATOM   1068 C  CD1 . ILE A 1 126 ? -20.794 4.755   2.589   1.00 33.79 ? 1104 ILE A CD1 1 
ATOM   1069 N  N   . GLN A 1 127 ? -19.858 -0.510  1.322   1.00 39.27 ? 1105 GLN A N   1 
ATOM   1070 C  CA  . GLN A 1 127 ? -19.295 -1.563  0.453   1.00 43.31 ? 1105 GLN A CA  1 
ATOM   1071 C  C   . GLN A 1 127 ? -20.145 -2.842  0.493   1.00 43.16 ? 1105 GLN A C   1 
ATOM   1072 O  O   . GLN A 1 127 ? -20.501 -3.372  -0.559  1.00 44.39 ? 1105 GLN A O   1 
ATOM   1073 C  CB  . GLN A 1 127 ? -17.830 -1.898  0.814   1.00 41.45 ? 1105 GLN A CB  1 
ATOM   1074 C  CG  . GLN A 1 127 ? -17.181 -2.985  -0.070  1.00 44.88 ? 1105 GLN A CG  1 
ATOM   1075 C  CD  . GLN A 1 127 ? -15.803 -3.434  0.428   1.00 51.31 ? 1105 GLN A CD  1 
ATOM   1076 O  OE1 . GLN A 1 127 ? -15.642 -3.812  1.592   1.00 59.74 ? 1105 GLN A OE1 1 
ATOM   1077 N  NE2 . GLN A 1 127 ? -14.796 -3.403  -0.457  1.00 52.76 ? 1105 GLN A NE2 1 
ATOM   1078 N  N   . GLU A 1 128 ? -20.445 -3.325  1.696   1.00 44.88 ? 1106 GLU A N   1 
ATOM   1079 C  CA  . GLU A 1 128 ? -21.219 -4.565  1.889   1.00 51.90 ? 1106 GLU A CA  1 
ATOM   1080 C  C   . GLU A 1 128 ? -22.641 -4.494  1.328   1.00 53.14 ? 1106 GLU A C   1 
ATOM   1081 O  O   . GLU A 1 128 ? -23.218 -5.528  1.009   1.00 57.95 ? 1106 GLU A O   1 
ATOM   1082 C  CB  . GLU A 1 128 ? -21.327 -4.924  3.370   1.00 55.64 ? 1106 GLU A CB  1 
ATOM   1083 C  CG  . GLU A 1 128 ? -20.057 -5.445  4.019   1.00 64.30 ? 1106 GLU A CG  1 
ATOM   1084 C  CD  . GLU A 1 128 ? -20.180 -5.528  5.537   1.00 71.12 ? 1106 GLU A CD  1 
ATOM   1085 O  OE1 . GLU A 1 128 ? -21.234 -5.987  6.019   1.00 78.16 ? 1106 GLU A OE1 1 
ATOM   1086 O  OE2 . GLU A 1 128 ? -19.230 -5.143  6.254   1.00 77.51 ? 1106 GLU A OE2 1 
ATOM   1087 N  N   . SER A 1 129 ? -23.207 -3.293  1.239   1.00 55.67 ? 1107 SER A N   1 
ATOM   1088 C  CA  . SER A 1 129 ? -24.550 -3.089  0.674   1.00 59.18 ? 1107 SER A CA  1 
ATOM   1089 C  C   . SER A 1 129 ? -24.546 -2.983  -0.866  1.00 64.26 ? 1107 SER A C   1 
ATOM   1090 O  O   . SER A 1 129 ? -25.611 -2.926  -1.475  1.00 67.57 ? 1107 SER A O   1 
ATOM   1091 C  CB  . SER A 1 129 ? -25.176 -1.808  1.242   1.00 57.97 ? 1107 SER A CB  1 
ATOM   1092 O  OG  . SER A 1 129 ? -24.812 -0.678  0.449   1.00 53.08 ? 1107 SER A OG  1 
ATOM   1093 N  N   . ARG A 1 130 ? -23.365 -2.918  -1.482  1.00 65.87 ? 1108 ARG A N   1 
ATOM   1094 C  CA  . ARG A 1 130 ? -23.238 -2.830  -2.946  1.00 72.28 ? 1108 ARG A CA  1 
ATOM   1095 C  C   . ARG A 1 130 ? -23.517 -4.189  -3.597  1.00 80.94 ? 1108 ARG A C   1 
ATOM   1096 O  O   . ARG A 1 130 ? -23.153 -5.247  -3.063  1.00 81.85 ? 1108 ARG A O   1 
ATOM   1097 C  CB  . ARG A 1 130 ? -21.830 -2.365  -3.346  1.00 71.99 ? 1108 ARG A CB  1 
ATOM   1098 C  CG  . ARG A 1 130 ? -21.426 -1.010  -2.781  1.00 71.94 ? 1108 ARG A CG  1 
ATOM   1099 C  CD  . ARG A 1 130 ? -21.522 0.115   -3.795  1.00 72.02 ? 1108 ARG A CD  1 
ATOM   1100 N  NE  . ARG A 1 130 ? -22.126 1.325   -3.228  1.00 70.29 ? 1108 ARG A NE  1 
ATOM   1101 C  CZ  . ARG A 1 130 ? -21.869 2.573   -3.628  1.00 69.12 ? 1108 ARG A CZ  1 
ATOM   1102 N  NH1 . ARG A 1 130 ? -20.991 2.821   -4.598  1.00 73.27 ? 1108 ARG A NH1 1 
ATOM   1103 N  NH2 . ARG A 1 130 ? -22.486 3.596   -3.047  1.00 65.80 ? 1108 ARG A NH2 1 
ATOM   1104 O  OXT . ARG A 1 130 ? -24.105 -4.263  -4.682  1.00 82.55 ? 1108 ARG A OXT 1 
HETATM 1105 S  S   . SO4 B 2 .   ? -11.249 12.502  -6.344  1.00 35.19 ? 1201 SO4 A S   1 
HETATM 1106 O  O1  . SO4 B 2 .   ? -12.662 12.177  -6.615  1.00 34.83 ? 1201 SO4 A O1  1 
HETATM 1107 O  O2  . SO4 B 2 .   ? -11.203 13.828  -5.661  1.00 41.32 ? 1201 SO4 A O2  1 
HETATM 1108 O  O3  . SO4 B 2 .   ? -10.779 11.480  -5.413  1.00 39.89 ? 1201 SO4 A O3  1 
HETATM 1109 O  O4  . SO4 B 2 .   ? -10.378 12.593  -7.533  1.00 32.68 ? 1201 SO4 A O4  1 
HETATM 1110 C  C1  . GOL C 3 .   ? -10.879 10.468  6.697   1.00 43.08 ? 1202 GOL A C1  1 
HETATM 1111 O  O1  . GOL C 3 .   ? -10.880 11.882  6.496   1.00 39.90 ? 1202 GOL A O1  1 
HETATM 1112 C  C2  . GOL C 3 .   ? -11.310 10.090  8.105   1.00 48.56 ? 1202 GOL A C2  1 
HETATM 1113 O  O2  . GOL C 3 .   ? -12.344 10.940  8.640   1.00 54.58 ? 1202 GOL A O2  1 
HETATM 1114 C  C3  . GOL C 3 .   ? -10.148 10.196  9.039   1.00 51.24 ? 1202 GOL A C3  1 
HETATM 1115 O  O3  . GOL C 3 .   ? -10.685 9.775   10.297  1.00 50.42 ? 1202 GOL A O3  1 
HETATM 1116 C  C1  . GOL D 3 .   ? 0.157   -5.484  11.477  0.75 58.95 ? 1203 GOL A C1  1 
HETATM 1117 O  O1  . GOL D 3 .   ? -1.121  -5.543  12.110  0.75 60.71 ? 1203 GOL A O1  1 
HETATM 1118 C  C2  . GOL D 3 .   ? 1.074   -4.580  12.276  0.75 57.34 ? 1203 GOL A C2  1 
HETATM 1119 O  O2  . GOL D 3 .   ? 0.288   -3.775  13.149  0.75 57.86 ? 1203 GOL A O2  1 
HETATM 1120 C  C3  . GOL D 3 .   ? 1.866   -3.653  11.368  0.75 54.85 ? 1203 GOL A C3  1 
HETATM 1121 O  O3  . GOL D 3 .   ? 2.472   -2.650  12.191  0.75 54.95 ? 1203 GOL A O3  1 
HETATM 1122 C  CAP . 37N E 4 .   ? 15.348  -6.735  -5.729  1.00 45.15 ? 1204 37N A CAP 1 
HETATM 1123 C  CAK . 37N E 4 .   ? 14.060  -6.042  -5.312  1.00 45.08 ? 1204 37N A CAK 1 
HETATM 1124 C  CAJ . 37N E 4 .   ? 13.801  -4.645  -5.414  1.00 43.37 ? 1204 37N A CAJ 1 
HETATM 1125 C  CAB . 37N E 4 .   ? 14.720  -3.565  -5.927  1.00 49.42 ? 1204 37N A CAB 1 
HETATM 1126 C  CAC . 37N E 4 .   ? 14.651  -3.065  -7.224  1.00 53.05 ? 1204 37N A CAC 1 
HETATM 1127 C  CAD . 37N E 4 .   ? 15.534  -2.054  -7.623  1.00 60.23 ? 1204 37N A CAD 1 
HETATM 1128 N  NAQ . 37N E 4 .   ? 15.520  -1.507  -8.937  1.00 72.22 ? 1204 37N A NAQ 1 
HETATM 1129 S  SAR . 37N E 4 .   ? 14.156  -0.917  -9.672  1.00 80.56 ? 1204 37N A SAR 1 
HETATM 1130 C  CAS . 37N E 4 .   ? 13.536  0.536   -8.846  1.00 75.74 ? 1204 37N A CAS 1 
HETATM 1131 C  CAT . 37N E 4 .   ? 14.330  1.683   -8.766  1.00 73.90 ? 1204 37N A CAT 1 
HETATM 1132 C  CAU . 37N E 4 .   ? 13.858  2.830   -8.130  1.00 72.13 ? 1204 37N A CAU 1 
HETATM 1133 C  CAV . 37N E 4 .   ? 12.589  2.835   -7.574  1.00 71.99 ? 1204 37N A CAV 1 
HETATM 1134 C  CAW . 37N E 4 .   ? 11.790  1.690   -7.649  1.00 73.56 ? 1204 37N A CAW 1 
HETATM 1135 C  CAX . 37N E 4 .   ? 12.258  0.542   -8.285  1.00 73.00 ? 1204 37N A CAX 1 
HETATM 1136 O  OAY . 37N E 4 .   ? 13.152  -1.935  -9.815  1.00 80.13 ? 1204 37N A OAY 1 
HETATM 1137 O  OAZ . 37N E 4 .   ? 14.413  -0.645  -11.067 1.00 78.84 ? 1204 37N A OAZ 1 
HETATM 1138 C  CAE . 37N E 4 .   ? 16.471  -1.564  -6.727  1.00 56.10 ? 1204 37N A CAE 1 
HETATM 1139 C  CAF . 37N E 4 .   ? 16.539  -2.073  -5.433  1.00 52.61 ? 1204 37N A CAF 1 
HETATM 1140 C  CAG . 37N E 4 .   ? 17.537  -1.522  -4.452  1.00 53.57 ? 1204 37N A CAG 1 
HETATM 1141 O  OAH . 37N E 4 .   ? 17.648  -1.966  -3.276  1.00 56.76 ? 1204 37N A OAH 1 
HETATM 1142 O  OAI . 37N E 4 .   ? 18.231  -0.550  -4.813  1.00 60.22 ? 1204 37N A OAI 1 
HETATM 1143 C  CAA . 37N E 4 .   ? 15.665  -3.067  -5.038  1.00 49.40 ? 1204 37N A CAA 1 
HETATM 1144 C  CAN . 37N E 4 .   ? 12.467  -4.519  -4.863  1.00 43.90 ? 1204 37N A CAN 1 
HETATM 1145 C  CAO . 37N E 4 .   ? 11.663  -3.247  -4.711  1.00 44.04 ? 1204 37N A CAO 1 
HETATM 1146 N  NAM . 37N E 4 .   ? 12.064  -5.724  -4.504  1.00 41.29 ? 1204 37N A NAM 1 
HETATM 1147 O  OAL . 37N E 4 .   ? 12.985  -6.614  -4.772  1.00 45.80 ? 1204 37N A OAL 1 
HETATM 1148 CL CL  . CL  F 5 .   ? 20.243  2.539   -0.233  1.00 77.06 ? 1205 CL  A CL  1 
HETATM 1149 S  S   . DMS G 6 .   ? -7.949  -1.034  9.821   0.82 86.40 ? 1206 DMS A S   1 
HETATM 1150 O  O   . DMS G 6 .   ? -8.754  -2.254  9.576   0.82 79.37 ? 1206 DMS A O   1 
HETATM 1151 C  C1  . DMS G 6 .   ? -8.889  0.097   10.670  0.82 81.29 ? 1206 DMS A C1  1 
HETATM 1152 C  C2  . DMS G 6 .   ? -6.751  -1.298  11.014  0.82 83.90 ? 1206 DMS A C2  1 
HETATM 1153 O  O   . HOH H 7 .   ? -17.304 11.903  3.972   1.00 56.97 ? 1301 HOH A O   1 
HETATM 1154 O  O   . HOH H 7 .   ? -25.420 1.465   1.318   1.00 58.24 ? 1302 HOH A O   1 
HETATM 1155 O  O   . HOH H 7 .   ? 26.311  -14.895 2.959   1.00 46.79 ? 1303 HOH A O   1 
HETATM 1156 O  O   . HOH H 7 .   ? 24.074  -8.137  0.193   1.00 43.38 ? 1304 HOH A O   1 
HETATM 1157 O  O   . HOH H 7 .   ? 0.322   10.378  12.833  1.00 38.72 ? 1305 HOH A O   1 
HETATM 1158 O  O   . HOH H 7 .   ? -18.187 13.750  -3.585  1.00 55.93 ? 1306 HOH A O   1 
HETATM 1159 O  O   . HOH H 7 .   ? 17.918  -12.987 -2.523  1.00 53.72 ? 1307 HOH A O   1 
HETATM 1160 O  O   . HOH H 7 .   ? -24.369 -2.628  4.597   1.00 39.61 ? 1308 HOH A O   1 
HETATM 1161 O  O   . HOH H 7 .   ? 21.760  -4.796  5.724   1.00 38.18 ? 1309 HOH A O   1 
HETATM 1162 O  O   . HOH H 7 .   ? 0.657   13.804  2.281   1.00 44.88 ? 1310 HOH A O   1 
HETATM 1163 O  O   . HOH H 7 .   ? -3.943  7.968   -11.403 1.00 47.13 ? 1311 HOH A O   1 
HETATM 1164 O  O   . HOH H 7 .   ? -22.605 -3.643  11.082  1.00 51.85 ? 1312 HOH A O   1 
HETATM 1165 O  O   . HOH H 7 .   ? -4.517  11.486  5.307   1.00 44.61 ? 1313 HOH A O   1 
HETATM 1166 O  O   . HOH H 7 .   ? -3.970  -6.214  -5.323  1.00 42.53 ? 1314 HOH A O   1 
HETATM 1167 O  O   . HOH H 7 .   ? -14.693 12.189  8.396   1.00 31.52 ? 1315 HOH A O   1 
HETATM 1168 O  O   . HOH H 7 .   ? -23.174 -4.167  6.304   1.00 47.25 ? 1316 HOH A O   1 
HETATM 1169 O  O   . HOH H 7 .   ? 18.732  -3.523  -0.391  1.00 45.63 ? 1317 HOH A O   1 
HETATM 1170 O  O   . HOH H 7 .   ? 11.484  -2.401  9.987   1.00 40.21 ? 1318 HOH A O   1 
HETATM 1171 O  O   . HOH H 7 .   ? -5.061  9.600   17.474  1.00 46.89 ? 1319 HOH A O   1 
HETATM 1172 O  O   . HOH H 7 .   ? 1.134   -13.172 -12.206 1.00 49.60 ? 1320 HOH A O   1 
HETATM 1173 O  O   . HOH H 7 .   ? -16.145 8.710   16.056  1.00 47.17 ? 1321 HOH A O   1 
HETATM 1174 O  O   . HOH H 7 .   ? -2.810  -7.250  -7.594  1.00 56.36 ? 1322 HOH A O   1 
HETATM 1175 O  O   . HOH H 7 .   ? 6.763   11.293  5.081   1.00 40.60 ? 1323 HOH A O   1 
HETATM 1176 O  O   . HOH H 7 .   ? 14.513  0.823   7.339   1.00 32.72 ? 1324 HOH A O   1 
HETATM 1177 O  O   . HOH H 7 .   ? -17.715 1.728   14.540  1.00 43.83 ? 1325 HOH A O   1 
HETATM 1178 O  O   . HOH H 7 .   ? -7.278  12.462  10.599  1.00 43.92 ? 1326 HOH A O   1 
HETATM 1179 O  O   . HOH H 7 .   ? 18.165  -13.375 7.798   1.00 52.31 ? 1327 HOH A O   1 
HETATM 1180 O  O   . HOH H 7 .   ? -12.356 15.154  7.223   1.00 26.84 ? 1328 HOH A O   1 
HETATM 1181 O  O   . HOH H 7 .   ? 16.725  5.056   -0.224  1.00 54.27 ? 1329 HOH A O   1 
HETATM 1182 O  O   . HOH H 7 .   ? 13.268  8.669   6.425   1.00 56.66 ? 1330 HOH A O   1 
HETATM 1183 O  O   . HOH H 7 .   ? -4.920  13.810  -0.635  1.00 30.94 ? 1331 HOH A O   1 
HETATM 1184 O  O   . HOH H 7 .   ? -8.365  13.123  6.602   1.00 45.29 ? 1332 HOH A O   1 
HETATM 1185 O  O   . HOH H 7 .   ? 9.500   -0.927  11.506  1.00 55.33 ? 1333 HOH A O   1 
HETATM 1186 O  O   . HOH H 7 .   ? 16.012  -6.851  8.414   1.00 46.47 ? 1334 HOH A O   1 
HETATM 1187 O  O   . HOH H 7 .   ? 23.388  -9.224  6.903   1.00 34.20 ? 1335 HOH A O   1 
HETATM 1188 O  O   . HOH H 7 .   ? 6.589   -18.057 -7.617  1.00 61.98 ? 1336 HOH A O   1 
HETATM 1189 O  O   . HOH H 7 .   ? -4.249  -4.827  -8.556  1.00 41.57 ? 1337 HOH A O   1 
HETATM 1190 O  O   . HOH H 7 .   ? 3.598   11.043  9.218   1.00 47.71 ? 1338 HOH A O   1 
HETATM 1191 O  O   . HOH H 7 .   ? 4.255   11.994  7.374   1.00 45.45 ? 1339 HOH A O   1 
HETATM 1192 O  O   . HOH H 7 .   ? 13.609  2.292   9.484   1.00 38.91 ? 1340 HOH A O   1 
HETATM 1193 O  O   . HOH H 7 .   ? -9.616  9.794   -11.003 1.00 46.37 ? 1341 HOH A O   1 
HETATM 1194 O  O   . HOH H 7 .   ? -10.720 9.760   -8.521  1.00 48.79 ? 1342 HOH A O   1 
HETATM 1195 O  O   . HOH H 7 .   ? -5.277  5.857   -12.254 1.00 42.76 ? 1343 HOH A O   1 
HETATM 1196 O  O   . HOH H 7 .   ? 18.751  0.842   -1.967  1.00 63.52 ? 1344 HOH A O   1 
HETATM 1197 O  O   . HOH H 7 .   ? 20.237  -1.504  -1.508  1.00 62.94 ? 1345 HOH A O   1 
HETATM 1198 O  O   . HOH H 7 .   ? 14.818  -14.524 -5.418  1.00 59.09 ? 1346 HOH A O   1 
HETATM 1199 O  O   . HOH H 7 .   ? 20.648  -17.176 3.632   1.00 42.63 ? 1347 HOH A O   1 
HETATM 1200 O  O   . HOH H 7 .   ? 16.094  -10.939 9.531   1.00 62.00 ? 1348 HOH A O   1 
HETATM 1201 O  O   . HOH H 7 .   ? -9.553  11.599  13.012  1.00 52.59 ? 1349 HOH A O   1 
HETATM 1202 O  O   . HOH H 7 .   ? 1.224   12.435  14.060  1.00 65.20 ? 1350 HOH A O   1 
HETATM 1203 O  O   . HOH H 7 .   ? -0.775  -9.333  -11.572 1.00 52.68 ? 1351 HOH A O   1 
HETATM 1204 O  O   . HOH H 7 .   ? -21.577 10.953  5.037   1.00 55.66 ? 1352 HOH A O   1 
HETATM 1205 O  O   . HOH H 7 .   ? -2.270  13.851  -1.160  1.00 36.29 ? 1353 HOH A O   1 
HETATM 1206 O  O   . HOH H 7 .   ? 2.630   17.780  -2.337  1.00 49.40 ? 1354 HOH A O   1 
HETATM 1207 O  O   . HOH H 7 .   ? 1.724   -18.879 -12.308 1.00 67.78 ? 1355 HOH A O   1 
HETATM 1208 O  O   . HOH H 7 .   ? 18.075  6.366   1.735   1.00 57.39 ? 1356 HOH A O   1 
HETATM 1209 O  O   . HOH H 7 .   ? -7.548  7.158   -13.115 1.00 51.16 ? 1357 HOH A O   1 
HETATM 1210 O  O   . HOH H 7 .   ? 11.970  1.065   11.294  1.00 43.21 ? 1358 HOH A O   1 
HETATM 1211 O  O   . HOH H 7 .   ? 9.531   11.899  5.196   1.00 69.40 ? 1359 HOH A O   1 
HETATM 1212 O  O   . HOH H 7 .   ? 22.157  -6.938  7.585   1.00 41.68 ? 1360 HOH A O   1 
HETATM 1213 O  O   . HOH H 7 .   ? -10.189 4.055   -4.372  1.00 26.47 ? 1361 HOH A O   1 
HETATM 1214 O  O   . HOH H 7 .   ? -16.684 11.226  -6.704  1.00 47.07 ? 1362 HOH A O   1 
HETATM 1215 O  O   . HOH H 7 .   ? 5.188   -5.146  9.260   1.00 49.99 ? 1363 HOH A O   1 
HETATM 1216 O  O   . HOH H 7 .   ? -2.181  -0.965  13.932  1.00 52.27 ? 1364 HOH A O   1 
HETATM 1217 O  O   . HOH H 7 .   ? 7.009   -5.321  -11.145 1.00 50.39 ? 1365 HOH A O   1 
HETATM 1218 O  O   . HOH H 7 .   ? 16.559  -1.469  -0.442  1.00 51.54 ? 1366 HOH A O   1 
HETATM 1219 O  O   . HOH H 7 .   ? 12.895  9.400   -2.377  1.00 49.77 ? 1367 HOH A O   1 
HETATM 1220 O  O   . HOH H 7 .   ? 2.061   8.181   -8.411  1.00 58.79 ? 1368 HOH A O   1 
HETATM 1221 O  O   . HOH H 7 .   ? 0.220   -12.505 -4.466  1.00 50.58 ? 1369 HOH A O   1 
HETATM 1222 O  O   . HOH H 7 .   ? 1.041   2.264   16.272  1.00 55.49 ? 1370 HOH A O   1 
HETATM 1223 O  O   . HOH H 7 .   ? -0.077  4.730   15.650  1.00 51.87 ? 1371 HOH A O   1 
HETATM 1224 O  O   . HOH H 7 .   ? 2.874   7.259   -5.056  1.00 48.99 ? 1372 HOH A O   1 
HETATM 1225 O  O   . HOH H 7 .   ? 11.647  -13.659 3.860   1.00 47.37 ? 1373 HOH A O   1 
HETATM 1226 O  O   . HOH H 7 .   ? 7.834   -5.030  -2.813  1.00 30.07 ? 1374 HOH A O   1 
HETATM 1227 O  O   . HOH H 7 .   ? 10.947  7.649   -1.270  1.00 31.57 ? 1375 HOH A O   1 
HETATM 1228 O  O   . HOH H 7 .   ? 9.606   -6.824  -3.842  1.00 29.10 ? 1376 HOH A O   1 
HETATM 1229 O  O   . HOH H 7 .   ? -13.344 4.991   -4.328  1.00 30.99 ? 1377 HOH A O   1 
HETATM 1230 O  O   . HOH H 7 .   ? -2.035  -8.779  0.988   1.00 33.60 ? 1378 HOH A O   1 
HETATM 1231 O  O   . HOH H 7 .   ? 9.005   -1.500  -6.218  1.00 33.62 ? 1379 HOH A O   1 
HETATM 1232 O  O   . HOH H 7 .   ? 14.398  2.480   -0.574  1.00 31.64 ? 1380 HOH A O   1 
HETATM 1233 O  O   . HOH H 7 .   ? 3.669   -11.667 -1.635  1.00 34.17 ? 1381 HOH A O   1 
HETATM 1234 O  O   . HOH H 7 .   ? 7.349   -2.911  -4.551  1.00 35.77 ? 1382 HOH A O   1 
HETATM 1235 O  O   . HOH H 7 .   ? 2.869   -11.633 -5.247  1.00 31.29 ? 1383 HOH A O   1 
HETATM 1236 O  O   . HOH H 7 .   ? 6.188   -5.670  -5.974  1.00 31.40 ? 1384 HOH A O   1 
HETATM 1237 O  O   . HOH H 7 .   ? 2.423   -0.105  13.166  1.00 33.05 ? 1385 HOH A O   1 
HETATM 1238 O  O   . HOH H 7 .   ? 4.289   -3.072  -9.125  1.00 36.41 ? 1386 HOH A O   1 
HETATM 1239 O  O   . HOH H 7 .   ? 6.693   8.002   6.114   1.00 37.78 ? 1387 HOH A O   1 
HETATM 1240 O  O   . HOH H 7 .   ? 12.871  11.018  4.078   1.00 39.93 ? 1388 HOH A O   1 
HETATM 1241 O  O   . HOH H 7 .   ? 0.275   -9.865  1.637   1.00 38.77 ? 1389 HOH A O   1 
HETATM 1242 O  O   . HOH H 7 .   ? -3.851  0.295   11.928  1.00 41.07 ? 1390 HOH A O   1 
HETATM 1243 O  O   . HOH H 7 .   ? 6.729   -4.118  -8.586  1.00 38.06 ? 1391 HOH A O   1 
HETATM 1244 O  O   . HOH H 7 .   ? -15.980 4.581   -5.347  1.00 41.54 ? 1392 HOH A O   1 
HETATM 1245 O  O   . HOH H 7 .   ? -16.995 8.770   -4.951  1.00 40.21 ? 1393 HOH A O   1 
HETATM 1246 O  O   . HOH H 7 .   ? 8.095   5.593   10.175  1.00 41.56 ? 1394 HOH A O   1 
HETATM 1247 O  O   . HOH H 7 .   ? 0.206   0.487   14.446  1.00 41.85 ? 1395 HOH A O   1 
HETATM 1248 O  O   . HOH H 7 .   ? -11.439 6.011   16.147  1.00 43.86 ? 1396 HOH A O   1 
HETATM 1249 O  O   . HOH H 7 .   ? -6.920  -4.602  -2.192  1.00 41.76 ? 1397 HOH A O   1 
HETATM 1250 O  O   . HOH H 7 .   ? -13.022 -4.336  3.437   1.00 43.56 ? 1398 HOH A O   1 
HETATM 1251 O  O   . HOH H 7 .   ? 5.369   6.689   -5.702  1.00 42.43 ? 1399 HOH A O   1 
HETATM 1252 O  O   . HOH H 7 .   ? 4.178   -14.158 -5.604  1.00 46.57 ? 1400 HOH A O   1 
HETATM 1253 O  O   . HOH H 7 .   ? -0.306  -7.014  -9.093  1.00 44.76 ? 1401 HOH A O   1 
HETATM 1254 O  O   . HOH H 7 .   ? 0.614   6.620   -10.191 1.00 44.51 ? 1402 HOH A O   1 
HETATM 1255 O  O   . HOH H 7 .   ? -6.155  -5.696  5.280   1.00 50.06 ? 1403 HOH A O   1 
HETATM 1256 O  O   . HOH H 7 .   ? 6.412   -12.928 1.799   1.00 52.06 ? 1404 HOH A O   1 
HETATM 1257 O  O   . HOH H 7 .   ? -3.091  -9.140  3.474   1.00 49.07 ? 1405 HOH A O   1 
HETATM 1258 O  O   . HOH H 7 .   ? 11.185  -16.806 -0.566  1.00 49.97 ? 1406 HOH A O   1 
HETATM 1259 O  O   . HOH H 7 .   ? 6.960   8.769   -6.112  1.00 52.89 ? 1407 HOH A O   1 
HETATM 1260 O  O   . HOH H 7 .   ? -5.492  -4.872  7.431   1.00 53.23 ? 1408 HOH A O   1 
HETATM 1261 O  O   . HOH H 7 .   ? 8.807   9.820   -4.240  1.00 49.13 ? 1409 HOH A O   1 
HETATM 1262 O  O   . HOH H 7 .   ? -13.736 0.349   12.286  1.00 50.80 ? 1410 HOH A O   1 
HETATM 1263 O  O   . HOH H 7 .   ? 6.093   3.052   12.808  1.00 50.79 ? 1411 HOH A O   1 
HETATM 1264 O  O   . HOH H 7 .   ? -8.299  2.677   16.547  1.00 68.91 ? 1412 HOH A O   1 
HETATM 1265 O  O   . HOH H 7 .   ? 4.823   1.112   14.286  1.00 59.80 ? 1413 HOH A O   1 
HETATM 1266 O  O   . HOH H 7 .   ? -7.728  4.334   14.172  1.00 49.75 ? 1414 HOH A O   1 
HETATM 1267 O  O   . HOH H 7 .   ? -13.289 4.990   -1.790  1.00 50.68 ? 1415 HOH A O   1 
HETATM 1268 O  O   . HOH H 7 .   ? -1.421  7.808   -10.886 1.00 63.06 ? 1416 HOH A O   1 
HETATM 1269 O  O   . HOH H 7 .   ? -17.202 -4.183  3.505   1.00 59.09 ? 1417 HOH A O   1 
HETATM 1270 O  O   . HOH H 7 .   ? 2.273   9.967   -3.812  1.00 50.57 ? 1418 HOH A O   1 
HETATM 1271 O  O   . HOH H 7 .   ? -6.540  -3.953  9.484   1.00 70.21 ? 1419 HOH A O   1 
HETATM 1272 O  O   . HOH H 7 .   ? -14.603 -1.312  10.414  1.00 54.34 ? 1420 HOH A O   1 
HETATM 1273 O  O   . HOH H 7 .   ? -9.014  -6.319  -0.872  1.00 67.18 ? 1421 HOH A O   1 
HETATM 1274 O  O   . HOH H 7 .   ? 6.596   -7.342  7.924   1.00 72.37 ? 1422 HOH A O   1 
HETATM 1275 O  O   . HOH H 7 .   ? 9.981   0.960   -12.820 1.00 53.27 ? 1423 HOH A O   1 
HETATM 1276 O  O   . HOH H 7 .   ? -2.571  8.836   18.318  1.00 76.23 ? 1424 HOH A O   1 
HETATM 1277 O  O   . HOH H 7 .   ? -4.384  -7.102  -2.292  1.00 59.34 ? 1425 HOH A O   1 
HETATM 1278 O  O   . HOH H 7 .   ? -14.834 -3.273  -3.204  1.00 65.62 ? 1426 HOH A O   1 
HETATM 1279 O  O   . HOH H 7 .   ? 16.866  -12.332 -4.729  1.00 63.21 ? 1427 HOH A O   1 
HETATM 1280 O  O   . HOH H 7 .   ? -15.661 0.459   14.669  1.00 63.21 ? 1428 HOH A O   1 
HETATM 1281 O  O   . HOH H 7 .   ? 0.626   -3.358  -10.085 1.00 64.78 ? 1429 HOH A O   1 
HETATM 1282 O  O   . HOH H 7 .   ? 16.929  3.340   -1.843  1.00 51.17 ? 1430 HOH A O   1 
HETATM 1283 O  O   . HOH H 7 .   ? 2.569   2.499   -11.935 1.00 53.66 ? 1431 HOH A O   1 
HETATM 1284 O  O   . HOH H 7 .   ? 17.429  -10.306 -3.479  1.00 60.69 ? 1432 HOH A O   1 
HETATM 1285 O  O   . HOH H 7 .   ? 5.458   9.175   8.143   1.00 49.05 ? 1433 HOH A O   1 
HETATM 1286 O  O   . HOH H 7 .   ? -0.646  -15.003 -5.152  1.00 56.14 ? 1434 HOH A O   1 
HETATM 1287 O  O   . HOH H 7 .   ? 12.045  11.717  -1.147  1.00 66.29 ? 1435 HOH A O   1 
HETATM 1288 O  O   . HOH H 7 .   ? 5.093   -5.384  -12.756 1.00 60.05 ? 1436 HOH A O   1 
HETATM 1289 O  O   . HOH H 7 .   ? 13.301  -6.994  9.119   1.00 58.99 ? 1437 HOH A O   1 
HETATM 1290 O  O   . HOH H 7 .   ? -14.505 6.506   16.892  1.00 64.90 ? 1438 HOH A O   1 
HETATM 1291 O  O   . HOH H 7 .   ? 10.888  -8.614  -14.335 1.00 60.57 ? 1439 HOH A O   1 
HETATM 1292 O  O   . HOH H 7 .   ? -13.338 0.044   -9.859  1.00 63.39 ? 1440 HOH A O   1 
HETATM 1293 O  O   . HOH H 7 .   ? 2.745   -8.100  4.761   1.00 44.32 ? 1441 HOH A O   1 
HETATM 1294 O  O   . HOH H 7 .   ? 4.521   -9.068  6.195   1.00 62.30 ? 1442 HOH A O   1 
HETATM 1295 O  O   . HOH H 7 .   ? -8.051  -3.841  -4.720  1.00 53.26 ? 1443 HOH A O   1 
HETATM 1296 O  O   . HOH H 7 .   ? 4.480   11.388  -4.348  1.00 64.90 ? 1444 HOH A O   1 
HETATM 1297 O  O   . HOH H 7 .   ? -10.840 1.217   12.177  1.00 52.24 ? 1445 HOH A O   1 
HETATM 1298 O  O   . HOH H 7 .   ? 3.075   -3.493  -11.562 1.00 58.86 ? 1446 HOH A O   1 
# 
loop_
_pdbx_poly_seq_scheme.asym_id 
_pdbx_poly_seq_scheme.entity_id 
_pdbx_poly_seq_scheme.seq_id 
_pdbx_poly_seq_scheme.mon_id 
_pdbx_poly_seq_scheme.ndb_seq_num 
_pdbx_poly_seq_scheme.pdb_seq_num 
_pdbx_poly_seq_scheme.auth_seq_num 
_pdbx_poly_seq_scheme.pdb_mon_id 
_pdbx_poly_seq_scheme.auth_mon_id 
_pdbx_poly_seq_scheme.pdb_strand_id 
_pdbx_poly_seq_scheme.pdb_ins_code 
_pdbx_poly_seq_scheme.hetero 
A 1 1   SER 1   979  979  SER SER A . n 
A 1 2   MET 2   980  980  MET MET A . n 
A 1 3   GLN 3   981  981  GLN GLN A . n 
A 1 4   GLU 4   982  982  GLU GLU A . n 
A 1 5   GLU 5   983  983  GLU GLU A . n 
A 1 6   ASP 6   984  984  ASP ASP A . n 
A 1 7   THR 7   985  985  THR THR A . n 
A 1 8   PHE 8   986  986  PHE PHE A . n 
A 1 9   ARG 9   987  987  ARG ARG A . n 
A 1 10  GLU 10  988  988  GLU GLU A . n 
A 1 11  LEU 11  989  989  LEU LEU A . n 
A 1 12  ARG 12  990  990  ARG ARG A . n 
A 1 13  ILE 13  991  991  ILE ILE A . n 
A 1 14  PHE 14  992  992  PHE PHE A . n 
A 1 15  LEU 15  993  993  LEU LEU A . n 
A 1 16  ARG 16  994  994  ARG ARG A . n 
A 1 17  ASN 17  995  995  ASN ASN A . n 
A 1 18  VAL 18  996  996  VAL VAL A . n 
A 1 19  THR 19  997  997  THR THR A . n 
A 1 20  HIS 20  998  998  HIS HIS A . n 
A 1 21  ARG 21  999  999  ARG ARG A . n 
A 1 22  LEU 22  1000 1000 LEU LEU A . n 
A 1 23  ALA 23  1001 1001 ALA ALA A . n 
A 1 24  ILE 24  1002 1002 ILE ILE A . n 
A 1 25  ASP 25  1003 1003 ASP ASP A . n 
A 1 26  LYS 26  1004 1004 LYS LYS A . n 
A 1 27  ARG 27  1005 1005 ARG ARG A . n 
A 1 28  PHE 28  1006 1006 PHE PHE A . n 
A 1 29  ARG 29  1007 1007 ARG ARG A . n 
A 1 30  VAL 30  1008 1008 VAL VAL A . n 
A 1 31  PHE 31  1009 1009 PHE PHE A . n 
A 1 32  THR 32  1010 1010 THR THR A . n 
A 1 33  LYS 33  1011 1011 LYS LYS A . n 
A 1 34  PRO 34  1012 1012 PRO PRO A . n 
A 1 35  VAL 35  1013 1013 VAL VAL A . n 
A 1 36  ASP 36  1014 1014 ASP ASP A . n 
A 1 37  PRO 37  1015 1015 PRO PRO A . n 
A 1 38  ASP 38  1016 1016 ASP ASP A . n 
A 1 39  GLU 39  1017 1017 GLU GLU A . n 
A 1 40  VAL 40  1018 1018 VAL VAL A . n 
A 1 41  PRO 41  1019 1019 PRO PRO A . n 
A 1 42  ASP 42  1020 1020 ASP ASP A . n 
A 1 43  TYR 43  1021 1021 TYR TYR A . n 
A 1 44  VAL 44  1022 1022 VAL VAL A . n 
A 1 45  THR 45  1023 1023 THR THR A . n 
A 1 46  VAL 46  1024 1024 VAL VAL A . n 
A 1 47  ILE 47  1025 1025 ILE ILE A . n 
A 1 48  LYS 48  1026 1026 LYS LYS A . n 
A 1 49  GLN 49  1027 1027 GLN GLN A . n 
A 1 50  PRO 50  1028 1028 PRO PRO A . n 
A 1 51  MET 51  1029 1029 MET MET A . n 
A 1 52  ASP 52  1030 1030 ASP ASP A . n 
A 1 53  LEU 53  1031 1031 LEU LEU A . n 
A 1 54  SER 54  1032 1032 SER SER A . n 
A 1 55  SER 55  1033 1033 SER SER A . n 
A 1 56  VAL 56  1034 1034 VAL VAL A . n 
A 1 57  ILE 57  1035 1035 ILE ILE A . n 
A 1 58  SER 58  1036 1036 SER SER A . n 
A 1 59  LYS 59  1037 1037 LYS LYS A . n 
A 1 60  ILE 60  1038 1038 ILE ILE A . n 
A 1 61  ASP 61  1039 1039 ASP ASP A . n 
A 1 62  LEU 62  1040 1040 LEU LEU A . n 
A 1 63  HIS 63  1041 1041 HIS HIS A . n 
A 1 64  LYS 64  1042 1042 LYS LYS A . n 
A 1 65  TYR 65  1043 1043 TYR TYR A . n 
A 1 66  LEU 66  1044 1044 LEU LEU A . n 
A 1 67  THR 67  1045 1045 THR THR A . n 
A 1 68  VAL 68  1046 1046 VAL VAL A . n 
A 1 69  LYS 69  1047 1047 LYS LYS A . n 
A 1 70  ASP 70  1048 1048 ASP ASP A . n 
A 1 71  TYR 71  1049 1049 TYR TYR A . n 
A 1 72  LEU 72  1050 1050 LEU LEU A . n 
A 1 73  ARG 73  1051 1051 ARG ARG A . n 
A 1 74  ASP 74  1052 1052 ASP ASP A . n 
A 1 75  ILE 75  1053 1053 ILE ILE A . n 
A 1 76  ASP 76  1054 1054 ASP ASP A . n 
A 1 77  LEU 77  1055 1055 LEU LEU A . n 
A 1 78  ILE 78  1056 1056 ILE ILE A . n 
A 1 79  CYS 79  1057 1057 CYS CYS A . n 
A 1 80  SER 80  1058 1058 SER SER A . n 
A 1 81  ASN 81  1059 1059 ASN ASN A . n 
A 1 82  ALA 82  1060 1060 ALA ALA A . n 
A 1 83  LEU 83  1061 1061 LEU LEU A . n 
A 1 84  GLU 84  1062 1062 GLU GLU A . n 
A 1 85  TYR 85  1063 1063 TYR TYR A . n 
A 1 86  ASN 86  1064 1064 ASN ASN A . n 
A 1 87  PRO 87  1065 1065 PRO PRO A . n 
A 1 88  ASP 88  1066 1066 ASP ASP A . n 
A 1 89  ARG 89  1067 1067 ARG ARG A . n 
A 1 90  ASP 90  1068 1068 ASP ASP A . n 
A 1 91  PRO 91  1069 1069 PRO PRO A . n 
A 1 92  GLY 92  1070 1070 GLY GLY A . n 
A 1 93  ASP 93  1071 1071 ASP ASP A . n 
A 1 94  ARG 94  1072 1072 ARG ARG A . n 
A 1 95  LEU 95  1073 1073 LEU LEU A . n 
A 1 96  ILE 96  1074 1074 ILE ILE A . n 
A 1 97  ARG 97  1075 1075 ARG ARG A . n 
A 1 98  HIS 98  1076 1076 HIS HIS A . n 
A 1 99  ARG 99  1077 1077 ARG ARG A . n 
A 1 100 ALA 100 1078 1078 ALA ALA A . n 
A 1 101 CYS 101 1079 1079 CYS CYS A . n 
A 1 102 ALA 102 1080 1080 ALA ALA A . n 
A 1 103 LEU 103 1081 1081 LEU LEU A . n 
A 1 104 ARG 104 1082 1082 ARG ARG A . n 
A 1 105 ASP 105 1083 1083 ASP ASP A . n 
A 1 106 THR 106 1084 1084 THR THR A . n 
A 1 107 ALA 107 1085 1085 ALA ALA A . n 
A 1 108 TYR 108 1086 1086 TYR TYR A . n 
A 1 109 ALA 109 1087 1087 ALA ALA A . n 
A 1 110 ILE 110 1088 1088 ILE ILE A . n 
A 1 111 ILE 111 1089 1089 ILE ILE A . n 
A 1 112 LYS 112 1090 1090 LYS LYS A . n 
A 1 113 GLU 113 1091 1091 GLU GLU A . n 
A 1 114 GLU 114 1092 1092 GLU GLU A . n 
A 1 115 LEU 115 1093 1093 LEU LEU A . n 
A 1 116 ASP 116 1094 1094 ASP ASP A . n 
A 1 117 GLU 117 1095 1095 GLU GLU A . n 
A 1 118 ASP 118 1096 1096 ASP ASP A . n 
A 1 119 PHE 119 1097 1097 PHE PHE A . n 
A 1 120 GLU 120 1098 1098 GLU GLU A . n 
A 1 121 GLN 121 1099 1099 GLN GLN A . n 
A 1 122 LEU 122 1100 1100 LEU LEU A . n 
A 1 123 CYS 123 1101 1101 CYS CYS A . n 
A 1 124 GLU 124 1102 1102 GLU GLU A . n 
A 1 125 GLU 125 1103 1103 GLU GLU A . n 
A 1 126 ILE 126 1104 1104 ILE ILE A . n 
A 1 127 GLN 127 1105 1105 GLN GLN A . n 
A 1 128 GLU 128 1106 1106 GLU GLU A . n 
A 1 129 SER 129 1107 1107 SER SER A . n 
A 1 130 ARG 130 1108 1108 ARG ARG A . n 
# 
loop_
_pdbx_nonpoly_scheme.asym_id 
_pdbx_nonpoly_scheme.entity_id 
_pdbx_nonpoly_scheme.mon_id 
_pdbx_nonpoly_scheme.ndb_seq_num 
_pdbx_nonpoly_scheme.pdb_seq_num 
_pdbx_nonpoly_scheme.auth_seq_num 
_pdbx_nonpoly_scheme.pdb_mon_id 
_pdbx_nonpoly_scheme.auth_mon_id 
_pdbx_nonpoly_scheme.pdb_strand_id 
_pdbx_nonpoly_scheme.pdb_ins_code 
B 2 SO4 1   1201 1201 SO4 SO4 A . 
C 3 GOL 1   1202 1202 GOL GOL A . 
D 3 GOL 1   1203 1203 GOL GOL A . 
E 4 37N 1   1204 1204 37N 37N A . 
F 5 CL  1   1205 1205 CL  CL  A . 
G 6 DMS 1   1206 1206 DMS DMS A . 
H 7 HOH 1   1301 1301 HOH HOH A . 
H 7 HOH 2   1302 1302 HOH HOH A . 
H 7 HOH 3   1303 1303 HOH HOH A . 
H 7 HOH 4   1304 1304 HOH HOH A . 
H 7 HOH 5   1305 1305 HOH HOH A . 
H 7 HOH 6   1306 1306 HOH HOH A . 
H 7 HOH 7   1307 1307 HOH HOH A . 
H 7 HOH 8   1308 1308 HOH HOH A . 
H 7 HOH 9   1309 1309 HOH HOH A . 
H 7 HOH 10  1310 1310 HOH HOH A . 
H 7 HOH 11  1311 1311 HOH HOH A . 
H 7 HOH 12  1312 1313 HOH HOH A . 
H 7 HOH 13  1313 1314 HOH HOH A . 
H 7 HOH 14  1314 1316 HOH HOH A . 
H 7 HOH 15  1315 1317 HOH HOH A . 
H 7 HOH 16  1316 1318 HOH HOH A . 
H 7 HOH 17  1317 1315 HOH HOH A . 
H 7 HOH 18  1318 1319 HOH HOH A . 
H 7 HOH 19  1319 1320 HOH HOH A . 
H 7 HOH 20  1320 1321 HOH HOH A . 
H 7 HOH 21  1321 1322 HOH HOH A . 
H 7 HOH 22  1322 1323 HOH HOH A . 
H 7 HOH 23  1323 1312 HOH HOH A . 
H 7 HOH 24  1324 1324 HOH HOH A . 
H 7 HOH 25  1325 1325 HOH HOH A . 
H 7 HOH 26  1326 1326 HOH HOH A . 
H 7 HOH 27  1327 1327 HOH HOH A . 
H 7 HOH 28  1328 1328 HOH HOH A . 
H 7 HOH 29  1329 1329 HOH HOH A . 
H 7 HOH 30  1330 1330 HOH HOH A . 
H 7 HOH 31  1331 1331 HOH HOH A . 
H 7 HOH 32  1332 1332 HOH HOH A . 
H 7 HOH 33  1333 1334 HOH HOH A . 
H 7 HOH 34  1334 1336 HOH HOH A . 
H 7 HOH 35  1335 1337 HOH HOH A . 
H 7 HOH 36  1336 1338 HOH HOH A . 
H 7 HOH 37  1337 1339 HOH HOH A . 
H 7 HOH 38  1338 1333 HOH HOH A . 
H 7 HOH 39  1339 1340 HOH HOH A . 
H 7 HOH 40  1340 1341 HOH HOH A . 
H 7 HOH 41  1341 1342 HOH HOH A . 
H 7 HOH 42  1342 1343 HOH HOH A . 
H 7 HOH 43  1343 1344 HOH HOH A . 
H 7 HOH 44  1344 1345 HOH HOH A . 
H 7 HOH 45  1345 1346 HOH HOH A . 
H 7 HOH 46  1346 1347 HOH HOH A . 
H 7 HOH 47  1347 1348 HOH HOH A . 
H 7 HOH 48  1348 1350 HOH HOH A . 
H 7 HOH 49  1349 1352 HOH HOH A . 
H 7 HOH 50  1350 1351 HOH HOH A . 
H 7 HOH 51  1351 1353 HOH HOH A . 
H 7 HOH 52  1352 1354 HOH HOH A . 
H 7 HOH 53  1353 1355 HOH HOH A . 
H 7 HOH 54  1354 1356 HOH HOH A . 
H 7 HOH 55  1355 1357 HOH HOH A . 
H 7 HOH 56  1356 1359 HOH HOH A . 
H 7 HOH 57  1357 1360 HOH HOH A . 
H 7 HOH 58  1358 1361 HOH HOH A . 
H 7 HOH 59  1359 1362 HOH HOH A . 
H 7 HOH 60  1360 1364 HOH HOH A . 
H 7 HOH 61  1361 1365 HOH HOH A . 
H 7 HOH 62  1362 1366 HOH HOH A . 
H 7 HOH 63  1363 1367 HOH HOH A . 
H 7 HOH 64  1364 1368 HOH HOH A . 
H 7 HOH 65  1365 1369 HOH HOH A . 
H 7 HOH 66  1366 1370 HOH HOH A . 
H 7 HOH 67  1367 1371 HOH HOH A . 
H 7 HOH 68  1368 1372 HOH HOH A . 
H 7 HOH 69  1369 1373 HOH HOH A . 
H 7 HOH 70  1370 1374 HOH HOH A . 
H 7 HOH 71  1371 1375 HOH HOH A . 
H 7 HOH 72  1372 1376 HOH HOH A . 
H 7 HOH 73  1373 1377 HOH HOH A . 
H 7 HOH 74  1374 1378 HOH HOH A . 
H 7 HOH 75  1375 1379 HOH HOH A . 
H 7 HOH 76  1376 1380 HOH HOH A . 
H 7 HOH 77  1377 1381 HOH HOH A . 
H 7 HOH 78  1378 1382 HOH HOH A . 
H 7 HOH 79  1379 1383 HOH HOH A . 
H 7 HOH 80  1380 1384 HOH HOH A . 
H 7 HOH 81  1381 1385 HOH HOH A . 
H 7 HOH 82  1382 1386 HOH HOH A . 
H 7 HOH 83  1383 1387 HOH HOH A . 
H 7 HOH 84  1384 1388 HOH HOH A . 
H 7 HOH 85  1385 1389 HOH HOH A . 
H 7 HOH 86  1386 1390 HOH HOH A . 
H 7 HOH 87  1387 1391 HOH HOH A . 
H 7 HOH 88  1388 1392 HOH HOH A . 
H 7 HOH 89  1389 1393 HOH HOH A . 
H 7 HOH 90  1390 1394 HOH HOH A . 
H 7 HOH 91  1391 1395 HOH HOH A . 
H 7 HOH 92  1392 1396 HOH HOH A . 
H 7 HOH 93  1393 1397 HOH HOH A . 
H 7 HOH 94  1394 1398 HOH HOH A . 
H 7 HOH 95  1395 1399 HOH HOH A . 
H 7 HOH 96  1396 1400 HOH HOH A . 
H 7 HOH 97  1397 1401 HOH HOH A . 
H 7 HOH 98  1398 1402 HOH HOH A . 
H 7 HOH 99  1399 1403 HOH HOH A . 
H 7 HOH 100 1400 1404 HOH HOH A . 
H 7 HOH 101 1401 1405 HOH HOH A . 
H 7 HOH 102 1402 1406 HOH HOH A . 
H 7 HOH 103 1403 1407 HOH HOH A . 
H 7 HOH 104 1404 1408 HOH HOH A . 
H 7 HOH 105 1405 1409 HOH HOH A . 
H 7 HOH 106 1406 1410 HOH HOH A . 
H 7 HOH 107 1407 1411 HOH HOH A . 
H 7 HOH 108 1408 1412 HOH HOH A . 
H 7 HOH 109 1409 1413 HOH HOH A . 
H 7 HOH 110 1410 1414 HOH HOH A . 
H 7 HOH 111 1411 1415 HOH HOH A . 
H 7 HOH 112 1412 1416 HOH HOH A . 
H 7 HOH 113 1413 1417 HOH HOH A . 
H 7 HOH 114 1414 1418 HOH HOH A . 
H 7 HOH 115 1415 1419 HOH HOH A . 
H 7 HOH 116 1416 1420 HOH HOH A . 
H 7 HOH 117 1417 1421 HOH HOH A . 
H 7 HOH 118 1418 1422 HOH HOH A . 
H 7 HOH 119 1419 1423 HOH HOH A . 
H 7 HOH 120 1420 1424 HOH HOH A . 
H 7 HOH 121 1421 1425 HOH HOH A . 
H 7 HOH 122 1422 1426 HOH HOH A . 
H 7 HOH 123 1423 1427 HOH HOH A . 
H 7 HOH 124 1424 1428 HOH HOH A . 
H 7 HOH 125 1425 1429 HOH HOH A . 
H 7 HOH 126 1426 1430 HOH HOH A . 
H 7 HOH 127 1427 1431 HOH HOH A . 
H 7 HOH 128 1428 1432 HOH HOH A . 
H 7 HOH 129 1429 1433 HOH HOH A . 
H 7 HOH 130 1430 1434 HOH HOH A . 
H 7 HOH 131 1431 1435 HOH HOH A . 
H 7 HOH 132 1432 1436 HOH HOH A . 
H 7 HOH 133 1433 1437 HOH HOH A . 
H 7 HOH 134 1434 1438 HOH HOH A . 
H 7 HOH 135 1435 1439 HOH HOH A . 
H 7 HOH 136 1436 1440 HOH HOH A . 
H 7 HOH 137 1437 1441 HOH HOH A . 
H 7 HOH 138 1438 1442 HOH HOH A . 
H 7 HOH 139 1439 1443 HOH HOH A . 
H 7 HOH 140 1440 1444 HOH HOH A . 
H 7 HOH 141 1441 1446 HOH HOH A . 
H 7 HOH 142 1442 1447 HOH HOH A . 
H 7 HOH 143 1443 1448 HOH HOH A . 
H 7 HOH 144 1444 1449 HOH HOH A . 
H 7 HOH 145 1445 1450 HOH HOH A . 
H 7 HOH 146 1446 1451 HOH HOH A . 
# 
_pdbx_struct_assembly.id                   1 
_pdbx_struct_assembly.details              author_and_software_defined_assembly 
_pdbx_struct_assembly.method_details       PISA 
_pdbx_struct_assembly.oligomeric_details   monomeric 
_pdbx_struct_assembly.oligomeric_count     1 
# 
_pdbx_struct_assembly_gen.assembly_id       1 
_pdbx_struct_assembly_gen.oper_expression   1 
_pdbx_struct_assembly_gen.asym_id_list      A,B,C,D,E,F,G,H 
# 
_pdbx_struct_oper_list.id                   1 
_pdbx_struct_oper_list.type                 'identity operation' 
_pdbx_struct_oper_list.name                 1_555 
_pdbx_struct_oper_list.symmetry_operation   x,y,z 
_pdbx_struct_oper_list.matrix[1][1]         1.0000000000 
_pdbx_struct_oper_list.matrix[1][2]         0.0000000000 
_pdbx_struct_oper_list.matrix[1][3]         0.0000000000 
_pdbx_struct_oper_list.vector[1]            0.0000000000 
_pdbx_struct_oper_list.matrix[2][1]         0.0000000000 
_pdbx_struct_oper_list.matrix[2][2]         1.0000000000 
_pdbx_struct_oper_list.matrix[2][3]         0.0000000000 
_pdbx_struct_oper_list.vector[2]            0.0000000000 
_pdbx_struct_oper_list.matrix[3][1]         0.0000000000 
_pdbx_struct_oper_list.matrix[3][2]         0.0000000000 
_pdbx_struct_oper_list.matrix[3][3]         1.0000000000 
_pdbx_struct_oper_list.vector[3]            0.0000000000 
# 
loop_
_pdbx_audit_revision_history.ordinal 
_pdbx_audit_revision_history.data_content_type 
_pdbx_audit_revision_history.major_revision 
_pdbx_audit_revision_history.minor_revision 
_pdbx_audit_revision_history.revision_date 
1 'Structure model' 1 0 2014-12-24 
2 'Structure model' 1 1 2015-02-04 
3 'Structure model' 1 2 2015-03-04 
4 'Structure model' 1 3 2017-11-22 
5 'Structure model' 1 4 2023-09-27 
# 
_pdbx_audit_revision_details.ordinal             1 
_pdbx_audit_revision_details.revision_ordinal    1 
_pdbx_audit_revision_details.data_content_type   'Structure model' 
_pdbx_audit_revision_details.provider            repository 
_pdbx_audit_revision_details.type                'Initial release' 
_pdbx_audit_revision_details.description         ? 
_pdbx_audit_revision_details.details             ? 
# 
loop_
_pdbx_audit_revision_group.ordinal 
_pdbx_audit_revision_group.revision_ordinal 
_pdbx_audit_revision_group.data_content_type 
_pdbx_audit_revision_group.group 
1  2 'Structure model' 'Derived calculations'   
2  3 'Structure model' 'Database references'    
3  4 'Structure model' 'Database references'    
4  4 'Structure model' 'Derived calculations'   
5  4 'Structure model' Other                    
6  4 'Structure model' 'Refinement description' 
7  4 'Structure model' 'Source and taxonomy'    
8  5 'Structure model' 'Data collection'        
9  5 'Structure model' 'Database references'    
10 5 'Structure model' 'Refinement description' 
# 
loop_
_pdbx_audit_revision_category.ordinal 
_pdbx_audit_revision_category.revision_ordinal 
_pdbx_audit_revision_category.data_content_type 
_pdbx_audit_revision_category.category 
1  4 'Structure model' citation                      
2  4 'Structure model' entity_src_gen                
3  4 'Structure model' pdbx_database_status          
4  4 'Structure model' pdbx_struct_oper_list         
5  4 'Structure model' software                      
6  5 'Structure model' chem_comp_atom                
7  5 'Structure model' chem_comp_bond                
8  5 'Structure model' database_2                    
9  5 'Structure model' pdbx_initial_refinement_model 
10 5 'Structure model' refine_hist                   
# 
loop_
_pdbx_audit_revision_item.ordinal 
_pdbx_audit_revision_item.revision_ordinal 
_pdbx_audit_revision_item.data_content_type 
_pdbx_audit_revision_item.item 
1  4 'Structure model' '_citation.journal_id_CSD'                    
2  4 'Structure model' '_entity_src_gen.pdbx_alt_source_flag'        
3  4 'Structure model' '_pdbx_database_status.pdb_format_compatible' 
4  4 'Structure model' '_pdbx_struct_oper_list.symmetry_operation'   
5  4 'Structure model' '_software.classification'                    
6  5 'Structure model' '_database_2.pdbx_DOI'                        
7  5 'Structure model' '_database_2.pdbx_database_accession'         
8  5 'Structure model' '_refine_hist.number_atoms_total'             
9  5 'Structure model' '_refine_hist.pdbx_number_atoms_nucleic_acid' 
10 5 'Structure model' '_refine_hist.pdbx_number_atoms_protein'      
# 
loop_
_software.citation_id 
_software.classification 
_software.compiler_name 
_software.compiler_version 
_software.contact_author 
_software.contact_author_email 
_software.date 
_software.description 
_software.dependencies 
_software.hardware 
_software.language 
_software.location 
_software.mods 
_software.name 
_software.os 
_software.os_version 
_software.type 
_software.version 
_software.pdbx_ordinal 
? refinement        ? ? ? ? ? ? ? ? ? ? ? REFMAC      ? ? ? 5.7.0032 1 
? 'data scaling'    ? ? ? ? ? ? ? ? ? ? ? SCALA       ? ? ? 3.3.21   2 
? 'data extraction' ? ? ? ? ? ? ? ? ? ? ? PDB_EXTRACT ? ? ? 3.14     3 
# 
_pdbx_validate_close_contact.id               1 
_pdbx_validate_close_contact.PDB_model_num    1 
_pdbx_validate_close_contact.auth_atom_id_1   O 
_pdbx_validate_close_contact.auth_asym_id_1   A 
_pdbx_validate_close_contact.auth_comp_id_1   HOH 
_pdbx_validate_close_contact.auth_seq_id_1    1338 
_pdbx_validate_close_contact.PDB_ins_code_1   ? 
_pdbx_validate_close_contact.label_alt_id_1   ? 
_pdbx_validate_close_contact.auth_atom_id_2   O 
_pdbx_validate_close_contact.auth_asym_id_2   A 
_pdbx_validate_close_contact.auth_comp_id_2   HOH 
_pdbx_validate_close_contact.auth_seq_id_2    1339 
_pdbx_validate_close_contact.PDB_ins_code_2   ? 
_pdbx_validate_close_contact.label_alt_id_2   ? 
_pdbx_validate_close_contact.dist             2.18 
# 
loop_
_chem_comp_atom.comp_id 
_chem_comp_atom.atom_id 
_chem_comp_atom.type_symbol 
_chem_comp_atom.pdbx_aromatic_flag 
_chem_comp_atom.pdbx_stereo_config 
_chem_comp_atom.pdbx_ordinal 
37N CAP  C  N N 1   
37N CAK  C  Y N 2   
37N CAJ  C  Y N 3   
37N CAB  C  Y N 4   
37N CAC  C  Y N 5   
37N CAD  C  Y N 6   
37N NAQ  N  N N 7   
37N SAR  S  N N 8   
37N CAS  C  Y N 9   
37N CAT  C  Y N 10  
37N CAU  C  Y N 11  
37N CAV  C  Y N 12  
37N CAW  C  Y N 13  
37N CAX  C  Y N 14  
37N OAY  O  N N 15  
37N OAZ  O  N N 16  
37N CAE  C  Y N 17  
37N CAF  C  Y N 18  
37N CAG  C  N N 19  
37N OAH  O  N N 20  
37N OAI  O  N N 21  
37N CAA  C  Y N 22  
37N CAN  C  Y N 23  
37N CAO  C  N N 24  
37N NAM  N  Y N 25  
37N OAL  O  Y N 26  
37N H1   H  N N 27  
37N H2   H  N N 28  
37N H3   H  N N 29  
37N H4   H  N N 30  
37N H5   H  N N 31  
37N H6   H  N N 32  
37N H7   H  N N 33  
37N H8   H  N N 34  
37N H9   H  N N 35  
37N H10  H  N N 36  
37N H11  H  N N 37  
37N H12  H  N N 38  
37N H13  H  N N 39  
37N H14  H  N N 40  
37N H15  H  N N 41  
37N H16  H  N N 42  
ALA N    N  N N 43  
ALA CA   C  N S 44  
ALA C    C  N N 45  
ALA O    O  N N 46  
ALA CB   C  N N 47  
ALA OXT  O  N N 48  
ALA H    H  N N 49  
ALA H2   H  N N 50  
ALA HA   H  N N 51  
ALA HB1  H  N N 52  
ALA HB2  H  N N 53  
ALA HB3  H  N N 54  
ALA HXT  H  N N 55  
ARG N    N  N N 56  
ARG CA   C  N S 57  
ARG C    C  N N 58  
ARG O    O  N N 59  
ARG CB   C  N N 60  
ARG CG   C  N N 61  
ARG CD   C  N N 62  
ARG NE   N  N N 63  
ARG CZ   C  N N 64  
ARG NH1  N  N N 65  
ARG NH2  N  N N 66  
ARG OXT  O  N N 67  
ARG H    H  N N 68  
ARG H2   H  N N 69  
ARG HA   H  N N 70  
ARG HB2  H  N N 71  
ARG HB3  H  N N 72  
ARG HG2  H  N N 73  
ARG HG3  H  N N 74  
ARG HD2  H  N N 75  
ARG HD3  H  N N 76  
ARG HE   H  N N 77  
ARG HH11 H  N N 78  
ARG HH12 H  N N 79  
ARG HH21 H  N N 80  
ARG HH22 H  N N 81  
ARG HXT  H  N N 82  
ASN N    N  N N 83  
ASN CA   C  N S 84  
ASN C    C  N N 85  
ASN O    O  N N 86  
ASN CB   C  N N 87  
ASN CG   C  N N 88  
ASN OD1  O  N N 89  
ASN ND2  N  N N 90  
ASN OXT  O  N N 91  
ASN H    H  N N 92  
ASN H2   H  N N 93  
ASN HA   H  N N 94  
ASN HB2  H  N N 95  
ASN HB3  H  N N 96  
ASN HD21 H  N N 97  
ASN HD22 H  N N 98  
ASN HXT  H  N N 99  
ASP N    N  N N 100 
ASP CA   C  N S 101 
ASP C    C  N N 102 
ASP O    O  N N 103 
ASP CB   C  N N 104 
ASP CG   C  N N 105 
ASP OD1  O  N N 106 
ASP OD2  O  N N 107 
ASP OXT  O  N N 108 
ASP H    H  N N 109 
ASP H2   H  N N 110 
ASP HA   H  N N 111 
ASP HB2  H  N N 112 
ASP HB3  H  N N 113 
ASP HD2  H  N N 114 
ASP HXT  H  N N 115 
CL  CL   CL N N 116 
CYS N    N  N N 117 
CYS CA   C  N R 118 
CYS C    C  N N 119 
CYS O    O  N N 120 
CYS CB   C  N N 121 
CYS SG   S  N N 122 
CYS OXT  O  N N 123 
CYS H    H  N N 124 
CYS H2   H  N N 125 
CYS HA   H  N N 126 
CYS HB2  H  N N 127 
CYS HB3  H  N N 128 
CYS HG   H  N N 129 
CYS HXT  H  N N 130 
DMS S    S  N N 131 
DMS O    O  N N 132 
DMS C1   C  N N 133 
DMS C2   C  N N 134 
DMS H11  H  N N 135 
DMS H12  H  N N 136 
DMS H13  H  N N 137 
DMS H21  H  N N 138 
DMS H22  H  N N 139 
DMS H23  H  N N 140 
GLN N    N  N N 141 
GLN CA   C  N S 142 
GLN C    C  N N 143 
GLN O    O  N N 144 
GLN CB   C  N N 145 
GLN CG   C  N N 146 
GLN CD   C  N N 147 
GLN OE1  O  N N 148 
GLN NE2  N  N N 149 
GLN OXT  O  N N 150 
GLN H    H  N N 151 
GLN H2   H  N N 152 
GLN HA   H  N N 153 
GLN HB2  H  N N 154 
GLN HB3  H  N N 155 
GLN HG2  H  N N 156 
GLN HG3  H  N N 157 
GLN HE21 H  N N 158 
GLN HE22 H  N N 159 
GLN HXT  H  N N 160 
GLU N    N  N N 161 
GLU CA   C  N S 162 
GLU C    C  N N 163 
GLU O    O  N N 164 
GLU CB   C  N N 165 
GLU CG   C  N N 166 
GLU CD   C  N N 167 
GLU OE1  O  N N 168 
GLU OE2  O  N N 169 
GLU OXT  O  N N 170 
GLU H    H  N N 171 
GLU H2   H  N N 172 
GLU HA   H  N N 173 
GLU HB2  H  N N 174 
GLU HB3  H  N N 175 
GLU HG2  H  N N 176 
GLU HG3  H  N N 177 
GLU HE2  H  N N 178 
GLU HXT  H  N N 179 
GLY N    N  N N 180 
GLY CA   C  N N 181 
GLY C    C  N N 182 
GLY O    O  N N 183 
GLY OXT  O  N N 184 
GLY H    H  N N 185 
GLY H2   H  N N 186 
GLY HA2  H  N N 187 
GLY HA3  H  N N 188 
GLY HXT  H  N N 189 
GOL C1   C  N N 190 
GOL O1   O  N N 191 
GOL C2   C  N N 192 
GOL O2   O  N N 193 
GOL C3   C  N N 194 
GOL O3   O  N N 195 
GOL H11  H  N N 196 
GOL H12  H  N N 197 
GOL HO1  H  N N 198 
GOL H2   H  N N 199 
GOL HO2  H  N N 200 
GOL H31  H  N N 201 
GOL H32  H  N N 202 
GOL HO3  H  N N 203 
HIS N    N  N N 204 
HIS CA   C  N S 205 
HIS C    C  N N 206 
HIS O    O  N N 207 
HIS CB   C  N N 208 
HIS CG   C  Y N 209 
HIS ND1  N  Y N 210 
HIS CD2  C  Y N 211 
HIS CE1  C  Y N 212 
HIS NE2  N  Y N 213 
HIS OXT  O  N N 214 
HIS H    H  N N 215 
HIS H2   H  N N 216 
HIS HA   H  N N 217 
HIS HB2  H  N N 218 
HIS HB3  H  N N 219 
HIS HD1  H  N N 220 
HIS HD2  H  N N 221 
HIS HE1  H  N N 222 
HIS HE2  H  N N 223 
HIS HXT  H  N N 224 
HOH O    O  N N 225 
HOH H1   H  N N 226 
HOH H2   H  N N 227 
ILE N    N  N N 228 
ILE CA   C  N S 229 
ILE C    C  N N 230 
ILE O    O  N N 231 
ILE CB   C  N S 232 
ILE CG1  C  N N 233 
ILE CG2  C  N N 234 
ILE CD1  C  N N 235 
ILE OXT  O  N N 236 
ILE H    H  N N 237 
ILE H2   H  N N 238 
ILE HA   H  N N 239 
ILE HB   H  N N 240 
ILE HG12 H  N N 241 
ILE HG13 H  N N 242 
ILE HG21 H  N N 243 
ILE HG22 H  N N 244 
ILE HG23 H  N N 245 
ILE HD11 H  N N 246 
ILE HD12 H  N N 247 
ILE HD13 H  N N 248 
ILE HXT  H  N N 249 
LEU N    N  N N 250 
LEU CA   C  N S 251 
LEU C    C  N N 252 
LEU O    O  N N 253 
LEU CB   C  N N 254 
LEU CG   C  N N 255 
LEU CD1  C  N N 256 
LEU CD2  C  N N 257 
LEU OXT  O  N N 258 
LEU H    H  N N 259 
LEU H2   H  N N 260 
LEU HA   H  N N 261 
LEU HB2  H  N N 262 
LEU HB3  H  N N 263 
LEU HG   H  N N 264 
LEU HD11 H  N N 265 
LEU HD12 H  N N 266 
LEU HD13 H  N N 267 
LEU HD21 H  N N 268 
LEU HD22 H  N N 269 
LEU HD23 H  N N 270 
LEU HXT  H  N N 271 
LYS N    N  N N 272 
LYS CA   C  N S 273 
LYS C    C  N N 274 
LYS O    O  N N 275 
LYS CB   C  N N 276 
LYS CG   C  N N 277 
LYS CD   C  N N 278 
LYS CE   C  N N 279 
LYS NZ   N  N N 280 
LYS OXT  O  N N 281 
LYS H    H  N N 282 
LYS H2   H  N N 283 
LYS HA   H  N N 284 
LYS HB2  H  N N 285 
LYS HB3  H  N N 286 
LYS HG2  H  N N 287 
LYS HG3  H  N N 288 
LYS HD2  H  N N 289 
LYS HD3  H  N N 290 
LYS HE2  H  N N 291 
LYS HE3  H  N N 292 
LYS HZ1  H  N N 293 
LYS HZ2  H  N N 294 
LYS HZ3  H  N N 295 
LYS HXT  H  N N 296 
MET N    N  N N 297 
MET CA   C  N S 298 
MET C    C  N N 299 
MET O    O  N N 300 
MET CB   C  N N 301 
MET CG   C  N N 302 
MET SD   S  N N 303 
MET CE   C  N N 304 
MET OXT  O  N N 305 
MET H    H  N N 306 
MET H2   H  N N 307 
MET HA   H  N N 308 
MET HB2  H  N N 309 
MET HB3  H  N N 310 
MET HG2  H  N N 311 
MET HG3  H  N N 312 
MET HE1  H  N N 313 
MET HE2  H  N N 314 
MET HE3  H  N N 315 
MET HXT  H  N N 316 
PHE N    N  N N 317 
PHE CA   C  N S 318 
PHE C    C  N N 319 
PHE O    O  N N 320 
PHE CB   C  N N 321 
PHE CG   C  Y N 322 
PHE CD1  C  Y N 323 
PHE CD2  C  Y N 324 
PHE CE1  C  Y N 325 
PHE CE2  C  Y N 326 
PHE CZ   C  Y N 327 
PHE OXT  O  N N 328 
PHE H    H  N N 329 
PHE H2   H  N N 330 
PHE HA   H  N N 331 
PHE HB2  H  N N 332 
PHE HB3  H  N N 333 
PHE HD1  H  N N 334 
PHE HD2  H  N N 335 
PHE HE1  H  N N 336 
PHE HE2  H  N N 337 
PHE HZ   H  N N 338 
PHE HXT  H  N N 339 
PRO N    N  N N 340 
PRO CA   C  N S 341 
PRO C    C  N N 342 
PRO O    O  N N 343 
PRO CB   C  N N 344 
PRO CG   C  N N 345 
PRO CD   C  N N 346 
PRO OXT  O  N N 347 
PRO H    H  N N 348 
PRO HA   H  N N 349 
PRO HB2  H  N N 350 
PRO HB3  H  N N 351 
PRO HG2  H  N N 352 
PRO HG3  H  N N 353 
PRO HD2  H  N N 354 
PRO HD3  H  N N 355 
PRO HXT  H  N N 356 
SER N    N  N N 357 
SER CA   C  N S 358 
SER C    C  N N 359 
SER O    O  N N 360 
SER CB   C  N N 361 
SER OG   O  N N 362 
SER OXT  O  N N 363 
SER H    H  N N 364 
SER H2   H  N N 365 
SER HA   H  N N 366 
SER HB2  H  N N 367 
SER HB3  H  N N 368 
SER HG   H  N N 369 
SER HXT  H  N N 370 
SO4 S    S  N N 371 
SO4 O1   O  N N 372 
SO4 O2   O  N N 373 
SO4 O3   O  N N 374 
SO4 O4   O  N N 375 
THR N    N  N N 376 
THR CA   C  N S 377 
THR C    C  N N 378 
THR O    O  N N 379 
THR CB   C  N R 380 
THR OG1  O  N N 381 
THR CG2  C  N N 382 
THR OXT  O  N N 383 
THR H    H  N N 384 
THR H2   H  N N 385 
THR HA   H  N N 386 
THR HB   H  N N 387 
THR HG1  H  N N 388 
THR HG21 H  N N 389 
THR HG22 H  N N 390 
THR HG23 H  N N 391 
THR HXT  H  N N 392 
TYR N    N  N N 393 
TYR CA   C  N S 394 
TYR C    C  N N 395 
TYR O    O  N N 396 
TYR CB   C  N N 397 
TYR CG   C  Y N 398 
TYR CD1  C  Y N 399 
TYR CD2  C  Y N 400 
TYR CE1  C  Y N 401 
TYR CE2  C  Y N 402 
TYR CZ   C  Y N 403 
TYR OH   O  N N 404 
TYR OXT  O  N N 405 
TYR H    H  N N 406 
TYR H2   H  N N 407 
TYR HA   H  N N 408 
TYR HB2  H  N N 409 
TYR HB3  H  N N 410 
TYR HD1  H  N N 411 
TYR HD2  H  N N 412 
TYR HE1  H  N N 413 
TYR HE2  H  N N 414 
TYR HH   H  N N 415 
TYR HXT  H  N N 416 
VAL N    N  N N 417 
VAL CA   C  N S 418 
VAL C    C  N N 419 
VAL O    O  N N 420 
VAL CB   C  N N 421 
VAL CG1  C  N N 422 
VAL CG2  C  N N 423 
VAL OXT  O  N N 424 
VAL H    H  N N 425 
VAL H2   H  N N 426 
VAL HA   H  N N 427 
VAL HB   H  N N 428 
VAL HG11 H  N N 429 
VAL HG12 H  N N 430 
VAL HG13 H  N N 431 
VAL HG21 H  N N 432 
VAL HG22 H  N N 433 
VAL HG23 H  N N 434 
VAL HXT  H  N N 435 
# 
loop_
_chem_comp_bond.comp_id 
_chem_comp_bond.atom_id_1 
_chem_comp_bond.atom_id_2 
_chem_comp_bond.value_order 
_chem_comp_bond.pdbx_aromatic_flag 
_chem_comp_bond.pdbx_stereo_config 
_chem_comp_bond.pdbx_ordinal 
37N CAV CAU  doub Y N 1   
37N CAV CAW  sing Y N 2   
37N CAU CAT  sing Y N 3   
37N CAW CAX  doub Y N 4   
37N CAT CAS  doub Y N 5   
37N CAX CAS  sing Y N 6   
37N CAS SAR  sing N N 7   
37N OAI CAG  doub N N 8   
37N CAG OAH  sing N N 9   
37N CAG CAF  sing N N 10  
37N CAE CAF  doub Y N 11  
37N CAE CAD  sing Y N 12  
37N CAF CAA  sing Y N 13  
37N SAR OAZ  doub N N 14  
37N SAR NAQ  sing N N 15  
37N SAR OAY  doub N N 16  
37N NAQ CAD  sing N N 17  
37N CAD CAC  doub Y N 18  
37N CAO CAN  sing N N 19  
37N CAA CAB  doub Y N 20  
37N CAC CAB  sing Y N 21  
37N CAB CAJ  sing N N 22  
37N CAN CAJ  sing Y N 23  
37N CAN NAM  doub Y N 24  
37N CAJ CAK  doub Y N 25  
37N NAM OAL  sing Y N 26  
37N CAK OAL  sing Y N 27  
37N CAK CAP  sing N N 28  
37N CAP H1   sing N N 29  
37N CAP H2   sing N N 30  
37N CAP H3   sing N N 31  
37N CAC H4   sing N N 32  
37N NAQ H5   sing N N 33  
37N CAT H6   sing N N 34  
37N CAU H7   sing N N 35  
37N CAV H8   sing N N 36  
37N CAW H9   sing N N 37  
37N CAX H10  sing N N 38  
37N CAE H11  sing N N 39  
37N OAH H12  sing N N 40  
37N CAA H13  sing N N 41  
37N CAO H14  sing N N 42  
37N CAO H15  sing N N 43  
37N CAO H16  sing N N 44  
ALA N   CA   sing N N 45  
ALA N   H    sing N N 46  
ALA N   H2   sing N N 47  
ALA CA  C    sing N N 48  
ALA CA  CB   sing N N 49  
ALA CA  HA   sing N N 50  
ALA C   O    doub N N 51  
ALA C   OXT  sing N N 52  
ALA CB  HB1  sing N N 53  
ALA CB  HB2  sing N N 54  
ALA CB  HB3  sing N N 55  
ALA OXT HXT  sing N N 56  
ARG N   CA   sing N N 57  
ARG N   H    sing N N 58  
ARG N   H2   sing N N 59  
ARG CA  C    sing N N 60  
ARG CA  CB   sing N N 61  
ARG CA  HA   sing N N 62  
ARG C   O    doub N N 63  
ARG C   OXT  sing N N 64  
ARG CB  CG   sing N N 65  
ARG CB  HB2  sing N N 66  
ARG CB  HB3  sing N N 67  
ARG CG  CD   sing N N 68  
ARG CG  HG2  sing N N 69  
ARG CG  HG3  sing N N 70  
ARG CD  NE   sing N N 71  
ARG CD  HD2  sing N N 72  
ARG CD  HD3  sing N N 73  
ARG NE  CZ   sing N N 74  
ARG NE  HE   sing N N 75  
ARG CZ  NH1  sing N N 76  
ARG CZ  NH2  doub N N 77  
ARG NH1 HH11 sing N N 78  
ARG NH1 HH12 sing N N 79  
ARG NH2 HH21 sing N N 80  
ARG NH2 HH22 sing N N 81  
ARG OXT HXT  sing N N 82  
ASN N   CA   sing N N 83  
ASN N   H    sing N N 84  
ASN N   H2   sing N N 85  
ASN CA  C    sing N N 86  
ASN CA  CB   sing N N 87  
ASN CA  HA   sing N N 88  
ASN C   O    doub N N 89  
ASN C   OXT  sing N N 90  
ASN CB  CG   sing N N 91  
ASN CB  HB2  sing N N 92  
ASN CB  HB3  sing N N 93  
ASN CG  OD1  doub N N 94  
ASN CG  ND2  sing N N 95  
ASN ND2 HD21 sing N N 96  
ASN ND2 HD22 sing N N 97  
ASN OXT HXT  sing N N 98  
ASP N   CA   sing N N 99  
ASP N   H    sing N N 100 
ASP N   H2   sing N N 101 
ASP CA  C    sing N N 102 
ASP CA  CB   sing N N 103 
ASP CA  HA   sing N N 104 
ASP C   O    doub N N 105 
ASP C   OXT  sing N N 106 
ASP CB  CG   sing N N 107 
ASP CB  HB2  sing N N 108 
ASP CB  HB3  sing N N 109 
ASP CG  OD1  doub N N 110 
ASP CG  OD2  sing N N 111 
ASP OD2 HD2  sing N N 112 
ASP OXT HXT  sing N N 113 
CYS N   CA   sing N N 114 
CYS N   H    sing N N 115 
CYS N   H2   sing N N 116 
CYS CA  C    sing N N 117 
CYS CA  CB   sing N N 118 
CYS CA  HA   sing N N 119 
CYS C   O    doub N N 120 
CYS C   OXT  sing N N 121 
CYS CB  SG   sing N N 122 
CYS CB  HB2  sing N N 123 
CYS CB  HB3  sing N N 124 
CYS SG  HG   sing N N 125 
CYS OXT HXT  sing N N 126 
DMS S   O    doub N N 127 
DMS S   C1   sing N N 128 
DMS S   C2   sing N N 129 
DMS C1  H11  sing N N 130 
DMS C1  H12  sing N N 131 
DMS C1  H13  sing N N 132 
DMS C2  H21  sing N N 133 
DMS C2  H22  sing N N 134 
DMS C2  H23  sing N N 135 
GLN N   CA   sing N N 136 
GLN N   H    sing N N 137 
GLN N   H2   sing N N 138 
GLN CA  C    sing N N 139 
GLN CA  CB   sing N N 140 
GLN CA  HA   sing N N 141 
GLN C   O    doub N N 142 
GLN C   OXT  sing N N 143 
GLN CB  CG   sing N N 144 
GLN CB  HB2  sing N N 145 
GLN CB  HB3  sing N N 146 
GLN CG  CD   sing N N 147 
GLN CG  HG2  sing N N 148 
GLN CG  HG3  sing N N 149 
GLN CD  OE1  doub N N 150 
GLN CD  NE2  sing N N 151 
GLN NE2 HE21 sing N N 152 
GLN NE2 HE22 sing N N 153 
GLN OXT HXT  sing N N 154 
GLU N   CA   sing N N 155 
GLU N   H    sing N N 156 
GLU N   H2   sing N N 157 
GLU CA  C    sing N N 158 
GLU CA  CB   sing N N 159 
GLU CA  HA   sing N N 160 
GLU C   O    doub N N 161 
GLU C   OXT  sing N N 162 
GLU CB  CG   sing N N 163 
GLU CB  HB2  sing N N 164 
GLU CB  HB3  sing N N 165 
GLU CG  CD   sing N N 166 
GLU CG  HG2  sing N N 167 
GLU CG  HG3  sing N N 168 
GLU CD  OE1  doub N N 169 
GLU CD  OE2  sing N N 170 
GLU OE2 HE2  sing N N 171 
GLU OXT HXT  sing N N 172 
GLY N   CA   sing N N 173 
GLY N   H    sing N N 174 
GLY N   H2   sing N N 175 
GLY CA  C    sing N N 176 
GLY CA  HA2  sing N N 177 
GLY CA  HA3  sing N N 178 
GLY C   O    doub N N 179 
GLY C   OXT  sing N N 180 
GLY OXT HXT  sing N N 181 
GOL C1  O1   sing N N 182 
GOL C1  C2   sing N N 183 
GOL C1  H11  sing N N 184 
GOL C1  H12  sing N N 185 
GOL O1  HO1  sing N N 186 
GOL C2  O2   sing N N 187 
GOL C2  C3   sing N N 188 
GOL C2  H2   sing N N 189 
GOL O2  HO2  sing N N 190 
GOL C3  O3   sing N N 191 
GOL C3  H31  sing N N 192 
GOL C3  H32  sing N N 193 
GOL O3  HO3  sing N N 194 
HIS N   CA   sing N N 195 
HIS N   H    sing N N 196 
HIS N   H2   sing N N 197 
HIS CA  C    sing N N 198 
HIS CA  CB   sing N N 199 
HIS CA  HA   sing N N 200 
HIS C   O    doub N N 201 
HIS C   OXT  sing N N 202 
HIS CB  CG   sing N N 203 
HIS CB  HB2  sing N N 204 
HIS CB  HB3  sing N N 205 
HIS CG  ND1  sing Y N 206 
HIS CG  CD2  doub Y N 207 
HIS ND1 CE1  doub Y N 208 
HIS ND1 HD1  sing N N 209 
HIS CD2 NE2  sing Y N 210 
HIS CD2 HD2  sing N N 211 
HIS CE1 NE2  sing Y N 212 
HIS CE1 HE1  sing N N 213 
HIS NE2 HE2  sing N N 214 
HIS OXT HXT  sing N N 215 
HOH O   H1   sing N N 216 
HOH O   H2   sing N N 217 
ILE N   CA   sing N N 218 
ILE N   H    sing N N 219 
ILE N   H2   sing N N 220 
ILE CA  C    sing N N 221 
ILE CA  CB   sing N N 222 
ILE CA  HA   sing N N 223 
ILE C   O    doub N N 224 
ILE C   OXT  sing N N 225 
ILE CB  CG1  sing N N 226 
ILE CB  CG2  sing N N 227 
ILE CB  HB   sing N N 228 
ILE CG1 CD1  sing N N 229 
ILE CG1 HG12 sing N N 230 
ILE CG1 HG13 sing N N 231 
ILE CG2 HG21 sing N N 232 
ILE CG2 HG22 sing N N 233 
ILE CG2 HG23 sing N N 234 
ILE CD1 HD11 sing N N 235 
ILE CD1 HD12 sing N N 236 
ILE CD1 HD13 sing N N 237 
ILE OXT HXT  sing N N 238 
LEU N   CA   sing N N 239 
LEU N   H    sing N N 240 
LEU N   H2   sing N N 241 
LEU CA  C    sing N N 242 
LEU CA  CB   sing N N 243 
LEU CA  HA   sing N N 244 
LEU C   O    doub N N 245 
LEU C   OXT  sing N N 246 
LEU CB  CG   sing N N 247 
LEU CB  HB2  sing N N 248 
LEU CB  HB3  sing N N 249 
LEU CG  CD1  sing N N 250 
LEU CG  CD2  sing N N 251 
LEU CG  HG   sing N N 252 
LEU CD1 HD11 sing N N 253 
LEU CD1 HD12 sing N N 254 
LEU CD1 HD13 sing N N 255 
LEU CD2 HD21 sing N N 256 
LEU CD2 HD22 sing N N 257 
LEU CD2 HD23 sing N N 258 
LEU OXT HXT  sing N N 259 
LYS N   CA   sing N N 260 
LYS N   H    sing N N 261 
LYS N   H2   sing N N 262 
LYS CA  C    sing N N 263 
LYS CA  CB   sing N N 264 
LYS CA  HA   sing N N 265 
LYS C   O    doub N N 266 
LYS C   OXT  sing N N 267 
LYS CB  CG   sing N N 268 
LYS CB  HB2  sing N N 269 
LYS CB  HB3  sing N N 270 
LYS CG  CD   sing N N 271 
LYS CG  HG2  sing N N 272 
LYS CG  HG3  sing N N 273 
LYS CD  CE   sing N N 274 
LYS CD  HD2  sing N N 275 
LYS CD  HD3  sing N N 276 
LYS CE  NZ   sing N N 277 
LYS CE  HE2  sing N N 278 
LYS CE  HE3  sing N N 279 
LYS NZ  HZ1  sing N N 280 
LYS NZ  HZ2  sing N N 281 
LYS NZ  HZ3  sing N N 282 
LYS OXT HXT  sing N N 283 
MET N   CA   sing N N 284 
MET N   H    sing N N 285 
MET N   H2   sing N N 286 
MET CA  C    sing N N 287 
MET CA  CB   sing N N 288 
MET CA  HA   sing N N 289 
MET C   O    doub N N 290 
MET C   OXT  sing N N 291 
MET CB  CG   sing N N 292 
MET CB  HB2  sing N N 293 
MET CB  HB3  sing N N 294 
MET CG  SD   sing N N 295 
MET CG  HG2  sing N N 296 
MET CG  HG3  sing N N 297 
MET SD  CE   sing N N 298 
MET CE  HE1  sing N N 299 
MET CE  HE2  sing N N 300 
MET CE  HE3  sing N N 301 
MET OXT HXT  sing N N 302 
PHE N   CA   sing N N 303 
PHE N   H    sing N N 304 
PHE N   H2   sing N N 305 
PHE CA  C    sing N N 306 
PHE CA  CB   sing N N 307 
PHE CA  HA   sing N N 308 
PHE C   O    doub N N 309 
PHE C   OXT  sing N N 310 
PHE CB  CG   sing N N 311 
PHE CB  HB2  sing N N 312 
PHE CB  HB3  sing N N 313 
PHE CG  CD1  doub Y N 314 
PHE CG  CD2  sing Y N 315 
PHE CD1 CE1  sing Y N 316 
PHE CD1 HD1  sing N N 317 
PHE CD2 CE2  doub Y N 318 
PHE CD2 HD2  sing N N 319 
PHE CE1 CZ   doub Y N 320 
PHE CE1 HE1  sing N N 321 
PHE CE2 CZ   sing Y N 322 
PHE CE2 HE2  sing N N 323 
PHE CZ  HZ   sing N N 324 
PHE OXT HXT  sing N N 325 
PRO N   CA   sing N N 326 
PRO N   CD   sing N N 327 
PRO N   H    sing N N 328 
PRO CA  C    sing N N 329 
PRO CA  CB   sing N N 330 
PRO CA  HA   sing N N 331 
PRO C   O    doub N N 332 
PRO C   OXT  sing N N 333 
PRO CB  CG   sing N N 334 
PRO CB  HB2  sing N N 335 
PRO CB  HB3  sing N N 336 
PRO CG  CD   sing N N 337 
PRO CG  HG2  sing N N 338 
PRO CG  HG3  sing N N 339 
PRO CD  HD2  sing N N 340 
PRO CD  HD3  sing N N 341 
PRO OXT HXT  sing N N 342 
SER N   CA   sing N N 343 
SER N   H    sing N N 344 
SER N   H2   sing N N 345 
SER CA  C    sing N N 346 
SER CA  CB   sing N N 347 
SER CA  HA   sing N N 348 
SER C   O    doub N N 349 
SER C   OXT  sing N N 350 
SER CB  OG   sing N N 351 
SER CB  HB2  sing N N 352 
SER CB  HB3  sing N N 353 
SER OG  HG   sing N N 354 
SER OXT HXT  sing N N 355 
SO4 S   O1   doub N N 356 
SO4 S   O2   doub N N 357 
SO4 S   O3   sing N N 358 
SO4 S   O4   sing N N 359 
THR N   CA   sing N N 360 
THR N   H    sing N N 361 
THR N   H2   sing N N 362 
THR CA  C    sing N N 363 
THR CA  CB   sing N N 364 
THR CA  HA   sing N N 365 
THR C   O    doub N N 366 
THR C   OXT  sing N N 367 
THR CB  OG1  sing N N 368 
THR CB  CG2  sing N N 369 
THR CB  HB   sing N N 370 
THR OG1 HG1  sing N N 371 
THR CG2 HG21 sing N N 372 
THR CG2 HG22 sing N N 373 
THR CG2 HG23 sing N N 374 
THR OXT HXT  sing N N 375 
TYR N   CA   sing N N 376 
TYR N   H    sing N N 377 
TYR N   H2   sing N N 378 
TYR CA  C    sing N N 379 
TYR CA  CB   sing N N 380 
TYR CA  HA   sing N N 381 
TYR C   O    doub N N 382 
TYR C   OXT  sing N N 383 
TYR CB  CG   sing N N 384 
TYR CB  HB2  sing N N 385 
TYR CB  HB3  sing N N 386 
TYR CG  CD1  doub Y N 387 
TYR CG  CD2  sing Y N 388 
TYR CD1 CE1  sing Y N 389 
TYR CD1 HD1  sing N N 390 
TYR CD2 CE2  doub Y N 391 
TYR CD2 HD2  sing N N 392 
TYR CE1 CZ   doub Y N 393 
TYR CE1 HE1  sing N N 394 
TYR CE2 CZ   sing Y N 395 
TYR CE2 HE2  sing N N 396 
TYR CZ  OH   sing N N 397 
TYR OH  HH   sing N N 398 
TYR OXT HXT  sing N N 399 
VAL N   CA   sing N N 400 
VAL N   H    sing N N 401 
VAL N   H2   sing N N 402 
VAL CA  C    sing N N 403 
VAL CA  CB   sing N N 404 
VAL CA  HA   sing N N 405 
VAL C   O    doub N N 406 
VAL C   OXT  sing N N 407 
VAL CB  CG1  sing N N 408 
VAL CB  CG2  sing N N 409 
VAL CB  HB   sing N N 410 
VAL CG1 HG11 sing N N 411 
VAL CG1 HG12 sing N N 412 
VAL CG1 HG13 sing N N 413 
VAL CG2 HG21 sing N N 414 
VAL CG2 HG22 sing N N 415 
VAL CG2 HG23 sing N N 416 
VAL OXT HXT  sing N N 417 
# 
loop_
_pdbx_entity_nonpoly.entity_id 
_pdbx_entity_nonpoly.name 
_pdbx_entity_nonpoly.comp_id 
2 'SULFATE ION'                                                            SO4 
3 GLYCEROL                                                                 GOL 
4 '3-(3,5-dimethyl-1,2-oxazol-4-yl)-5-[(phenylsulfonyl)amino]benzoic acid' 37N 
5 'CHLORIDE ION'                                                           CL  
6 'DIMETHYL SULFOXIDE'                                                     DMS 
7 water                                                                    HOH 
# 
_pdbx_initial_refinement_model.id               1 
_pdbx_initial_refinement_model.entity_id_list   ? 
_pdbx_initial_refinement_model.type             'experimental model' 
_pdbx_initial_refinement_model.source_name      PDB 
_pdbx_initial_refinement_model.accession_code   3DAI 
_pdbx_initial_refinement_model.details          ? 
# 
